data_2BZ8
# 
_entry.id   2BZ8 
# 
_audit_conform.dict_name       mmcif_pdbx.dic 
_audit_conform.dict_version    5.391 
_audit_conform.dict_location   http://mmcif.pdb.org/dictionaries/ascii/mmcif_pdbx.dic 
# 
loop_
_database_2.database_id 
_database_2.database_code 
_database_2.pdbx_database_accession 
_database_2.pdbx_DOI 
PDB   2BZ8         pdb_00002bz8 10.2210/pdb2bz8/pdb 
PDBE  EBI-23369    ?            ?                   
WWPDB D_1290023369 ?            ?                   
# 
loop_
_pdbx_audit_revision_history.ordinal 
_pdbx_audit_revision_history.data_content_type 
_pdbx_audit_revision_history.major_revision 
_pdbx_audit_revision_history.minor_revision 
_pdbx_audit_revision_history.revision_date 
1 'Structure model' 1 0 2005-10-05 
2 'Structure model' 1 1 2011-05-08 
3 'Structure model' 1 2 2011-07-13 
4 'Structure model' 1 3 2018-04-04 
5 'Structure model' 1 4 2024-05-08 
# 
_pdbx_audit_revision_details.ordinal             1 
_pdbx_audit_revision_details.revision_ordinal    1 
_pdbx_audit_revision_details.data_content_type   'Structure model' 
_pdbx_audit_revision_details.provider            repository 
_pdbx_audit_revision_details.type                'Initial release' 
_pdbx_audit_revision_details.description         ? 
_pdbx_audit_revision_details.details             ? 
# 
loop_
_pdbx_audit_revision_group.ordinal 
_pdbx_audit_revision_group.revision_ordinal 
_pdbx_audit_revision_group.data_content_type 
_pdbx_audit_revision_group.group 
1 2 'Structure model' 'Version format compliance' 
2 3 'Structure model' 'Version format compliance' 
3 4 'Structure model' 'Data collection'           
4 5 'Structure model' 'Data collection'           
5 5 'Structure model' 'Database references'       
6 5 'Structure model' 'Derived calculations'      
7 5 'Structure model' Other                       
# 
loop_
_pdbx_audit_revision_category.ordinal 
_pdbx_audit_revision_category.revision_ordinal 
_pdbx_audit_revision_category.data_content_type 
_pdbx_audit_revision_category.category 
1 4 'Structure model' diffrn_source        
2 5 'Structure model' chem_comp_atom       
3 5 'Structure model' chem_comp_bond       
4 5 'Structure model' database_2           
5 5 'Structure model' pdbx_database_status 
6 5 'Structure model' struct_conn          
# 
loop_
_pdbx_audit_revision_item.ordinal 
_pdbx_audit_revision_item.revision_ordinal 
_pdbx_audit_revision_item.data_content_type 
_pdbx_audit_revision_item.item 
1  4 'Structure model' '_diffrn_source.pdbx_synchrotron_beamline' 
2  4 'Structure model' '_diffrn_source.pdbx_synchrotron_site'     
3  5 'Structure model' '_database_2.pdbx_DOI'                     
4  5 'Structure model' '_database_2.pdbx_database_accession'      
5  5 'Structure model' '_pdbx_database_status.status_code_sf'     
6  5 'Structure model' '_struct_conn.ptnr1_auth_comp_id'          
7  5 'Structure model' '_struct_conn.ptnr1_auth_seq_id'           
8  5 'Structure model' '_struct_conn.ptnr1_label_asym_id'         
9  5 'Structure model' '_struct_conn.ptnr1_label_atom_id'         
10 5 'Structure model' '_struct_conn.ptnr1_label_comp_id'         
11 5 'Structure model' '_struct_conn.ptnr1_label_seq_id'          
12 5 'Structure model' '_struct_conn.ptnr2_auth_comp_id'          
13 5 'Structure model' '_struct_conn.ptnr2_auth_seq_id'           
14 5 'Structure model' '_struct_conn.ptnr2_label_asym_id'         
15 5 'Structure model' '_struct_conn.ptnr2_label_atom_id'         
16 5 'Structure model' '_struct_conn.ptnr2_label_comp_id'         
17 5 'Structure model' '_struct_conn.ptnr2_label_seq_id'          
# 
_pdbx_database_status.status_code                     REL 
_pdbx_database_status.entry_id                        2BZ8 
_pdbx_database_status.deposit_site                    PDBE 
_pdbx_database_status.process_site                    PDBE 
_pdbx_database_status.SG_entry                        . 
_pdbx_database_status.recvd_initial_deposition_date   2005-08-12 
_pdbx_database_status.pdb_format_compatible           Y 
_pdbx_database_status.status_code_sf                  REL 
_pdbx_database_status.status_code_mr                  ? 
_pdbx_database_status.status_code_cs                  ? 
_pdbx_database_status.methods_development_category    ? 
_pdbx_database_status.status_code_nmr_data            ? 
# 
loop_
_audit_author.name 
_audit_author.pdbx_ordinal 
_audit_author.identifier_ORCID 
'Cardenes, N.'  1 ? 
'Moncalian, G.' 2 ? 
'Bravo, J.'     3 ? 
# 
_citation.id                        primary 
_citation.title                     'Cbl Promotes Clustering of Endocytic Adaptor Proteins' 
_citation.journal_abbrev            Nat.Struct.Mol.Biol. 
_citation.journal_volume            12 
_citation.page_first                972 
_citation.page_last                 ? 
_citation.year                      2005 
_citation.journal_id_ASTM           ? 
_citation.country                   US 
_citation.journal_id_ISSN           1545-9993 
_citation.journal_id_CSD            ? 
_citation.book_publisher            ? 
_citation.pdbx_database_id_PubMed   16228008 
_citation.pdbx_database_id_DOI      10.1038/NSMB1000 
# 
loop_
_citation_author.citation_id 
_citation_author.name 
_citation_author.ordinal 
_citation_author.identifier_ORCID 
primary 'Jozic, D.'          1 ? 
primary 'Cardenes, N.'       2 ? 
primary 'Lissanu-Deribe, Y.' 3 ? 
primary 'Moncalian, G.'      4 ? 
primary 'Hoeller, D.'        5 ? 
primary 'Groemping, Y.'      6 ? 
primary 'Dikic, I.'          7 ? 
primary 'Rittinger, K.'      8 ? 
primary 'Bravo, J.'          9 ? 
# 
loop_
_entity.id 
_entity.type 
_entity.src_method 
_entity.pdbx_description 
_entity.formula_weight 
_entity.pdbx_number_of_molecules 
_entity.pdbx_ec 
_entity.pdbx_mutation 
_entity.pdbx_fragment 
_entity.details 
1 polymer     man 'SH3-DOMAIN KINASE BINDING PROTEIN 1'                                                        6772.526 2  ? ? 
'N-TERMINAL SH3 DOMAIN RESIDUES 1-58'      ? 
2 polymer     syn 'SIGNAL TRANSDUCTION PROTEIN CBL-B SH3-BINDING PROTEIN CBL-B, RING FINGER PROTEIN 56, CBL-B' 1332.622 1  ? ? 
'POLYPROLINE RICH REGION RESIDUES 902-912' ? 
3 non-polymer syn 'SODIUM ION'                                                                                 22.990   2  ? ? ? ? 
4 water       nat water                                                                                        18.015   82 ? ? ? ? 
# 
_entity_name_com.entity_id   1 
_entity_name_com.name        
'CBL-INTERACTING PROTEIN OF 85KDA, HUMAN SRC-FAMILY KINASE BINDING PROTEIN 1, HSB-1, CD2 BINDING PROTEIN 3, CD2BP3, CIN85' 
# 
loop_
_entity_poly.entity_id 
_entity_poly.type 
_entity_poly.nstd_linkage 
_entity_poly.nstd_monomer 
_entity_poly.pdbx_seq_one_letter_code 
_entity_poly.pdbx_seq_one_letter_code_can 
_entity_poly.pdbx_strand_id 
_entity_poly.pdbx_target_identifier 
1 'polypeptide(L)' no no MVEAIVEFDYQAQHDDELTISVGEIITNIRKEDGGWWEGQINGRRGLFPDNFVREIKK 
MVEAIVEFDYQAQHDDELTISVGEIITNIRKEDGGWWEGQINGRRGLFPDNFVREIKK A,B ? 
2 'polypeptide(L)' no no PARPPKPRPRR                                                PARPPKPRPRR C   ? 
# 
loop_
_pdbx_entity_nonpoly.entity_id 
_pdbx_entity_nonpoly.name 
_pdbx_entity_nonpoly.comp_id 
3 'SODIUM ION' NA  
4 water        HOH 
# 
loop_
_entity_poly_seq.entity_id 
_entity_poly_seq.num 
_entity_poly_seq.mon_id 
_entity_poly_seq.hetero 
1 1  MET n 
1 2  VAL n 
1 3  GLU n 
1 4  ALA n 
1 5  ILE n 
1 6  VAL n 
1 7  GLU n 
1 8  PHE n 
1 9  ASP n 
1 10 TYR n 
1 11 GLN n 
1 12 ALA n 
1 13 GLN n 
1 14 HIS n 
1 15 ASP n 
1 16 ASP n 
1 17 GLU n 
1 18 LEU n 
1 19 THR n 
1 20 ILE n 
1 21 SER n 
1 22 VAL n 
1 23 GLY n 
1 24 GLU n 
1 25 ILE n 
1 26 ILE n 
1 27 THR n 
1 28 ASN n 
1 29 ILE n 
1 30 ARG n 
1 31 LYS n 
1 32 GLU n 
1 33 ASP n 
1 34 GLY n 
1 35 GLY n 
1 36 TRP n 
1 37 TRP n 
1 38 GLU n 
1 39 GLY n 
1 40 GLN n 
1 41 ILE n 
1 42 ASN n 
1 43 GLY n 
1 44 ARG n 
1 45 ARG n 
1 46 GLY n 
1 47 LEU n 
1 48 PHE n 
1 49 PRO n 
1 50 ASP n 
1 51 ASN n 
1 52 PHE n 
1 53 VAL n 
1 54 ARG n 
1 55 GLU n 
1 56 ILE n 
1 57 LYS n 
1 58 LYS n 
2 1  PRO n 
2 2  ALA n 
2 3  ARG n 
2 4  PRO n 
2 5  PRO n 
2 6  LYS n 
2 7  PRO n 
2 8  ARG n 
2 9  PRO n 
2 10 ARG n 
2 11 ARG n 
# 
_entity_src_gen.entity_id                          1 
_entity_src_gen.pdbx_src_id                        1 
_entity_src_gen.pdbx_alt_source_flag               sample 
_entity_src_gen.pdbx_seq_type                      ? 
_entity_src_gen.pdbx_beg_seq_num                   ? 
_entity_src_gen.pdbx_end_seq_num                   ? 
_entity_src_gen.gene_src_common_name               HUMAN 
_entity_src_gen.gene_src_genus                     ? 
_entity_src_gen.pdbx_gene_src_gene                 ? 
_entity_src_gen.gene_src_species                   ? 
_entity_src_gen.gene_src_strain                    ? 
_entity_src_gen.gene_src_tissue                    ? 
_entity_src_gen.gene_src_tissue_fraction           ? 
_entity_src_gen.gene_src_details                   ? 
_entity_src_gen.pdbx_gene_src_fragment             ? 
_entity_src_gen.pdbx_gene_src_scientific_name      'HOMO SAPIENS' 
_entity_src_gen.pdbx_gene_src_ncbi_taxonomy_id     9606 
_entity_src_gen.pdbx_gene_src_variant              ? 
_entity_src_gen.pdbx_gene_src_cell_line            ? 
_entity_src_gen.pdbx_gene_src_atcc                 ? 
_entity_src_gen.pdbx_gene_src_organ                'BRAIN, KIDNEY, HEART, PLACENTA, LUNG, LIVER, SKELETAL MUSCLE, PANCREAS' 
_entity_src_gen.pdbx_gene_src_organelle            ? 
_entity_src_gen.pdbx_gene_src_cell                 ? 
_entity_src_gen.pdbx_gene_src_cellular_location    ? 
_entity_src_gen.host_org_common_name               ? 
_entity_src_gen.pdbx_host_org_scientific_name      'ESCHERICHIA COLI' 
_entity_src_gen.pdbx_host_org_ncbi_taxonomy_id     562 
_entity_src_gen.host_org_genus                     ? 
_entity_src_gen.pdbx_host_org_gene                 ? 
_entity_src_gen.pdbx_host_org_organ                ? 
_entity_src_gen.host_org_species                   ? 
_entity_src_gen.pdbx_host_org_tissue               ? 
_entity_src_gen.pdbx_host_org_tissue_fraction      ? 
_entity_src_gen.pdbx_host_org_strain               'ROSETTA(DE3)PLYS' 
_entity_src_gen.pdbx_host_org_variant              ? 
_entity_src_gen.pdbx_host_org_cell_line            ? 
_entity_src_gen.pdbx_host_org_atcc                 ? 
_entity_src_gen.pdbx_host_org_culture_collection   ? 
_entity_src_gen.pdbx_host_org_cell                 ? 
_entity_src_gen.pdbx_host_org_organelle            ? 
_entity_src_gen.pdbx_host_org_cellular_location    ? 
_entity_src_gen.pdbx_host_org_vector_type          ? 
_entity_src_gen.pdbx_host_org_vector               ? 
_entity_src_gen.host_org_details                   ? 
_entity_src_gen.expression_system_id               ? 
_entity_src_gen.plasmid_name                       PET29B 
_entity_src_gen.plasmid_details                    ? 
_entity_src_gen.pdbx_description                   ? 
# 
_pdbx_entity_src_syn.entity_id              2 
_pdbx_entity_src_syn.pdbx_src_id            1 
_pdbx_entity_src_syn.pdbx_alt_source_flag   sample 
_pdbx_entity_src_syn.pdbx_beg_seq_num       ? 
_pdbx_entity_src_syn.pdbx_end_seq_num       ? 
_pdbx_entity_src_syn.organism_scientific    'HOMO SAPIENS' 
_pdbx_entity_src_syn.organism_common_name   HUMAN 
_pdbx_entity_src_syn.ncbi_taxonomy_id       9606 
_pdbx_entity_src_syn.details                ? 
# 
loop_
_chem_comp.id 
_chem_comp.type 
_chem_comp.mon_nstd_flag 
_chem_comp.name 
_chem_comp.pdbx_synonyms 
_chem_comp.formula 
_chem_comp.formula_weight 
ALA 'L-peptide linking' y ALANINE         ? 'C3 H7 N O2'     89.093  
ARG 'L-peptide linking' y ARGININE        ? 'C6 H15 N4 O2 1' 175.209 
ASN 'L-peptide linking' y ASPARAGINE      ? 'C4 H8 N2 O3'    132.118 
ASP 'L-peptide linking' y 'ASPARTIC ACID' ? 'C4 H7 N O4'     133.103 
GLN 'L-peptide linking' y GLUTAMINE       ? 'C5 H10 N2 O3'   146.144 
GLU 'L-peptide linking' y 'GLUTAMIC ACID' ? 'C5 H9 N O4'     147.129 
GLY 'peptide linking'   y GLYCINE         ? 'C2 H5 N O2'     75.067  
HIS 'L-peptide linking' y HISTIDINE       ? 'C6 H10 N3 O2 1' 156.162 
HOH non-polymer         . WATER           ? 'H2 O'           18.015  
ILE 'L-peptide linking' y ISOLEUCINE      ? 'C6 H13 N O2'    131.173 
LEU 'L-peptide linking' y LEUCINE         ? 'C6 H13 N O2'    131.173 
LYS 'L-peptide linking' y LYSINE          ? 'C6 H15 N2 O2 1' 147.195 
MET 'L-peptide linking' y METHIONINE      ? 'C5 H11 N O2 S'  149.211 
NA  non-polymer         . 'SODIUM ION'    ? 'Na 1'           22.990  
PHE 'L-peptide linking' y PHENYLALANINE   ? 'C9 H11 N O2'    165.189 
PRO 'L-peptide linking' y PROLINE         ? 'C5 H9 N O2'     115.130 
SER 'L-peptide linking' y SERINE          ? 'C3 H7 N O3'     105.093 
THR 'L-peptide linking' y THREONINE       ? 'C4 H9 N O3'     119.119 
TRP 'L-peptide linking' y TRYPTOPHAN      ? 'C11 H12 N2 O2'  204.225 
TYR 'L-peptide linking' y TYROSINE        ? 'C9 H11 N O3'    181.189 
VAL 'L-peptide linking' y VALINE          ? 'C5 H11 N O2'    117.146 
# 
loop_
_pdbx_poly_seq_scheme.asym_id 
_pdbx_poly_seq_scheme.entity_id 
_pdbx_poly_seq_scheme.seq_id 
_pdbx_poly_seq_scheme.mon_id 
_pdbx_poly_seq_scheme.ndb_seq_num 
_pdbx_poly_seq_scheme.pdb_seq_num 
_pdbx_poly_seq_scheme.auth_seq_num 
_pdbx_poly_seq_scheme.pdb_mon_id 
_pdbx_poly_seq_scheme.auth_mon_id 
_pdbx_poly_seq_scheme.pdb_strand_id 
_pdbx_poly_seq_scheme.pdb_ins_code 
_pdbx_poly_seq_scheme.hetero 
A 1 1  MET 1  1   ?   ?   ?   A . n 
A 1 2  VAL 2  2   2   VAL VAL A . n 
A 1 3  GLU 3  3   3   GLU GLU A . n 
A 1 4  ALA 4  4   4   ALA ALA A . n 
A 1 5  ILE 5  5   5   ILE ILE A . n 
A 1 6  VAL 6  6   6   VAL VAL A . n 
A 1 7  GLU 7  7   7   GLU GLU A . n 
A 1 8  PHE 8  8   8   PHE PHE A . n 
A 1 9  ASP 9  9   9   ASP ASP A . n 
A 1 10 TYR 10 10  10  TYR TYR A . n 
A 1 11 GLN 11 11  11  GLN GLN A . n 
A 1 12 ALA 12 12  12  ALA ALA A . n 
A 1 13 GLN 13 13  13  GLN GLN A . n 
A 1 14 HIS 14 14  14  HIS HIS A . n 
A 1 15 ASP 15 15  15  ASP ASP A . n 
A 1 16 ASP 16 16  16  ASP ASP A . n 
A 1 17 GLU 17 17  17  GLU GLU A . n 
A 1 18 LEU 18 18  18  LEU LEU A . n 
A 1 19 THR 19 19  19  THR THR A . n 
A 1 20 ILE 20 20  20  ILE ILE A . n 
A 1 21 SER 21 21  21  SER SER A . n 
A 1 22 VAL 22 22  22  VAL VAL A . n 
A 1 23 GLY 23 23  23  GLY GLY A . n 
A 1 24 GLU 24 24  24  GLU GLU A . n 
A 1 25 ILE 25 25  25  ILE ILE A . n 
A 1 26 ILE 26 26  26  ILE ILE A . n 
A 1 27 THR 27 27  27  THR THR A . n 
A 1 28 ASN 28 28  28  ASN ASN A . n 
A 1 29 ILE 29 29  29  ILE ILE A . n 
A 1 30 ARG 30 30  30  ARG ARG A . n 
A 1 31 LYS 31 31  31  LYS LYS A . n 
A 1 32 GLU 32 32  32  GLU GLU A . n 
A 1 33 ASP 33 33  33  ASP ASP A . n 
A 1 34 GLY 34 34  34  GLY GLY A . n 
A 1 35 GLY 35 35  35  GLY GLY A . n 
A 1 36 TRP 36 36  36  TRP TRP A . n 
A 1 37 TRP 37 37  37  TRP TRP A . n 
A 1 38 GLU 38 38  38  GLU GLU A . n 
A 1 39 GLY 39 39  39  GLY GLY A . n 
A 1 40 GLN 40 40  40  GLN GLN A . n 
A 1 41 ILE 41 41  41  ILE ILE A . n 
A 1 42 ASN 42 42  42  ASN ASN A . n 
A 1 43 GLY 43 43  43  GLY GLY A . n 
A 1 44 ARG 44 44  44  ARG ARG A . n 
A 1 45 ARG 45 45  45  ARG ARG A . n 
A 1 46 GLY 46 46  46  GLY GLY A . n 
A 1 47 LEU 47 47  47  LEU LEU A . n 
A 1 48 PHE 48 48  48  PHE PHE A . n 
A 1 49 PRO 49 49  49  PRO PRO A . n 
A 1 50 ASP 50 50  50  ASP ASP A . n 
A 1 51 ASN 51 51  51  ASN ASN A . n 
A 1 52 PHE 52 52  52  PHE PHE A . n 
A 1 53 VAL 53 53  53  VAL VAL A . n 
A 1 54 ARG 54 54  54  ARG ARG A . n 
A 1 55 GLU 55 55  55  GLU GLU A . n 
A 1 56 ILE 56 56  56  ILE ILE A . n 
A 1 57 LYS 57 57  57  LYS LYS A . n 
A 1 58 LYS 58 58  58  LYS LYS A . n 
B 1 1  MET 1  1   ?   ?   ?   B . n 
B 1 2  VAL 2  2   2   VAL VAL B . n 
B 1 3  GLU 3  3   3   GLU GLU B . n 
B 1 4  ALA 4  4   4   ALA ALA B . n 
B 1 5  ILE 5  5   5   ILE ILE B . n 
B 1 6  VAL 6  6   6   VAL VAL B . n 
B 1 7  GLU 7  7   7   GLU GLU B . n 
B 1 8  PHE 8  8   8   PHE PHE B . n 
B 1 9  ASP 9  9   9   ASP ASP B . n 
B 1 10 TYR 10 10  10  TYR TYR B . n 
B 1 11 GLN 11 11  11  GLN GLN B . n 
B 1 12 ALA 12 12  12  ALA ALA B . n 
B 1 13 GLN 13 13  13  GLN GLN B . n 
B 1 14 HIS 14 14  14  HIS HIS B . n 
B 1 15 ASP 15 15  15  ASP ASP B . n 
B 1 16 ASP 16 16  16  ASP ASP B . n 
B 1 17 GLU 17 17  17  GLU GLU B . n 
B 1 18 LEU 18 18  18  LEU LEU B . n 
B 1 19 THR 19 19  19  THR THR B . n 
B 1 20 ILE 20 20  20  ILE ILE B . n 
B 1 21 SER 21 21  21  SER SER B . n 
B 1 22 VAL 22 22  22  VAL VAL B . n 
B 1 23 GLY 23 23  23  GLY GLY B . n 
B 1 24 GLU 24 24  24  GLU GLU B . n 
B 1 25 ILE 25 25  25  ILE ILE B . n 
B 1 26 ILE 26 26  26  ILE ILE B . n 
B 1 27 THR 27 27  27  THR THR B . n 
B 1 28 ASN 28 28  28  ASN ASN B . n 
B 1 29 ILE 29 29  29  ILE ILE B . n 
B 1 30 ARG 30 30  30  ARG ARG B . n 
B 1 31 LYS 31 31  31  LYS LYS B . n 
B 1 32 GLU 32 32  32  GLU GLU B . n 
B 1 33 ASP 33 33  33  ASP ASP B . n 
B 1 34 GLY 34 34  34  GLY GLY B . n 
B 1 35 GLY 35 35  35  GLY GLY B . n 
B 1 36 TRP 36 36  36  TRP TRP B . n 
B 1 37 TRP 37 37  37  TRP TRP B . n 
B 1 38 GLU 38 38  38  GLU GLU B . n 
B 1 39 GLY 39 39  39  GLY GLY B . n 
B 1 40 GLN 40 40  40  GLN GLN B . n 
B 1 41 ILE 41 41  41  ILE ILE B . n 
B 1 42 ASN 42 42  42  ASN ASN B . n 
B 1 43 GLY 43 43  43  GLY GLY B . n 
B 1 44 ARG 44 44  44  ARG ARG B . n 
B 1 45 ARG 45 45  45  ARG ARG B . n 
B 1 46 GLY 46 46  46  GLY GLY B . n 
B 1 47 LEU 47 47  47  LEU LEU B . n 
B 1 48 PHE 48 48  48  PHE PHE B . n 
B 1 49 PRO 49 49  49  PRO PRO B . n 
B 1 50 ASP 50 50  50  ASP ASP B . n 
B 1 51 ASN 51 51  51  ASN ASN B . n 
B 1 52 PHE 52 52  52  PHE PHE B . n 
B 1 53 VAL 53 53  53  VAL VAL B . n 
B 1 54 ARG 54 54  54  ARG ARG B . n 
B 1 55 GLU 55 55  55  GLU GLU B . n 
B 1 56 ILE 56 56  56  ILE ILE B . n 
B 1 57 LYS 57 57  57  LYS LYS B . n 
B 1 58 LYS 58 58  58  LYS LYS B . n 
C 2 1  PRO 1  902 902 PRO PRO C . n 
C 2 2  ALA 2  903 903 ALA ALA C . n 
C 2 3  ARG 3  904 904 ARG ARG C . n 
C 2 4  PRO 4  905 905 PRO PRO C . n 
C 2 5  PRO 5  906 906 PRO PRO C . n 
C 2 6  LYS 6  907 907 LYS LYS C . n 
C 2 7  PRO 7  908 908 PRO PRO C . n 
C 2 8  ARG 8  909 909 ARG ARG C . n 
C 2 9  PRO 9  910 910 PRO PRO C . n 
C 2 10 ARG 10 911 911 ARG ARG C . n 
C 2 11 ARG 11 912 912 ARG ARG C . n 
# 
loop_
_pdbx_nonpoly_scheme.asym_id 
_pdbx_nonpoly_scheme.entity_id 
_pdbx_nonpoly_scheme.mon_id 
_pdbx_nonpoly_scheme.ndb_seq_num 
_pdbx_nonpoly_scheme.pdb_seq_num 
_pdbx_nonpoly_scheme.auth_seq_num 
_pdbx_nonpoly_scheme.pdb_mon_id 
_pdbx_nonpoly_scheme.auth_mon_id 
_pdbx_nonpoly_scheme.pdb_strand_id 
_pdbx_nonpoly_scheme.pdb_ins_code 
D 3 NA  1  1058 1058 NA  NA  A . 
E 3 NA  1  1059 1059 NA  NA  B . 
F 4 HOH 1  2001 2001 HOH HOH A . 
F 4 HOH 2  2002 2002 HOH HOH A . 
F 4 HOH 3  2003 2003 HOH HOH A . 
F 4 HOH 4  2004 2004 HOH HOH A . 
F 4 HOH 5  2005 2005 HOH HOH A . 
F 4 HOH 6  2006 2006 HOH HOH A . 
F 4 HOH 7  2007 2007 HOH HOH A . 
F 4 HOH 8  2008 2008 HOH HOH A . 
F 4 HOH 9  2009 2009 HOH HOH A . 
F 4 HOH 10 2010 2010 HOH HOH A . 
F 4 HOH 11 2011 2011 HOH HOH A . 
F 4 HOH 12 2012 2012 HOH HOH A . 
F 4 HOH 13 2013 2013 HOH HOH A . 
F 4 HOH 14 2014 2014 HOH HOH A . 
F 4 HOH 15 2015 2015 HOH HOH A . 
F 4 HOH 16 2016 2016 HOH HOH A . 
F 4 HOH 17 2017 2017 HOH HOH A . 
F 4 HOH 18 2018 2018 HOH HOH A . 
F 4 HOH 19 2019 2019 HOH HOH A . 
F 4 HOH 20 2020 2020 HOH HOH A . 
F 4 HOH 21 2021 2021 HOH HOH A . 
F 4 HOH 22 2022 2022 HOH HOH A . 
F 4 HOH 23 2023 2023 HOH HOH A . 
F 4 HOH 24 2024 2024 HOH HOH A . 
F 4 HOH 25 2025 2025 HOH HOH A . 
F 4 HOH 26 2026 2026 HOH HOH A . 
F 4 HOH 27 2027 2027 HOH HOH A . 
F 4 HOH 28 2028 2028 HOH HOH A . 
F 4 HOH 29 2029 2029 HOH HOH A . 
F 4 HOH 30 2030 2030 HOH HOH A . 
F 4 HOH 31 2031 2031 HOH HOH A . 
F 4 HOH 32 2032 2032 HOH HOH A . 
F 4 HOH 33 2033 2033 HOH HOH A . 
F 4 HOH 34 2034 2034 HOH HOH A . 
F 4 HOH 35 2035 2035 HOH HOH A . 
F 4 HOH 36 2036 2036 HOH HOH A . 
F 4 HOH 37 2037 2037 HOH HOH A . 
F 4 HOH 38 2038 2038 HOH HOH A . 
F 4 HOH 39 2039 2039 HOH HOH A . 
G 4 HOH 1  2001 2001 HOH HOH B . 
G 4 HOH 2  2002 2002 HOH HOH B . 
G 4 HOH 3  2003 2003 HOH HOH B . 
G 4 HOH 4  2004 2004 HOH HOH B . 
G 4 HOH 5  2005 2005 HOH HOH B . 
G 4 HOH 6  2006 2006 HOH HOH B . 
G 4 HOH 7  2007 2007 HOH HOH B . 
G 4 HOH 8  2008 2008 HOH HOH B . 
G 4 HOH 9  2009 2009 HOH HOH B . 
G 4 HOH 10 2010 2010 HOH HOH B . 
G 4 HOH 11 2011 2011 HOH HOH B . 
G 4 HOH 12 2012 2012 HOH HOH B . 
G 4 HOH 13 2013 2013 HOH HOH B . 
G 4 HOH 14 2014 2014 HOH HOH B . 
G 4 HOH 15 2015 2015 HOH HOH B . 
G 4 HOH 16 2016 2016 HOH HOH B . 
G 4 HOH 17 2017 2017 HOH HOH B . 
G 4 HOH 18 2018 2018 HOH HOH B . 
G 4 HOH 19 2019 2019 HOH HOH B . 
G 4 HOH 20 2020 2020 HOH HOH B . 
G 4 HOH 21 2021 2021 HOH HOH B . 
G 4 HOH 22 2022 2022 HOH HOH B . 
G 4 HOH 23 2023 2023 HOH HOH B . 
G 4 HOH 24 2024 2024 HOH HOH B . 
G 4 HOH 25 2025 2025 HOH HOH B . 
G 4 HOH 26 2026 2026 HOH HOH B . 
G 4 HOH 27 2027 2027 HOH HOH B . 
G 4 HOH 28 2028 2028 HOH HOH B . 
G 4 HOH 29 2029 2029 HOH HOH B . 
G 4 HOH 30 2030 2030 HOH HOH B . 
H 4 HOH 1  2001 2001 HOH HOH C . 
H 4 HOH 2  2002 2002 HOH HOH C . 
H 4 HOH 3  2003 2003 HOH HOH C . 
H 4 HOH 4  2004 2004 HOH HOH C . 
H 4 HOH 5  2005 2005 HOH HOH C . 
H 4 HOH 6  2006 2006 HOH HOH C . 
H 4 HOH 7  2007 2007 HOH HOH C . 
H 4 HOH 8  2008 2008 HOH HOH C . 
H 4 HOH 9  2009 2009 HOH HOH C . 
H 4 HOH 10 2010 2010 HOH HOH C . 
H 4 HOH 11 2011 2011 HOH HOH C . 
H 4 HOH 12 2012 2012 HOH HOH C . 
H 4 HOH 13 2013 2013 HOH HOH C . 
# 
loop_
_pdbx_unobs_or_zero_occ_atoms.id 
_pdbx_unobs_or_zero_occ_atoms.PDB_model_num 
_pdbx_unobs_or_zero_occ_atoms.polymer_flag 
_pdbx_unobs_or_zero_occ_atoms.occupancy_flag 
_pdbx_unobs_or_zero_occ_atoms.auth_asym_id 
_pdbx_unobs_or_zero_occ_atoms.auth_comp_id 
_pdbx_unobs_or_zero_occ_atoms.auth_seq_id 
_pdbx_unobs_or_zero_occ_atoms.PDB_ins_code 
_pdbx_unobs_or_zero_occ_atoms.auth_atom_id 
_pdbx_unobs_or_zero_occ_atoms.label_alt_id 
_pdbx_unobs_or_zero_occ_atoms.label_asym_id 
_pdbx_unobs_or_zero_occ_atoms.label_comp_id 
_pdbx_unobs_or_zero_occ_atoms.label_seq_id 
_pdbx_unobs_or_zero_occ_atoms.label_atom_id 
1 1 Y 1 A LYS 58 ? CA ? A LYS 58 CA 
2 1 Y 1 A LYS 58 ? C  ? A LYS 58 C  
3 1 Y 1 A LYS 58 ? O  ? A LYS 58 O  
4 1 Y 1 A LYS 58 ? CB ? A LYS 58 CB 
5 1 Y 1 A LYS 58 ? CG ? A LYS 58 CG 
6 1 Y 1 A LYS 58 ? CD ? A LYS 58 CD 
7 1 Y 1 A LYS 58 ? CE ? A LYS 58 CE 
8 1 Y 1 A LYS 58 ? NZ ? A LYS 58 NZ 
# 
loop_
_software.name 
_software.classification 
_software.version 
_software.citation_id 
_software.pdbx_ordinal 
_software.date 
_software.type 
_software.location 
_software.language 
CNS       refinement       1.1 ? 1 ? ? ? ? 
DENZO     'data reduction' .   ? 2 ? ? ? ? 
SCALEPACK 'data scaling'   .   ? 3 ? ? ? ? 
AMoRE     phasing          .   ? 4 ? ? ? ? 
# 
_cell.entry_id           2BZ8 
_cell.length_a           51.158 
_cell.length_b           51.158 
_cell.length_c           97.472 
_cell.angle_alpha        90.00 
_cell.angle_beta         90.00 
_cell.angle_gamma        120.00 
_cell.Z_PDB              12 
_cell.pdbx_unique_axis   ? 
# 
_symmetry.entry_id                         2BZ8 
_symmetry.space_group_name_H-M             'P 65' 
_symmetry.pdbx_full_space_group_name_H-M   ? 
_symmetry.cell_setting                     ? 
_symmetry.Int_Tables_number                170 
# 
_exptl.entry_id          2BZ8 
_exptl.method            'X-RAY DIFFRACTION' 
_exptl.crystals_number   1 
# 
_exptl_crystal.id                    1 
_exptl_crystal.density_meas          ? 
_exptl_crystal.density_Matthews      2.4 
_exptl_crystal.density_percent_sol   47.3 
_exptl_crystal.description           'STARTING MODEL FOR MOLECULAR REPLACEMENT WAS THE ISOLATED CIN85 N-TERMINAL SH3, UNPUBLISHED.' 
# 
_exptl_crystal_grow.crystal_id      1 
_exptl_crystal_grow.method          ? 
_exptl_crystal_grow.temp            ? 
_exptl_crystal_grow.temp_details    ? 
_exptl_crystal_grow.pH              7.50 
_exptl_crystal_grow.pdbx_pH_range   ? 
_exptl_crystal_grow.pdbx_details    '0.8 M NA CITRATE, 0.1 M BIS-TRIS PH 7.5, 0.2 M NACL' 
# 
_diffrn.id                     1 
_diffrn.ambient_temp           100.0 
_diffrn.ambient_temp_details   ? 
_diffrn.crystal_id             1 
# 
_diffrn_detector.diffrn_id              1 
_diffrn_detector.detector               CCD 
_diffrn_detector.type                   BRUKER 
_diffrn_detector.pdbx_collection_date   2004-11-03 
_diffrn_detector.details                MIRRORS 
# 
_diffrn_radiation.diffrn_id                        1 
_diffrn_radiation.wavelength_id                    1 
_diffrn_radiation.pdbx_monochromatic_or_laue_m_l   M 
_diffrn_radiation.monochromator                    ? 
_diffrn_radiation.pdbx_diffrn_protocol             'SINGLE WAVELENGTH' 
_diffrn_radiation.pdbx_scattering_type             x-ray 
# 
_diffrn_radiation_wavelength.id           1 
_diffrn_radiation_wavelength.wavelength   1.5418 
_diffrn_radiation_wavelength.wt           1.0 
# 
_diffrn_source.diffrn_id                   1 
_diffrn_source.source                      'ROTATING ANODE' 
_diffrn_source.type                        BRUKER 
_diffrn_source.pdbx_synchrotron_site       SRS 
_diffrn_source.pdbx_synchrotron_beamline   14.2 
_diffrn_source.pdbx_wavelength             1.5418 
_diffrn_source.pdbx_wavelength_list        ? 
# 
_reflns.pdbx_diffrn_id               1 
_reflns.pdbx_ordinal                 1 
_reflns.entry_id                     2BZ8 
_reflns.observed_criterion_sigma_I   0.000 
_reflns.observed_criterion_sigma_F   ? 
_reflns.d_resolution_low             2.000 
_reflns.d_resolution_high            2.000 
_reflns.number_obs                   9738 
_reflns.number_all                   ? 
_reflns.percent_possible_obs         99.7 
_reflns.pdbx_Rmerge_I_obs            0.06000 
_reflns.pdbx_Rsym_value              ? 
_reflns.pdbx_netI_over_sigmaI        29.0000 
_reflns.B_iso_Wilson_estimate        19.1 
_reflns.pdbx_redundancy              11.800 
_reflns.pdbx_CC_half                 ? 
_reflns.pdbx_Rpim_I_all              ? 
_reflns.pdbx_Rrim_I_all              ? 
# 
_reflns_shell.pdbx_diffrn_id         1 
_reflns_shell.pdbx_ordinal           1 
_reflns_shell.d_res_high             2.00 
_reflns_shell.d_res_low              2.07 
_reflns_shell.percent_possible_all   98.9 
_reflns_shell.Rmerge_I_obs           ? 
_reflns_shell.pdbx_Rsym_value        ? 
_reflns_shell.meanI_over_sigI_obs    2.870 
_reflns_shell.pdbx_redundancy        ? 
_reflns_shell.number_measured_obs    ? 
_reflns_shell.number_unique_all      ? 
_reflns_shell.number_unique_obs      ? 
_reflns_shell.pdbx_CC_half           ? 
_reflns_shell.pdbx_Rpim_I_all        ? 
_reflns_shell.pdbx_Rrim_I_all        ? 
# 
_refine.pdbx_refine_id                           'X-RAY DIFFRACTION' 
_refine.entry_id                                 2BZ8 
_refine.pdbx_diffrn_id                           1 
_refine.pdbx_TLS_residual_ADP_flag               ? 
_refine.ls_number_reflns_obs                     9742 
_refine.ls_number_reflns_all                     ? 
_refine.pdbx_ls_sigma_I                          ? 
_refine.pdbx_ls_sigma_F                          0.0 
_refine.pdbx_data_cutoff_high_absF               1029899.76 
_refine.pdbx_data_cutoff_low_absF                ? 
_refine.pdbx_data_cutoff_high_rms_absF           ? 
_refine.ls_d_res_low                             20.00 
_refine.ls_d_res_high                            2.00 
_refine.ls_percent_reflns_obs                    99.7 
_refine.ls_R_factor_obs                          0.221 
_refine.ls_R_factor_all                          ? 
_refine.ls_R_factor_R_work                       0.221 
_refine.ls_R_factor_R_free                       0.271 
_refine.ls_R_factor_R_free_error                 0.012 
_refine.ls_R_factor_R_free_error_details         ? 
_refine.ls_percent_reflns_R_free                 7.7 
_refine.ls_number_reflns_R_free                  746 
_refine.ls_number_parameters                     ? 
_refine.ls_number_restraints                     ? 
_refine.occupancy_min                            ? 
_refine.occupancy_max                            ? 
_refine.correlation_coeff_Fo_to_Fc               ? 
_refine.correlation_coeff_Fo_to_Fc_free          ? 
_refine.B_iso_mean                               34.4 
_refine.aniso_B[1][1]                            -0.08 
_refine.aniso_B[2][2]                            -0.08 
_refine.aniso_B[3][3]                            0.15 
_refine.aniso_B[1][2]                            -1.26 
_refine.aniso_B[1][3]                            0.00 
_refine.aniso_B[2][3]                            0.00 
_refine.solvent_model_details                    'FLAT MODEL' 
_refine.solvent_model_param_ksol                 0.386287 
_refine.solvent_model_param_bsol                 82.5224 
_refine.pdbx_solvent_vdw_probe_radii             ? 
_refine.pdbx_solvent_ion_probe_radii             ? 
_refine.pdbx_solvent_shrinkage_radii             ? 
_refine.pdbx_ls_cross_valid_method               THROUGHOUT 
_refine.details                                  'A TWINING FRACTION OF 0.305 WAS CONSIDERED DURING REFINEMENT.' 
_refine.pdbx_starting_model                      ? 
_refine.pdbx_method_to_determine_struct          'MOLECULAR REPLACEMENT' 
_refine.pdbx_isotropic_thermal_model             RESTRAINED 
_refine.pdbx_stereochemistry_target_values       'MAXIMUM LIKELIHOOD' 
_refine.pdbx_stereochem_target_val_spec_case     ? 
_refine.pdbx_R_Free_selection_details            RANDOM 
_refine.pdbx_overall_ESU_R                       ? 
_refine.pdbx_overall_ESU_R_Free                  ? 
_refine.overall_SU_ML                            ? 
_refine.pdbx_overall_phase_error                 ? 
_refine.overall_SU_B                             ? 
_refine.overall_SU_R_Cruickshank_DPI             ? 
_refine.pdbx_overall_SU_R_free_Cruickshank_DPI   ? 
_refine.pdbx_overall_SU_R_Blow_DPI               ? 
_refine.pdbx_overall_SU_R_free_Blow_DPI          ? 
# 
_refine_hist.pdbx_refine_id                   'X-RAY DIFFRACTION' 
_refine_hist.cycle_id                         LAST 
_refine_hist.pdbx_number_atoms_protein        1025 
_refine_hist.pdbx_number_atoms_nucleic_acid   0 
_refine_hist.pdbx_number_atoms_ligand         2 
_refine_hist.number_atoms_solvent             82 
_refine_hist.number_atoms_total               1109 
_refine_hist.d_res_high                       2.00 
_refine_hist.d_res_low                        20.00 
# 
loop_
_refine_ls_restr.type 
_refine_ls_restr.dev_ideal 
_refine_ls_restr.dev_ideal_target 
_refine_ls_restr.weight 
_refine_ls_restr.number 
_refine_ls_restr.pdbx_refine_id 
_refine_ls_restr.pdbx_restraint_function 
c_bond_d                0.007 ? ? ? 'X-RAY DIFFRACTION' ? 
c_bond_d_na             ?     ? ? ? 'X-RAY DIFFRACTION' ? 
c_bond_d_prot           ?     ? ? ? 'X-RAY DIFFRACTION' ? 
c_angle_d               ?     ? ? ? 'X-RAY DIFFRACTION' ? 
c_angle_d_na            ?     ? ? ? 'X-RAY DIFFRACTION' ? 
c_angle_d_prot          ?     ? ? ? 'X-RAY DIFFRACTION' ? 
c_angle_deg             1.3   ? ? ? 'X-RAY DIFFRACTION' ? 
c_angle_deg_na          ?     ? ? ? 'X-RAY DIFFRACTION' ? 
c_angle_deg_prot        ?     ? ? ? 'X-RAY DIFFRACTION' ? 
c_dihedral_angle_d      25.9  ? ? ? 'X-RAY DIFFRACTION' ? 
c_dihedral_angle_d_na   ?     ? ? ? 'X-RAY DIFFRACTION' ? 
c_dihedral_angle_d_prot ?     ? ? ? 'X-RAY DIFFRACTION' ? 
c_improper_angle_d      0.77  ? ? ? 'X-RAY DIFFRACTION' ? 
c_improper_angle_d_na   ?     ? ? ? 'X-RAY DIFFRACTION' ? 
c_improper_angle_d_prot ?     ? ? ? 'X-RAY DIFFRACTION' ? 
c_mcbond_it             ?     ? ? ? 'X-RAY DIFFRACTION' ? 
c_mcangle_it            ?     ? ? ? 'X-RAY DIFFRACTION' ? 
c_scbond_it             ?     ? ? ? 'X-RAY DIFFRACTION' ? 
c_scangle_it            ?     ? ? ? 'X-RAY DIFFRACTION' ? 
# 
loop_
_pdbx_xplor_file.pdbx_refine_id 
_pdbx_xplor_file.serial_no 
_pdbx_xplor_file.param_file 
_pdbx_xplor_file.topol_file 
'X-RAY DIFFRACTION' 1 PROTEIN_REP.PARAM PROTEIN.TOP 
'X-RAY DIFFRACTION' 2 WATER.PARAM       WATER.TOP   
'X-RAY DIFFRACTION' 3 ION.PARAM         ION.TOP     
# 
_struct_ncs_oper.id             1 
_struct_ncs_oper.code           given 
_struct_ncs_oper.details        ? 
_struct_ncs_oper.matrix[1][1]   -0.09334532 
_struct_ncs_oper.matrix[1][2]   -0.23564197 
_struct_ncs_oper.matrix[1][3]   -0.96734618 
_struct_ncs_oper.matrix[2][1]   -0.28640249 
_struct_ncs_oper.matrix[2][2]   -0.92416772 
_struct_ncs_oper.matrix[2][3]   0.25276127 
_struct_ncs_oper.matrix[3][1]   -0.95355146 
_struct_ncs_oper.matrix[3][2]   0.30064515 
_struct_ncs_oper.matrix[3][3]   0.01877803 
_struct_ncs_oper.vector[1]      0.19273 
_struct_ncs_oper.vector[2]      0.06088 
_struct_ncs_oper.vector[3]      -1.31285 
# 
_struct.entry_id                  2BZ8 
_struct.title                     'N-terminal Sh3 domain of CIN85 bound to Cbl-b peptide' 
_struct.pdbx_model_details        ? 
_struct.pdbx_CASP_flag            ? 
_struct.pdbx_model_type_details   ? 
# 
_struct_keywords.entry_id        2BZ8 
_struct_keywords.pdbx_keywords   'SH3 DOMAIN' 
_struct_keywords.text            'SH3 DOMAIN, CIN85 ADAPTOR PROTEIN, CBL UBIQUITIN LIGASE, ENDOCYTOSIS' 
# 
loop_
_struct_asym.id 
_struct_asym.pdbx_blank_PDB_chainid_flag 
_struct_asym.pdbx_modified 
_struct_asym.entity_id 
_struct_asym.details 
A N N 1 ? 
B N N 1 ? 
C N N 2 ? 
D N N 3 ? 
E N N 3 ? 
F N N 4 ? 
G N N 4 ? 
H N N 4 ? 
# 
loop_
_struct_ref.id 
_struct_ref.db_name 
_struct_ref.db_code 
_struct_ref.entity_id 
_struct_ref.pdbx_seq_one_letter_code 
_struct_ref.pdbx_align_begin 
_struct_ref.pdbx_db_accession 
_struct_ref.pdbx_db_isoform 
1 UNP SH3K1_HUMAN 1 ? ? Q96B97 ? 
2 UNP CBLB_HUMAN  2 ? ? Q13191 ? 
# 
loop_
_struct_ref_seq.align_id 
_struct_ref_seq.ref_id 
_struct_ref_seq.pdbx_PDB_id_code 
_struct_ref_seq.pdbx_strand_id 
_struct_ref_seq.seq_align_beg 
_struct_ref_seq.pdbx_seq_align_beg_ins_code 
_struct_ref_seq.seq_align_end 
_struct_ref_seq.pdbx_seq_align_end_ins_code 
_struct_ref_seq.pdbx_db_accession 
_struct_ref_seq.db_align_beg 
_struct_ref_seq.pdbx_db_align_beg_ins_code 
_struct_ref_seq.db_align_end 
_struct_ref_seq.pdbx_db_align_end_ins_code 
_struct_ref_seq.pdbx_auth_seq_align_beg 
_struct_ref_seq.pdbx_auth_seq_align_end 
1 1 2BZ8 A 1 ? 58 ? Q96B97 1   ? 58  ? 1   58  
2 1 2BZ8 B 1 ? 58 ? Q96B97 1   ? 58  ? 1   58  
3 2 2BZ8 C 1 ? 11 ? Q13191 902 ? 912 ? 902 912 
# 
_pdbx_struct_assembly.id                   1 
_pdbx_struct_assembly.details              author_and_software_defined_assembly 
_pdbx_struct_assembly.method_details       PQS 
_pdbx_struct_assembly.oligomeric_details   trimeric 
_pdbx_struct_assembly.oligomeric_count     3 
# 
_pdbx_struct_assembly_gen.assembly_id       1 
_pdbx_struct_assembly_gen.oper_expression   1 
_pdbx_struct_assembly_gen.asym_id_list      A,B,C,D,E,F,G,H 
# 
_pdbx_struct_oper_list.id                   1 
_pdbx_struct_oper_list.type                 'identity operation' 
_pdbx_struct_oper_list.name                 1_555 
_pdbx_struct_oper_list.symmetry_operation   x,y,z 
_pdbx_struct_oper_list.matrix[1][1]         1.0000000000 
_pdbx_struct_oper_list.matrix[1][2]         0.0000000000 
_pdbx_struct_oper_list.matrix[1][3]         0.0000000000 
_pdbx_struct_oper_list.vector[1]            0.0000000000 
_pdbx_struct_oper_list.matrix[2][1]         0.0000000000 
_pdbx_struct_oper_list.matrix[2][2]         1.0000000000 
_pdbx_struct_oper_list.matrix[2][3]         0.0000000000 
_pdbx_struct_oper_list.vector[2]            0.0000000000 
_pdbx_struct_oper_list.matrix[3][1]         0.0000000000 
_pdbx_struct_oper_list.matrix[3][2]         0.0000000000 
_pdbx_struct_oper_list.matrix[3][3]         1.0000000000 
_pdbx_struct_oper_list.vector[3]            0.0000000000 
# 
_struct_conn.id                            metalc1 
_struct_conn.conn_type_id                  metalc 
_struct_conn.pdbx_leaving_atom_flag        ? 
_struct_conn.pdbx_PDB_id                   ? 
_struct_conn.ptnr1_label_asym_id           A 
_struct_conn.ptnr1_label_comp_id           ASP 
_struct_conn.ptnr1_label_seq_id            50 
_struct_conn.ptnr1_label_atom_id           O 
_struct_conn.pdbx_ptnr1_label_alt_id       ? 
_struct_conn.pdbx_ptnr1_PDB_ins_code       ? 
_struct_conn.pdbx_ptnr1_standard_comp_id   ? 
_struct_conn.ptnr1_symmetry                1_555 
_struct_conn.ptnr2_label_asym_id           D 
_struct_conn.ptnr2_label_comp_id           NA 
_struct_conn.ptnr2_label_seq_id            . 
_struct_conn.ptnr2_label_atom_id           NA 
_struct_conn.pdbx_ptnr2_label_alt_id       ? 
_struct_conn.pdbx_ptnr2_PDB_ins_code       ? 
_struct_conn.ptnr1_auth_asym_id            A 
_struct_conn.ptnr1_auth_comp_id            ASP 
_struct_conn.ptnr1_auth_seq_id             50 
_struct_conn.ptnr2_auth_asym_id            A 
_struct_conn.ptnr2_auth_comp_id            NA 
_struct_conn.ptnr2_auth_seq_id             1058 
_struct_conn.ptnr2_symmetry                1_555 
_struct_conn.pdbx_ptnr3_label_atom_id      ? 
_struct_conn.pdbx_ptnr3_label_seq_id       ? 
_struct_conn.pdbx_ptnr3_label_comp_id      ? 
_struct_conn.pdbx_ptnr3_label_asym_id      ? 
_struct_conn.pdbx_ptnr3_label_alt_id       ? 
_struct_conn.pdbx_ptnr3_PDB_ins_code       ? 
_struct_conn.details                       ? 
_struct_conn.pdbx_dist_value               2.564 
_struct_conn.pdbx_value_order              ? 
_struct_conn.pdbx_role                     ? 
# 
_struct_conn_type.id          metalc 
_struct_conn_type.criteria    ? 
_struct_conn_type.reference   ? 
# 
loop_
_struct_sheet.id 
_struct_sheet.type 
_struct_sheet.number_strands 
_struct_sheet.details 
AA ? 5 ? 
BA ? 5 ? 
# 
loop_
_struct_sheet_order.sheet_id 
_struct_sheet_order.range_id_1 
_struct_sheet_order.range_id_2 
_struct_sheet_order.offset 
_struct_sheet_order.sense 
AA 1 2 ? anti-parallel 
AA 2 3 ? anti-parallel 
AA 3 4 ? anti-parallel 
AA 4 5 ? anti-parallel 
BA 1 2 ? anti-parallel 
BA 2 3 ? anti-parallel 
BA 3 4 ? anti-parallel 
BA 4 5 ? anti-parallel 
# 
loop_
_struct_sheet_range.sheet_id 
_struct_sheet_range.id 
_struct_sheet_range.beg_label_comp_id 
_struct_sheet_range.beg_label_asym_id 
_struct_sheet_range.beg_label_seq_id 
_struct_sheet_range.pdbx_beg_PDB_ins_code 
_struct_sheet_range.end_label_comp_id 
_struct_sheet_range.end_label_asym_id 
_struct_sheet_range.end_label_seq_id 
_struct_sheet_range.pdbx_end_PDB_ins_code 
_struct_sheet_range.beg_auth_comp_id 
_struct_sheet_range.beg_auth_asym_id 
_struct_sheet_range.beg_auth_seq_id 
_struct_sheet_range.end_auth_comp_id 
_struct_sheet_range.end_auth_asym_id 
_struct_sheet_range.end_auth_seq_id 
AA 1 ARG A 44 ? PRO A 49 ? ARG A 44 PRO A 49 
AA 2 TRP A 36 ? ILE A 41 ? TRP A 36 ILE A 41 
AA 3 ILE A 25 ? ARG A 30 ? ILE A 25 ARG A 30 
AA 4 ALA A 4  ? VAL A 6  ? ALA A 4  VAL A 6  
AA 5 VAL A 53 ? GLU A 55 ? VAL A 53 GLU A 55 
BA 1 ARG B 45 ? PRO B 49 ? ARG B 45 PRO B 49 
BA 2 TRP B 36 ? GLN B 40 ? TRP B 36 GLN B 40 
BA 3 ILE B 25 ? ARG B 30 ? ILE B 25 ARG B 30 
BA 4 ALA B 4  ? VAL B 6  ? ALA B 4  VAL B 6  
BA 5 VAL B 53 ? GLU B 55 ? VAL B 53 GLU B 55 
# 
loop_
_pdbx_struct_sheet_hbond.sheet_id 
_pdbx_struct_sheet_hbond.range_id_1 
_pdbx_struct_sheet_hbond.range_id_2 
_pdbx_struct_sheet_hbond.range_1_label_atom_id 
_pdbx_struct_sheet_hbond.range_1_label_comp_id 
_pdbx_struct_sheet_hbond.range_1_label_asym_id 
_pdbx_struct_sheet_hbond.range_1_label_seq_id 
_pdbx_struct_sheet_hbond.range_1_PDB_ins_code 
_pdbx_struct_sheet_hbond.range_1_auth_atom_id 
_pdbx_struct_sheet_hbond.range_1_auth_comp_id 
_pdbx_struct_sheet_hbond.range_1_auth_asym_id 
_pdbx_struct_sheet_hbond.range_1_auth_seq_id 
_pdbx_struct_sheet_hbond.range_2_label_atom_id 
_pdbx_struct_sheet_hbond.range_2_label_comp_id 
_pdbx_struct_sheet_hbond.range_2_label_asym_id 
_pdbx_struct_sheet_hbond.range_2_label_seq_id 
_pdbx_struct_sheet_hbond.range_2_PDB_ins_code 
_pdbx_struct_sheet_hbond.range_2_auth_atom_id 
_pdbx_struct_sheet_hbond.range_2_auth_comp_id 
_pdbx_struct_sheet_hbond.range_2_auth_asym_id 
_pdbx_struct_sheet_hbond.range_2_auth_seq_id 
AA 1 2 N PHE A 48 ? N PHE A 48 O TRP A 37 ? O TRP A 37 
AA 2 3 N GLN A 40 ? N GLN A 40 O THR A 27 ? O THR A 27 
AA 3 4 N ILE A 26 ? N ILE A 26 O ALA A 4  ? O ALA A 4  
AA 4 5 N ILE A 5  ? N ILE A 5  O ARG A 54 ? O ARG A 54 
BA 1 2 N PHE B 48 ? N PHE B 48 O TRP B 37 ? O TRP B 37 
BA 2 3 N GLN B 40 ? N GLN B 40 O THR B 27 ? O THR B 27 
BA 3 4 N ILE B 26 ? N ILE B 26 O ALA B 4  ? O ALA B 4  
BA 4 5 N ILE B 5  ? N ILE B 5  O ARG B 54 ? O ARG B 54 
# 
loop_
_struct_site.id 
_struct_site.pdbx_evidence_code 
_struct_site.pdbx_auth_asym_id 
_struct_site.pdbx_auth_comp_id 
_struct_site.pdbx_auth_seq_id 
_struct_site.pdbx_auth_ins_code 
_struct_site.pdbx_num_residues 
_struct_site.details 
AC1 Software ? ? ? ? 5 'BINDING SITE FOR RESIDUE NA A1058' 
AC2 Software ? ? ? ? 4 'BINDING SITE FOR RESIDUE NA B1059' 
# 
loop_
_struct_site_gen.id 
_struct_site_gen.site_id 
_struct_site_gen.pdbx_num_res 
_struct_site_gen.label_comp_id 
_struct_site_gen.label_asym_id 
_struct_site_gen.label_seq_id 
_struct_site_gen.pdbx_auth_ins_code 
_struct_site_gen.auth_comp_id 
_struct_site_gen.auth_asym_id 
_struct_site_gen.auth_seq_id 
_struct_site_gen.label_atom_id 
_struct_site_gen.label_alt_id 
_struct_site_gen.symmetry 
_struct_site_gen.details 
1 AC1 5 ASP A 50 ? ASP A 50   . ? 1_555 ? 
2 AC1 5 VAL A 53 ? VAL A 53   . ? 1_555 ? 
3 AC1 5 HOH F .  ? HOH A 2004 . ? 1_555 ? 
4 AC1 5 HOH F .  ? HOH A 2033 . ? 1_555 ? 
5 AC1 5 HOH F .  ? HOH A 2038 . ? 1_555 ? 
6 AC2 4 ASP B 50 ? ASP B 50   . ? 1_555 ? 
7 AC2 4 VAL B 53 ? VAL B 53   . ? 1_555 ? 
8 AC2 4 HOH G .  ? HOH B 2015 . ? 1_555 ? 
9 AC2 4 HOH G .  ? HOH B 2030 . ? 1_555 ? 
# 
loop_
_pdbx_validate_torsion.id 
_pdbx_validate_torsion.PDB_model_num 
_pdbx_validate_torsion.auth_comp_id 
_pdbx_validate_torsion.auth_asym_id 
_pdbx_validate_torsion.auth_seq_id 
_pdbx_validate_torsion.PDB_ins_code 
_pdbx_validate_torsion.label_alt_id 
_pdbx_validate_torsion.phi 
_pdbx_validate_torsion.psi 
1 1 GLU A 32 ? ? -175.94 122.71  
2 1 ASP A 33 ? ? -47.13  154.97  
3 1 ASN A 42 ? ? 54.84   -125.80 
4 1 LYS B 31 ? ? -65.52  -171.71 
5 1 GLU B 32 ? ? 150.98  133.97  
6 1 ASN B 42 ? ? 48.12   -72.54  
# 
loop_
_pdbx_unobs_or_zero_occ_residues.id 
_pdbx_unobs_or_zero_occ_residues.PDB_model_num 
_pdbx_unobs_or_zero_occ_residues.polymer_flag 
_pdbx_unobs_or_zero_occ_residues.occupancy_flag 
_pdbx_unobs_or_zero_occ_residues.auth_asym_id 
_pdbx_unobs_or_zero_occ_residues.auth_comp_id 
_pdbx_unobs_or_zero_occ_residues.auth_seq_id 
_pdbx_unobs_or_zero_occ_residues.PDB_ins_code 
_pdbx_unobs_or_zero_occ_residues.label_asym_id 
_pdbx_unobs_or_zero_occ_residues.label_comp_id 
_pdbx_unobs_or_zero_occ_residues.label_seq_id 
1 1 Y 1 A MET 1 ? A MET 1 
2 1 Y 1 B MET 1 ? B MET 1 
# 
loop_
_chem_comp_atom.comp_id 
_chem_comp_atom.atom_id 
_chem_comp_atom.type_symbol 
_chem_comp_atom.pdbx_aromatic_flag 
_chem_comp_atom.pdbx_stereo_config 
_chem_comp_atom.pdbx_ordinal 
ALA N    N  N N 1   
ALA CA   C  N S 2   
ALA C    C  N N 3   
ALA O    O  N N 4   
ALA CB   C  N N 5   
ALA OXT  O  N N 6   
ALA H    H  N N 7   
ALA H2   H  N N 8   
ALA HA   H  N N 9   
ALA HB1  H  N N 10  
ALA HB2  H  N N 11  
ALA HB3  H  N N 12  
ALA HXT  H  N N 13  
ARG N    N  N N 14  
ARG CA   C  N S 15  
ARG C    C  N N 16  
ARG O    O  N N 17  
ARG CB   C  N N 18  
ARG CG   C  N N 19  
ARG CD   C  N N 20  
ARG NE   N  N N 21  
ARG CZ   C  N N 22  
ARG NH1  N  N N 23  
ARG NH2  N  N N 24  
ARG OXT  O  N N 25  
ARG H    H  N N 26  
ARG H2   H  N N 27  
ARG HA   H  N N 28  
ARG HB2  H  N N 29  
ARG HB3  H  N N 30  
ARG HG2  H  N N 31  
ARG HG3  H  N N 32  
ARG HD2  H  N N 33  
ARG HD3  H  N N 34  
ARG HE   H  N N 35  
ARG HH11 H  N N 36  
ARG HH12 H  N N 37  
ARG HH21 H  N N 38  
ARG HH22 H  N N 39  
ARG HXT  H  N N 40  
ASN N    N  N N 41  
ASN CA   C  N S 42  
ASN C    C  N N 43  
ASN O    O  N N 44  
ASN CB   C  N N 45  
ASN CG   C  N N 46  
ASN OD1  O  N N 47  
ASN ND2  N  N N 48  
ASN OXT  O  N N 49  
ASN H    H  N N 50  
ASN H2   H  N N 51  
ASN HA   H  N N 52  
ASN HB2  H  N N 53  
ASN HB3  H  N N 54  
ASN HD21 H  N N 55  
ASN HD22 H  N N 56  
ASN HXT  H  N N 57  
ASP N    N  N N 58  
ASP CA   C  N S 59  
ASP C    C  N N 60  
ASP O    O  N N 61  
ASP CB   C  N N 62  
ASP CG   C  N N 63  
ASP OD1  O  N N 64  
ASP OD2  O  N N 65  
ASP OXT  O  N N 66  
ASP H    H  N N 67  
ASP H2   H  N N 68  
ASP HA   H  N N 69  
ASP HB2  H  N N 70  
ASP HB3  H  N N 71  
ASP HD2  H  N N 72  
ASP HXT  H  N N 73  
GLN N    N  N N 74  
GLN CA   C  N S 75  
GLN C    C  N N 76  
GLN O    O  N N 77  
GLN CB   C  N N 78  
GLN CG   C  N N 79  
GLN CD   C  N N 80  
GLN OE1  O  N N 81  
GLN NE2  N  N N 82  
GLN OXT  O  N N 83  
GLN H    H  N N 84  
GLN H2   H  N N 85  
GLN HA   H  N N 86  
GLN HB2  H  N N 87  
GLN HB3  H  N N 88  
GLN HG2  H  N N 89  
GLN HG3  H  N N 90  
GLN HE21 H  N N 91  
GLN HE22 H  N N 92  
GLN HXT  H  N N 93  
GLU N    N  N N 94  
GLU CA   C  N S 95  
GLU C    C  N N 96  
GLU O    O  N N 97  
GLU CB   C  N N 98  
GLU CG   C  N N 99  
GLU CD   C  N N 100 
GLU OE1  O  N N 101 
GLU OE2  O  N N 102 
GLU OXT  O  N N 103 
GLU H    H  N N 104 
GLU H2   H  N N 105 
GLU HA   H  N N 106 
GLU HB2  H  N N 107 
GLU HB3  H  N N 108 
GLU HG2  H  N N 109 
GLU HG3  H  N N 110 
GLU HE2  H  N N 111 
GLU HXT  H  N N 112 
GLY N    N  N N 113 
GLY CA   C  N N 114 
GLY C    C  N N 115 
GLY O    O  N N 116 
GLY OXT  O  N N 117 
GLY H    H  N N 118 
GLY H2   H  N N 119 
GLY HA2  H  N N 120 
GLY HA3  H  N N 121 
GLY HXT  H  N N 122 
HIS N    N  N N 123 
HIS CA   C  N S 124 
HIS C    C  N N 125 
HIS O    O  N N 126 
HIS CB   C  N N 127 
HIS CG   C  Y N 128 
HIS ND1  N  Y N 129 
HIS CD2  C  Y N 130 
HIS CE1  C  Y N 131 
HIS NE2  N  Y N 132 
HIS OXT  O  N N 133 
HIS H    H  N N 134 
HIS H2   H  N N 135 
HIS HA   H  N N 136 
HIS HB2  H  N N 137 
HIS HB3  H  N N 138 
HIS HD1  H  N N 139 
HIS HD2  H  N N 140 
HIS HE1  H  N N 141 
HIS HE2  H  N N 142 
HIS HXT  H  N N 143 
HOH O    O  N N 144 
HOH H1   H  N N 145 
HOH H2   H  N N 146 
ILE N    N  N N 147 
ILE CA   C  N S 148 
ILE C    C  N N 149 
ILE O    O  N N 150 
ILE CB   C  N S 151 
ILE CG1  C  N N 152 
ILE CG2  C  N N 153 
ILE CD1  C  N N 154 
ILE OXT  O  N N 155 
ILE H    H  N N 156 
ILE H2   H  N N 157 
ILE HA   H  N N 158 
ILE HB   H  N N 159 
ILE HG12 H  N N 160 
ILE HG13 H  N N 161 
ILE HG21 H  N N 162 
ILE HG22 H  N N 163 
ILE HG23 H  N N 164 
ILE HD11 H  N N 165 
ILE HD12 H  N N 166 
ILE HD13 H  N N 167 
ILE HXT  H  N N 168 
LEU N    N  N N 169 
LEU CA   C  N S 170 
LEU C    C  N N 171 
LEU O    O  N N 172 
LEU CB   C  N N 173 
LEU CG   C  N N 174 
LEU CD1  C  N N 175 
LEU CD2  C  N N 176 
LEU OXT  O  N N 177 
LEU H    H  N N 178 
LEU H2   H  N N 179 
LEU HA   H  N N 180 
LEU HB2  H  N N 181 
LEU HB3  H  N N 182 
LEU HG   H  N N 183 
LEU HD11 H  N N 184 
LEU HD12 H  N N 185 
LEU HD13 H  N N 186 
LEU HD21 H  N N 187 
LEU HD22 H  N N 188 
LEU HD23 H  N N 189 
LEU HXT  H  N N 190 
LYS N    N  N N 191 
LYS CA   C  N S 192 
LYS C    C  N N 193 
LYS O    O  N N 194 
LYS CB   C  N N 195 
LYS CG   C  N N 196 
LYS CD   C  N N 197 
LYS CE   C  N N 198 
LYS NZ   N  N N 199 
LYS OXT  O  N N 200 
LYS H    H  N N 201 
LYS H2   H  N N 202 
LYS HA   H  N N 203 
LYS HB2  H  N N 204 
LYS HB3  H  N N 205 
LYS HG2  H  N N 206 
LYS HG3  H  N N 207 
LYS HD2  H  N N 208 
LYS HD3  H  N N 209 
LYS HE2  H  N N 210 
LYS HE3  H  N N 211 
LYS HZ1  H  N N 212 
LYS HZ2  H  N N 213 
LYS HZ3  H  N N 214 
LYS HXT  H  N N 215 
MET N    N  N N 216 
MET CA   C  N S 217 
MET C    C  N N 218 
MET O    O  N N 219 
MET CB   C  N N 220 
MET CG   C  N N 221 
MET SD   S  N N 222 
MET CE   C  N N 223 
MET OXT  O  N N 224 
MET H    H  N N 225 
MET H2   H  N N 226 
MET HA   H  N N 227 
MET HB2  H  N N 228 
MET HB3  H  N N 229 
MET HG2  H  N N 230 
MET HG3  H  N N 231 
MET HE1  H  N N 232 
MET HE2  H  N N 233 
MET HE3  H  N N 234 
MET HXT  H  N N 235 
NA  NA   NA N N 236 
PHE N    N  N N 237 
PHE CA   C  N S 238 
PHE C    C  N N 239 
PHE O    O  N N 240 
PHE CB   C  N N 241 
PHE CG   C  Y N 242 
PHE CD1  C  Y N 243 
PHE CD2  C  Y N 244 
PHE CE1  C  Y N 245 
PHE CE2  C  Y N 246 
PHE CZ   C  Y N 247 
PHE OXT  O  N N 248 
PHE H    H  N N 249 
PHE H2   H  N N 250 
PHE HA   H  N N 251 
PHE HB2  H  N N 252 
PHE HB3  H  N N 253 
PHE HD1  H  N N 254 
PHE HD2  H  N N 255 
PHE HE1  H  N N 256 
PHE HE2  H  N N 257 
PHE HZ   H  N N 258 
PHE HXT  H  N N 259 
PRO N    N  N N 260 
PRO CA   C  N S 261 
PRO C    C  N N 262 
PRO O    O  N N 263 
PRO CB   C  N N 264 
PRO CG   C  N N 265 
PRO CD   C  N N 266 
PRO OXT  O  N N 267 
PRO H    H  N N 268 
PRO HA   H  N N 269 
PRO HB2  H  N N 270 
PRO HB3  H  N N 271 
PRO HG2  H  N N 272 
PRO HG3  H  N N 273 
PRO HD2  H  N N 274 
PRO HD3  H  N N 275 
PRO HXT  H  N N 276 
SER N    N  N N 277 
SER CA   C  N S 278 
SER C    C  N N 279 
SER O    O  N N 280 
SER CB   C  N N 281 
SER OG   O  N N 282 
SER OXT  O  N N 283 
SER H    H  N N 284 
SER H2   H  N N 285 
SER HA   H  N N 286 
SER HB2  H  N N 287 
SER HB3  H  N N 288 
SER HG   H  N N 289 
SER HXT  H  N N 290 
THR N    N  N N 291 
THR CA   C  N S 292 
THR C    C  N N 293 
THR O    O  N N 294 
THR CB   C  N R 295 
THR OG1  O  N N 296 
THR CG2  C  N N 297 
THR OXT  O  N N 298 
THR H    H  N N 299 
THR H2   H  N N 300 
THR HA   H  N N 301 
THR HB   H  N N 302 
THR HG1  H  N N 303 
THR HG21 H  N N 304 
THR HG22 H  N N 305 
THR HG23 H  N N 306 
THR HXT  H  N N 307 
TRP N    N  N N 308 
TRP CA   C  N S 309 
TRP C    C  N N 310 
TRP O    O  N N 311 
TRP CB   C  N N 312 
TRP CG   C  Y N 313 
TRP CD1  C  Y N 314 
TRP CD2  C  Y N 315 
TRP NE1  N  Y N 316 
TRP CE2  C  Y N 317 
TRP CE3  C  Y N 318 
TRP CZ2  C  Y N 319 
TRP CZ3  C  Y N 320 
TRP CH2  C  Y N 321 
TRP OXT  O  N N 322 
TRP H    H  N N 323 
TRP H2   H  N N 324 
TRP HA   H  N N 325 
TRP HB2  H  N N 326 
TRP HB3  H  N N 327 
TRP HD1  H  N N 328 
TRP HE1  H  N N 329 
TRP HE3  H  N N 330 
TRP HZ2  H  N N 331 
TRP HZ3  H  N N 332 
TRP HH2  H  N N 333 
TRP HXT  H  N N 334 
TYR N    N  N N 335 
TYR CA   C  N S 336 
TYR C    C  N N 337 
TYR O    O  N N 338 
TYR CB   C  N N 339 
TYR CG   C  Y N 340 
TYR CD1  C  Y N 341 
TYR CD2  C  Y N 342 
TYR CE1  C  Y N 343 
TYR CE2  C  Y N 344 
TYR CZ   C  Y N 345 
TYR OH   O  N N 346 
TYR OXT  O  N N 347 
TYR H    H  N N 348 
TYR H2   H  N N 349 
TYR HA   H  N N 350 
TYR HB2  H  N N 351 
TYR HB3  H  N N 352 
TYR HD1  H  N N 353 
TYR HD2  H  N N 354 
TYR HE1  H  N N 355 
TYR HE2  H  N N 356 
TYR HH   H  N N 357 
TYR HXT  H  N N 358 
VAL N    N  N N 359 
VAL CA   C  N S 360 
VAL C    C  N N 361 
VAL O    O  N N 362 
VAL CB   C  N N 363 
VAL CG1  C  N N 364 
VAL CG2  C  N N 365 
VAL OXT  O  N N 366 
VAL H    H  N N 367 
VAL H2   H  N N 368 
VAL HA   H  N N 369 
VAL HB   H  N N 370 
VAL HG11 H  N N 371 
VAL HG12 H  N N 372 
VAL HG13 H  N N 373 
VAL HG21 H  N N 374 
VAL HG22 H  N N 375 
VAL HG23 H  N N 376 
VAL HXT  H  N N 377 
# 
loop_
_chem_comp_bond.comp_id 
_chem_comp_bond.atom_id_1 
_chem_comp_bond.atom_id_2 
_chem_comp_bond.value_order 
_chem_comp_bond.pdbx_aromatic_flag 
_chem_comp_bond.pdbx_stereo_config 
_chem_comp_bond.pdbx_ordinal 
ALA N   CA   sing N N 1   
ALA N   H    sing N N 2   
ALA N   H2   sing N N 3   
ALA CA  C    sing N N 4   
ALA CA  CB   sing N N 5   
ALA CA  HA   sing N N 6   
ALA C   O    doub N N 7   
ALA C   OXT  sing N N 8   
ALA CB  HB1  sing N N 9   
ALA CB  HB2  sing N N 10  
ALA CB  HB3  sing N N 11  
ALA OXT HXT  sing N N 12  
ARG N   CA   sing N N 13  
ARG N   H    sing N N 14  
ARG N   H2   sing N N 15  
ARG CA  C    sing N N 16  
ARG CA  CB   sing N N 17  
ARG CA  HA   sing N N 18  
ARG C   O    doub N N 19  
ARG C   OXT  sing N N 20  
ARG CB  CG   sing N N 21  
ARG CB  HB2  sing N N 22  
ARG CB  HB3  sing N N 23  
ARG CG  CD   sing N N 24  
ARG CG  HG2  sing N N 25  
ARG CG  HG3  sing N N 26  
ARG CD  NE   sing N N 27  
ARG CD  HD2  sing N N 28  
ARG CD  HD3  sing N N 29  
ARG NE  CZ   sing N N 30  
ARG NE  HE   sing N N 31  
ARG CZ  NH1  sing N N 32  
ARG CZ  NH2  doub N N 33  
ARG NH1 HH11 sing N N 34  
ARG NH1 HH12 sing N N 35  
ARG NH2 HH21 sing N N 36  
ARG NH2 HH22 sing N N 37  
ARG OXT HXT  sing N N 38  
ASN N   CA   sing N N 39  
ASN N   H    sing N N 40  
ASN N   H2   sing N N 41  
ASN CA  C    sing N N 42  
ASN CA  CB   sing N N 43  
ASN CA  HA   sing N N 44  
ASN C   O    doub N N 45  
ASN C   OXT  sing N N 46  
ASN CB  CG   sing N N 47  
ASN CB  HB2  sing N N 48  
ASN CB  HB3  sing N N 49  
ASN CG  OD1  doub N N 50  
ASN CG  ND2  sing N N 51  
ASN ND2 HD21 sing N N 52  
ASN ND2 HD22 sing N N 53  
ASN OXT HXT  sing N N 54  
ASP N   CA   sing N N 55  
ASP N   H    sing N N 56  
ASP N   H2   sing N N 57  
ASP CA  C    sing N N 58  
ASP CA  CB   sing N N 59  
ASP CA  HA   sing N N 60  
ASP C   O    doub N N 61  
ASP C   OXT  sing N N 62  
ASP CB  CG   sing N N 63  
ASP CB  HB2  sing N N 64  
ASP CB  HB3  sing N N 65  
ASP CG  OD1  doub N N 66  
ASP CG  OD2  sing N N 67  
ASP OD2 HD2  sing N N 68  
ASP OXT HXT  sing N N 69  
GLN N   CA   sing N N 70  
GLN N   H    sing N N 71  
GLN N   H2   sing N N 72  
GLN CA  C    sing N N 73  
GLN CA  CB   sing N N 74  
GLN CA  HA   sing N N 75  
GLN C   O    doub N N 76  
GLN C   OXT  sing N N 77  
GLN CB  CG   sing N N 78  
GLN CB  HB2  sing N N 79  
GLN CB  HB3  sing N N 80  
GLN CG  CD   sing N N 81  
GLN CG  HG2  sing N N 82  
GLN CG  HG3  sing N N 83  
GLN CD  OE1  doub N N 84  
GLN CD  NE2  sing N N 85  
GLN NE2 HE21 sing N N 86  
GLN NE2 HE22 sing N N 87  
GLN OXT HXT  sing N N 88  
GLU N   CA   sing N N 89  
GLU N   H    sing N N 90  
GLU N   H2   sing N N 91  
GLU CA  C    sing N N 92  
GLU CA  CB   sing N N 93  
GLU CA  HA   sing N N 94  
GLU C   O    doub N N 95  
GLU C   OXT  sing N N 96  
GLU CB  CG   sing N N 97  
GLU CB  HB2  sing N N 98  
GLU CB  HB3  sing N N 99  
GLU CG  CD   sing N N 100 
GLU CG  HG2  sing N N 101 
GLU CG  HG3  sing N N 102 
GLU CD  OE1  doub N N 103 
GLU CD  OE2  sing N N 104 
GLU OE2 HE2  sing N N 105 
GLU OXT HXT  sing N N 106 
GLY N   CA   sing N N 107 
GLY N   H    sing N N 108 
GLY N   H2   sing N N 109 
GLY CA  C    sing N N 110 
GLY CA  HA2  sing N N 111 
GLY CA  HA3  sing N N 112 
GLY C   O    doub N N 113 
GLY C   OXT  sing N N 114 
GLY OXT HXT  sing N N 115 
HIS N   CA   sing N N 116 
HIS N   H    sing N N 117 
HIS N   H2   sing N N 118 
HIS CA  C    sing N N 119 
HIS CA  CB   sing N N 120 
HIS CA  HA   sing N N 121 
HIS C   O    doub N N 122 
HIS C   OXT  sing N N 123 
HIS CB  CG   sing N N 124 
HIS CB  HB2  sing N N 125 
HIS CB  HB3  sing N N 126 
HIS CG  ND1  sing Y N 127 
HIS CG  CD2  doub Y N 128 
HIS ND1 CE1  doub Y N 129 
HIS ND1 HD1  sing N N 130 
HIS CD2 NE2  sing Y N 131 
HIS CD2 HD2  sing N N 132 
HIS CE1 NE2  sing Y N 133 
HIS CE1 HE1  sing N N 134 
HIS NE2 HE2  sing N N 135 
HIS OXT HXT  sing N N 136 
HOH O   H1   sing N N 137 
HOH O   H2   sing N N 138 
ILE N   CA   sing N N 139 
ILE N   H    sing N N 140 
ILE N   H2   sing N N 141 
ILE CA  C    sing N N 142 
ILE CA  CB   sing N N 143 
ILE CA  HA   sing N N 144 
ILE C   O    doub N N 145 
ILE C   OXT  sing N N 146 
ILE CB  CG1  sing N N 147 
ILE CB  CG2  sing N N 148 
ILE CB  HB   sing N N 149 
ILE CG1 CD1  sing N N 150 
ILE CG1 HG12 sing N N 151 
ILE CG1 HG13 sing N N 152 
ILE CG2 HG21 sing N N 153 
ILE CG2 HG22 sing N N 154 
ILE CG2 HG23 sing N N 155 
ILE CD1 HD11 sing N N 156 
ILE CD1 HD12 sing N N 157 
ILE CD1 HD13 sing N N 158 
ILE OXT HXT  sing N N 159 
LEU N   CA   sing N N 160 
LEU N   H    sing N N 161 
LEU N   H2   sing N N 162 
LEU CA  C    sing N N 163 
LEU CA  CB   sing N N 164 
LEU CA  HA   sing N N 165 
LEU C   O    doub N N 166 
LEU C   OXT  sing N N 167 
LEU CB  CG   sing N N 168 
LEU CB  HB2  sing N N 169 
LEU CB  HB3  sing N N 170 
LEU CG  CD1  sing N N 171 
LEU CG  CD2  sing N N 172 
LEU CG  HG   sing N N 173 
LEU CD1 HD11 sing N N 174 
LEU CD1 HD12 sing N N 175 
LEU CD1 HD13 sing N N 176 
LEU CD2 HD21 sing N N 177 
LEU CD2 HD22 sing N N 178 
LEU CD2 HD23 sing N N 179 
LEU OXT HXT  sing N N 180 
LYS N   CA   sing N N 181 
LYS N   H    sing N N 182 
LYS N   H2   sing N N 183 
LYS CA  C    sing N N 184 
LYS CA  CB   sing N N 185 
LYS CA  HA   sing N N 186 
LYS C   O    doub N N 187 
LYS C   OXT  sing N N 188 
LYS CB  CG   sing N N 189 
LYS CB  HB2  sing N N 190 
LYS CB  HB3  sing N N 191 
LYS CG  CD   sing N N 192 
LYS CG  HG2  sing N N 193 
LYS CG  HG3  sing N N 194 
LYS CD  CE   sing N N 195 
LYS CD  HD2  sing N N 196 
LYS CD  HD3  sing N N 197 
LYS CE  NZ   sing N N 198 
LYS CE  HE2  sing N N 199 
LYS CE  HE3  sing N N 200 
LYS NZ  HZ1  sing N N 201 
LYS NZ  HZ2  sing N N 202 
LYS NZ  HZ3  sing N N 203 
LYS OXT HXT  sing N N 204 
MET N   CA   sing N N 205 
MET N   H    sing N N 206 
MET N   H2   sing N N 207 
MET CA  C    sing N N 208 
MET CA  CB   sing N N 209 
MET CA  HA   sing N N 210 
MET C   O    doub N N 211 
MET C   OXT  sing N N 212 
MET CB  CG   sing N N 213 
MET CB  HB2  sing N N 214 
MET CB  HB3  sing N N 215 
MET CG  SD   sing N N 216 
MET CG  HG2  sing N N 217 
MET CG  HG3  sing N N 218 
MET SD  CE   sing N N 219 
MET CE  HE1  sing N N 220 
MET CE  HE2  sing N N 221 
MET CE  HE3  sing N N 222 
MET OXT HXT  sing N N 223 
PHE N   CA   sing N N 224 
PHE N   H    sing N N 225 
PHE N   H2   sing N N 226 
PHE CA  C    sing N N 227 
PHE CA  CB   sing N N 228 
PHE CA  HA   sing N N 229 
PHE C   O    doub N N 230 
PHE C   OXT  sing N N 231 
PHE CB  CG   sing N N 232 
PHE CB  HB2  sing N N 233 
PHE CB  HB3  sing N N 234 
PHE CG  CD1  doub Y N 235 
PHE CG  CD2  sing Y N 236 
PHE CD1 CE1  sing Y N 237 
PHE CD1 HD1  sing N N 238 
PHE CD2 CE2  doub Y N 239 
PHE CD2 HD2  sing N N 240 
PHE CE1 CZ   doub Y N 241 
PHE CE1 HE1  sing N N 242 
PHE CE2 CZ   sing Y N 243 
PHE CE2 HE2  sing N N 244 
PHE CZ  HZ   sing N N 245 
PHE OXT HXT  sing N N 246 
PRO N   CA   sing N N 247 
PRO N   CD   sing N N 248 
PRO N   H    sing N N 249 
PRO CA  C    sing N N 250 
PRO CA  CB   sing N N 251 
PRO CA  HA   sing N N 252 
PRO C   O    doub N N 253 
PRO C   OXT  sing N N 254 
PRO CB  CG   sing N N 255 
PRO CB  HB2  sing N N 256 
PRO CB  HB3  sing N N 257 
PRO CG  CD   sing N N 258 
PRO CG  HG2  sing N N 259 
PRO CG  HG3  sing N N 260 
PRO CD  HD2  sing N N 261 
PRO CD  HD3  sing N N 262 
PRO OXT HXT  sing N N 263 
SER N   CA   sing N N 264 
SER N   H    sing N N 265 
SER N   H2   sing N N 266 
SER CA  C    sing N N 267 
SER CA  CB   sing N N 268 
SER CA  HA   sing N N 269 
SER C   O    doub N N 270 
SER C   OXT  sing N N 271 
SER CB  OG   sing N N 272 
SER CB  HB2  sing N N 273 
SER CB  HB3  sing N N 274 
SER OG  HG   sing N N 275 
SER OXT HXT  sing N N 276 
THR N   CA   sing N N 277 
THR N   H    sing N N 278 
THR N   H2   sing N N 279 
THR CA  C    sing N N 280 
THR CA  CB   sing N N 281 
THR CA  HA   sing N N 282 
THR C   O    doub N N 283 
THR C   OXT  sing N N 284 
THR CB  OG1  sing N N 285 
THR CB  CG2  sing N N 286 
THR CB  HB   sing N N 287 
THR OG1 HG1  sing N N 288 
THR CG2 HG21 sing N N 289 
THR CG2 HG22 sing N N 290 
THR CG2 HG23 sing N N 291 
THR OXT HXT  sing N N 292 
TRP N   CA   sing N N 293 
TRP N   H    sing N N 294 
TRP N   H2   sing N N 295 
TRP CA  C    sing N N 296 
TRP CA  CB   sing N N 297 
TRP CA  HA   sing N N 298 
TRP C   O    doub N N 299 
TRP C   OXT  sing N N 300 
TRP CB  CG   sing N N 301 
TRP CB  HB2  sing N N 302 
TRP CB  HB3  sing N N 303 
TRP CG  CD1  doub Y N 304 
TRP CG  CD2  sing Y N 305 
TRP CD1 NE1  sing Y N 306 
TRP CD1 HD1  sing N N 307 
TRP CD2 CE2  doub Y N 308 
TRP CD2 CE3  sing Y N 309 
TRP NE1 CE2  sing Y N 310 
TRP NE1 HE1  sing N N 311 
TRP CE2 CZ2  sing Y N 312 
TRP CE3 CZ3  doub Y N 313 
TRP CE3 HE3  sing N N 314 
TRP CZ2 CH2  doub Y N 315 
TRP CZ2 HZ2  sing N N 316 
TRP CZ3 CH2  sing Y N 317 
TRP CZ3 HZ3  sing N N 318 
TRP CH2 HH2  sing N N 319 
TRP OXT HXT  sing N N 320 
TYR N   CA   sing N N 321 
TYR N   H    sing N N 322 
TYR N   H2   sing N N 323 
TYR CA  C    sing N N 324 
TYR CA  CB   sing N N 325 
TYR CA  HA   sing N N 326 
TYR C   O    doub N N 327 
TYR C   OXT  sing N N 328 
TYR CB  CG   sing N N 329 
TYR CB  HB2  sing N N 330 
TYR CB  HB3  sing N N 331 
TYR CG  CD1  doub Y N 332 
TYR CG  CD2  sing Y N 333 
TYR CD1 CE1  sing Y N 334 
TYR CD1 HD1  sing N N 335 
TYR CD2 CE2  doub Y N 336 
TYR CD2 HD2  sing N N 337 
TYR CE1 CZ   doub Y N 338 
TYR CE1 HE1  sing N N 339 
TYR CE2 CZ   sing Y N 340 
TYR CE2 HE2  sing N N 341 
TYR CZ  OH   sing N N 342 
TYR OH  HH   sing N N 343 
TYR OXT HXT  sing N N 344 
VAL N   CA   sing N N 345 
VAL N   H    sing N N 346 
VAL N   H2   sing N N 347 
VAL CA  C    sing N N 348 
VAL CA  CB   sing N N 349 
VAL CA  HA   sing N N 350 
VAL C   O    doub N N 351 
VAL C   OXT  sing N N 352 
VAL CB  CG1  sing N N 353 
VAL CB  CG2  sing N N 354 
VAL CB  HB   sing N N 355 
VAL CG1 HG11 sing N N 356 
VAL CG1 HG12 sing N N 357 
VAL CG1 HG13 sing N N 358 
VAL CG2 HG21 sing N N 359 
VAL CG2 HG22 sing N N 360 
VAL CG2 HG23 sing N N 361 
VAL OXT HXT  sing N N 362 
# 
_atom_sites.entry_id                    2BZ8 
_atom_sites.fract_transf_matrix[1][1]   0.01983983 
_atom_sites.fract_transf_matrix[1][2]   -0.00805064 
_atom_sites.fract_transf_matrix[1][3]   -0.00714333 
_atom_sites.fract_transf_matrix[2][1]   0.00523416 
_atom_sites.fract_transf_matrix[2][2]   0.00072781 
_atom_sites.fract_transf_matrix[2][3]   -0.02194365 
_atom_sites.fract_transf_matrix[3][1]   0.00422873 
_atom_sites.fract_transf_matrix[3][2]   0.00925387 
_atom_sites.fract_transf_matrix[3][3]   0.00131560 
_atom_sites.fract_transf_vector[1]      0.457431 
_atom_sites.fract_transf_vector[2]      0.459953 
_atom_sites.fract_transf_vector[3]      0.380260 
# 
loop_
_atom_type.symbol 
C  
N  
NA 
O  
# 
loop_
_atom_site.group_PDB 
_atom_site.id 
_atom_site.type_symbol 
_atom_site.label_atom_id 
_atom_site.label_alt_id 
_atom_site.label_comp_id 
_atom_site.label_asym_id 
_atom_site.label_entity_id 
_atom_site.label_seq_id 
_atom_site.pdbx_PDB_ins_code 
_atom_site.Cartn_x 
_atom_site.Cartn_y 
_atom_site.Cartn_z 
_atom_site.occupancy 
_atom_site.B_iso_or_equiv 
_atom_site.pdbx_formal_charge 
_atom_site.auth_seq_id 
_atom_site.auth_comp_id 
_atom_site.auth_asym_id 
_atom_site.auth_atom_id 
_atom_site.pdbx_PDB_model_num 
ATOM   1    N  N   . VAL A 1 2  ? 12.472  14.398  -7.227  1.00 39.28 ? 2    VAL A N   1 
ATOM   2    C  CA  . VAL A 1 2  ? 11.432  13.324  -7.185  1.00 39.07 ? 2    VAL A CA  1 
ATOM   3    C  C   . VAL A 1 2  ? 10.045  13.856  -6.818  1.00 39.59 ? 2    VAL A C   1 
ATOM   4    O  O   . VAL A 1 2  ? 9.814   14.315  -5.696  1.00 38.26 ? 2    VAL A O   1 
ATOM   5    C  CB  . VAL A 1 2  ? 11.816  12.219  -6.173  1.00 39.78 ? 2    VAL A CB  1 
ATOM   6    C  CG1 . VAL A 1 2  ? 10.674  11.230  -6.012  1.00 39.32 ? 2    VAL A CG1 1 
ATOM   7    C  CG2 . VAL A 1 2  ? 13.062  11.496  -6.655  1.00 41.20 ? 2    VAL A CG2 1 
ATOM   8    N  N   . GLU A 1 3  ? 9.127   13.792  -7.782  1.00 39.46 ? 3    GLU A N   1 
ATOM   9    C  CA  . GLU A 1 3  ? 7.755   14.246  -7.581  1.00 39.26 ? 3    GLU A CA  1 
ATOM   10   C  C   . GLU A 1 3  ? 6.780   13.141  -7.942  1.00 37.94 ? 3    GLU A C   1 
ATOM   11   O  O   . GLU A 1 3  ? 7.158   12.115  -8.518  1.00 36.02 ? 3    GLU A O   1 
ATOM   12   C  CB  . GLU A 1 3  ? 7.428   15.471  -8.451  1.00 42.18 ? 3    GLU A CB  1 
ATOM   13   C  CG  . GLU A 1 3  ? 8.238   16.729  -8.162  1.00 46.24 ? 3    GLU A CG  1 
ATOM   14   C  CD  . GLU A 1 3  ? 9.375   16.942  -9.146  1.00 49.22 ? 3    GLU A CD  1 
ATOM   15   O  OE1 . GLU A 1 3  ? 10.233  16.042  -9.281  1.00 51.57 ? 3    GLU A OE1 1 
ATOM   16   O  OE2 . GLU A 1 3  ? 9.414   18.016  -9.785  1.00 51.59 ? 3    GLU A OE2 1 
ATOM   17   N  N   . ALA A 1 4  ? 5.514   13.375  -7.617  1.00 37.20 ? 4    ALA A N   1 
ATOM   18   C  CA  . ALA A 1 4  ? 4.450   12.423  -7.899  1.00 35.94 ? 4    ALA A CA  1 
ATOM   19   C  C   . ALA A 1 4  ? 3.110   13.148  -7.891  1.00 35.92 ? 4    ALA A C   1 
ATOM   20   O  O   . ALA A 1 4  ? 3.027   14.332  -7.541  1.00 36.73 ? 4    ALA A O   1 
ATOM   21   C  CB  . ALA A 1 4  ? 4.452   11.324  -6.846  1.00 35.51 ? 4    ALA A CB  1 
ATOM   22   N  N   . ILE A 1 5  ? 2.060   12.443  -8.295  1.00 35.97 ? 5    ILE A N   1 
ATOM   23   C  CA  . ILE A 1 5  ? 0.719   13.021  -8.296  1.00 35.36 ? 5    ILE A CA  1 
ATOM   24   C  C   . ILE A 1 5  ? -0.208  12.060  -7.550  1.00 33.62 ? 5    ILE A C   1 
ATOM   25   O  O   . ILE A 1 5  ? -0.171  10.846  -7.757  1.00 32.99 ? 5    ILE A O   1 
ATOM   26   C  CB  . ILE A 1 5  ? 0.171   13.272  -9.735  1.00 36.38 ? 5    ILE A CB  1 
ATOM   27   C  CG1 . ILE A 1 5  ? 0.064   11.953  -10.490 1.00 37.55 ? 5    ILE A CG1 1 
ATOM   28   C  CG2 . ILE A 1 5  ? 1.076   14.251  -10.496 1.00 34.78 ? 5    ILE A CG2 1 
ATOM   29   C  CD1 . ILE A 1 5  ? 1.396   11.277  -10.740 1.00 41.09 ? 5    ILE A CD1 1 
ATOM   30   N  N   . VAL A 1 6  ? -1.024  12.623  -6.667  1.00 31.93 ? 6    VAL A N   1 
ATOM   31   C  CA  . VAL A 1 6  ? -1.953  11.857  -5.851  1.00 29.90 ? 6    VAL A CA  1 
ATOM   32   C  C   . VAL A 1 6  ? -2.974  11.078  -6.681  1.00 30.51 ? 6    VAL A C   1 
ATOM   33   O  O   . VAL A 1 6  ? -3.603  11.639  -7.579  1.00 30.70 ? 6    VAL A O   1 
ATOM   34   C  CB  . VAL A 1 6  ? -2.714  12.797  -4.875  1.00 28.38 ? 6    VAL A CB  1 
ATOM   35   C  CG1 . VAL A 1 6  ? -3.466  11.977  -3.845  1.00 24.28 ? 6    VAL A CG1 1 
ATOM   36   C  CG2 . VAL A 1 6  ? -1.733  13.772  -4.206  1.00 25.79 ? 6    VAL A CG2 1 
ATOM   37   N  N   . GLU A 1 7  ? -3.125  9.785   -6.388  1.00 30.49 ? 7    GLU A N   1 
ATOM   38   C  CA  . GLU A 1 7  ? -4.101  8.943   -7.083  1.00 30.06 ? 7    GLU A CA  1 
ATOM   39   C  C   . GLU A 1 7  ? -5.340  8.700   -6.205  1.00 29.78 ? 7    GLU A C   1 
ATOM   40   O  O   . GLU A 1 7  ? -6.466  8.583   -6.702  1.00 28.60 ? 7    GLU A O   1 
ATOM   41   C  CB  . GLU A 1 7  ? -3.501  7.598   -7.470  1.00 27.74 ? 7    GLU A CB  1 
ATOM   42   C  CG  . GLU A 1 7  ? -4.519  6.738   -8.176  1.00 27.01 ? 7    GLU A CG  1 
ATOM   43   C  CD  . GLU A 1 7  ? -3.973  5.408   -8.562  1.00 27.17 ? 7    GLU A CD  1 
ATOM   44   O  OE1 . GLU A 1 7  ? -4.690  4.663   -9.268  1.00 27.95 ? 7    GLU A OE1 1 
ATOM   45   O  OE2 . GLU A 1 7  ? -2.829  5.109   -8.157  1.00 26.88 ? 7    GLU A OE2 1 
ATOM   46   N  N   . PHE A 1 8  ? -5.111  8.601   -4.901  1.00 28.99 ? 8    PHE A N   1 
ATOM   47   C  CA  . PHE A 1 8  ? -6.182  8.415   -3.944  1.00 29.73 ? 8    PHE A CA  1 
ATOM   48   C  C   . PHE A 1 8  ? -6.024  9.447   -2.851  1.00 32.22 ? 8    PHE A C   1 
ATOM   49   O  O   . PHE A 1 8  ? -4.910  9.877   -2.557  1.00 32.73 ? 8    PHE A O   1 
ATOM   50   C  CB  . PHE A 1 8  ? -6.141  7.028   -3.331  1.00 27.85 ? 8    PHE A CB  1 
ATOM   51   C  CG  . PHE A 1 8  ? -6.410  5.936   -4.312  1.00 27.24 ? 8    PHE A CG  1 
ATOM   52   C  CD1 . PHE A 1 8  ? -5.368  5.324   -4.989  1.00 24.44 ? 8    PHE A CD1 1 
ATOM   53   C  CD2 . PHE A 1 8  ? -7.713  5.508   -4.548  1.00 25.88 ? 8    PHE A CD2 1 
ATOM   54   C  CE1 . PHE A 1 8  ? -5.618  4.304   -5.876  1.00 25.32 ? 8    PHE A CE1 1 
ATOM   55   C  CE2 . PHE A 1 8  ? -7.969  4.488   -5.437  1.00 25.45 ? 8    PHE A CE2 1 
ATOM   56   C  CZ  . PHE A 1 8  ? -6.919  3.882   -6.102  1.00 24.78 ? 8    PHE A CZ  1 
ATOM   57   N  N   . ASP A 1 9  ? -7.145  9.843   -2.258  1.00 34.09 ? 9    ASP A N   1 
ATOM   58   C  CA  . ASP A 1 9  ? -7.153  10.839  -1.201  1.00 34.79 ? 9    ASP A CA  1 
ATOM   59   C  C   . ASP A 1 9  ? -6.736  10.272  0.144   1.00 34.41 ? 9    ASP A C   1 
ATOM   60   O  O   . ASP A 1 9  ? -7.061  9.129   0.480   1.00 33.92 ? 9    ASP A O   1 
ATOM   61   C  CB  . ASP A 1 9  ? -8.547  11.455  -1.081  1.00 37.59 ? 9    ASP A CB  1 
ATOM   62   C  CG  . ASP A 1 9  ? -8.997  12.111  -2.365  1.00 40.21 ? 9    ASP A CG  1 
ATOM   63   O  OD1 . ASP A 1 9  ? -8.870  11.461  -3.423  1.00 42.33 ? 9    ASP A OD1 1 
ATOM   64   O  OD2 . ASP A 1 9  ? -9.477  13.264  -2.322  1.00 42.09 ? 9    ASP A OD2 1 
ATOM   65   N  N   . TYR A 1 10 ? -6.004  11.080  0.906   1.00 34.72 ? 10   TYR A N   1 
ATOM   66   C  CA  . TYR A 1 10 ? -5.570  10.674  2.229   1.00 35.02 ? 10   TYR A CA  1 
ATOM   67   C  C   . TYR A 1 10 ? -5.586  11.801  3.251   1.00 35.99 ? 10   TYR A C   1 
ATOM   68   O  O   . TYR A 1 10 ? -4.927  12.832  3.086   1.00 34.57 ? 10   TYR A O   1 
ATOM   69   C  CB  . TYR A 1 10 ? -4.170  10.068  2.208   1.00 34.18 ? 10   TYR A CB  1 
ATOM   70   C  CG  . TYR A 1 10 ? -3.793  9.546   3.576   1.00 34.25 ? 10   TYR A CG  1 
ATOM   71   C  CD1 . TYR A 1 10 ? -2.647  9.995   4.230   1.00 33.80 ? 10   TYR A CD1 1 
ATOM   72   C  CD2 . TYR A 1 10 ? -4.628  8.642   4.247   1.00 34.41 ? 10   TYR A CD2 1 
ATOM   73   C  CE1 . TYR A 1 10 ? -2.341  9.559   5.524   1.00 33.73 ? 10   TYR A CE1 1 
ATOM   74   C  CE2 . TYR A 1 10 ? -4.335  8.202   5.531   1.00 33.07 ? 10   TYR A CE2 1 
ATOM   75   C  CZ  . TYR A 1 10 ? -3.192  8.664   6.167   1.00 33.85 ? 10   TYR A CZ  1 
ATOM   76   O  OH  . TYR A 1 10 ? -2.904  8.228   7.440   1.00 32.31 ? 10   TYR A OH  1 
ATOM   77   N  N   . GLN A 1 11 ? -6.350  11.572  4.313   1.00 37.74 ? 11   GLN A N   1 
ATOM   78   C  CA  . GLN A 1 11 ? -6.486  12.508  5.417   1.00 39.51 ? 11   GLN A CA  1 
ATOM   79   C  C   . GLN A 1 11 ? -5.424  12.146  6.450   1.00 40.30 ? 11   GLN A C   1 
ATOM   80   O  O   . GLN A 1 11 ? -5.510  11.097  7.089   1.00 39.09 ? 11   GLN A O   1 
ATOM   81   C  CB  . GLN A 1 11 ? -7.888  12.377  6.021   1.00 41.61 ? 11   GLN A CB  1 
ATOM   82   C  CG  . GLN A 1 11 ? -8.101  13.050  7.368   1.00 43.31 ? 11   GLN A CG  1 
ATOM   83   C  CD  . GLN A 1 11 ? -7.781  14.525  7.342   1.00 44.86 ? 11   GLN A CD  1 
ATOM   84   O  OE1 . GLN A 1 11 ? -8.003  15.204  6.338   1.00 45.15 ? 11   GLN A OE1 1 
ATOM   85   N  NE2 . GLN A 1 11 ? -7.267  15.036  8.459   1.00 46.47 ? 11   GLN A NE2 1 
ATOM   86   N  N   . ALA A 1 12 ? -4.416  13.005  6.593   1.00 42.06 ? 12   ALA A N   1 
ATOM   87   C  CA  . ALA A 1 12 ? -3.333  12.774  7.546   1.00 43.44 ? 12   ALA A CA  1 
ATOM   88   C  C   . ALA A 1 12 ? -3.907  12.557  8.943   1.00 44.10 ? 12   ALA A C   1 
ATOM   89   O  O   . ALA A 1 12 ? -4.567  13.437  9.490   1.00 45.25 ? 12   ALA A O   1 
ATOM   90   C  CB  . ALA A 1 12 ? -2.379  13.963  7.547   1.00 44.43 ? 12   ALA A CB  1 
ATOM   91   N  N   . GLN A 1 13 ? -3.659  11.378  9.510   1.00 44.08 ? 13   GLN A N   1 
ATOM   92   C  CA  . GLN A 1 13 ? -4.157  11.039  10.840  1.00 43.82 ? 13   GLN A CA  1 
ATOM   93   C  C   . GLN A 1 13 ? -3.118  11.316  11.922  1.00 43.76 ? 13   GLN A C   1 
ATOM   94   O  O   . GLN A 1 13 ? -3.235  10.821  13.036  1.00 43.79 ? 13   GLN A O   1 
ATOM   95   C  CB  . GLN A 1 13 ? -4.558  9.564   10.887  1.00 44.21 ? 13   GLN A CB  1 
ATOM   96   C  CG  . GLN A 1 13 ? -5.745  9.207   9.999   1.00 46.76 ? 13   GLN A CG  1 
ATOM   97   C  CD  . GLN A 1 13 ? -5.802  7.721   9.656   1.00 48.89 ? 13   GLN A CD  1 
ATOM   98   O  OE1 . GLN A 1 13 ? -5.645  6.857   10.525  1.00 49.76 ? 13   GLN A OE1 1 
ATOM   99   N  NE2 . GLN A 1 13 ? -6.034  7.418   8.382   1.00 49.55 ? 13   GLN A NE2 1 
ATOM   100  N  N   . HIS A 1 14 ? -2.100  12.109  11.591  1.00 44.71 ? 14   HIS A N   1 
ATOM   101  C  CA  . HIS A 1 14 ? -1.050  12.451  12.544  1.00 44.39 ? 14   HIS A CA  1 
ATOM   102  C  C   . HIS A 1 14 ? -0.395  13.794  12.291  1.00 43.48 ? 14   HIS A C   1 
ATOM   103  O  O   . HIS A 1 14 ? -0.302  14.263  11.157  1.00 44.75 ? 14   HIS A O   1 
ATOM   104  C  CB  . HIS A 1 14 ? 0.027   11.370  12.556  1.00 46.23 ? 14   HIS A CB  1 
ATOM   105  C  CG  . HIS A 1 14 ? -0.426  10.092  13.180  1.00 49.08 ? 14   HIS A CG  1 
ATOM   106  N  ND1 . HIS A 1 14 ? -0.687  9.979   14.528  1.00 50.10 ? 14   HIS A ND1 1 
ATOM   107  C  CD2 . HIS A 1 14 ? -0.720  8.888   12.636  1.00 50.05 ? 14   HIS A CD2 1 
ATOM   108  C  CE1 . HIS A 1 14 ? -1.124  8.759   14.788  1.00 50.73 ? 14   HIS A CE1 1 
ATOM   109  N  NE2 . HIS A 1 14 ? -1.153  8.079   13.657  1.00 51.25 ? 14   HIS A NE2 1 
ATOM   110  N  N   . ASP A 1 15 ? 0.060   14.402  13.374  1.00 42.04 ? 15   ASP A N   1 
ATOM   111  C  CA  . ASP A 1 15 ? 0.730   15.684  13.335  1.00 41.34 ? 15   ASP A CA  1 
ATOM   112  C  C   . ASP A 1 15 ? 1.817   15.715  12.265  1.00 40.37 ? 15   ASP A C   1 
ATOM   113  O  O   . ASP A 1 15 ? 1.989   16.728  11.587  1.00 41.92 ? 15   ASP A O   1 
ATOM   114  C  CB  . ASP A 1 15 ? 1.355   15.948  14.696  1.00 43.10 ? 15   ASP A CB  1 
ATOM   115  C  CG  . ASP A 1 15 ? 2.002   14.704  15.274  1.00 44.66 ? 15   ASP A CG  1 
ATOM   116  O  OD1 . ASP A 1 15 ? 1.266   13.845  15.811  1.00 45.33 ? 15   ASP A OD1 1 
ATOM   117  O  OD2 . ASP A 1 15 ? 3.241   14.573  15.172  1.00 45.06 ? 15   ASP A OD2 1 
ATOM   118  N  N   . ASP A 1 16 ? 2.548   14.612  12.114  1.00 38.30 ? 16   ASP A N   1 
ATOM   119  C  CA  . ASP A 1 16 ? 3.632   14.548  11.133  1.00 37.03 ? 16   ASP A CA  1 
ATOM   120  C  C   . ASP A 1 16 ? 3.250   13.942  9.788   1.00 36.19 ? 16   ASP A C   1 
ATOM   121  O  O   . ASP A 1 16 ? 4.124   13.601  8.988   1.00 35.47 ? 16   ASP A O   1 
ATOM   122  C  CB  . ASP A 1 16 ? 4.816   13.762  11.690  1.00 35.78 ? 16   ASP A CB  1 
ATOM   123  C  CG  . ASP A 1 16 ? 4.481   12.317  11.930  1.00 34.62 ? 16   ASP A CG  1 
ATOM   124  O  OD1 . ASP A 1 16 ? 5.424   11.507  12.069  1.00 34.46 ? 16   ASP A OD1 1 
ATOM   125  O  OD2 . ASP A 1 16 ? 3.273   11.996  11.984  1.00 33.21 ? 16   ASP A OD2 1 
ATOM   126  N  N   . GLU A 1 17 ? 1.952   13.804  9.538   1.00 35.56 ? 17   GLU A N   1 
ATOM   127  C  CA  . GLU A 1 17 ? 1.491   13.251  8.269   1.00 35.20 ? 17   GLU A CA  1 
ATOM   128  C  C   . GLU A 1 17 ? 1.033   14.343  7.310   1.00 34.02 ? 17   GLU A C   1 
ATOM   129  O  O   . GLU A 1 17 ? 0.546   15.390  7.736   1.00 35.56 ? 17   GLU A O   1 
ATOM   130  C  CB  . GLU A 1 17 ? 0.365   12.245  8.500   1.00 32.83 ? 17   GLU A CB  1 
ATOM   131  C  CG  . GLU A 1 17 ? 0.871   10.840  8.746   1.00 32.83 ? 17   GLU A CG  1 
ATOM   132  C  CD  . GLU A 1 17 ? -0.241  9.888   9.129   1.00 32.66 ? 17   GLU A CD  1 
ATOM   133  O  OE1 . GLU A 1 17 ? -1.393  10.134  8.715   1.00 31.54 ? 17   GLU A OE1 1 
ATOM   134  O  OE2 . GLU A 1 17 ? 0.037   8.892   9.829   1.00 31.77 ? 17   GLU A OE2 1 
ATOM   135  N  N   . LEU A 1 18 ? 1.204   14.086  6.016   1.00 32.32 ? 18   LEU A N   1 
ATOM   136  C  CA  . LEU A 1 18 ? 0.827   15.029  4.973   1.00 29.59 ? 18   LEU A CA  1 
ATOM   137  C  C   . LEU A 1 18 ? -0.519  14.639  4.383   1.00 29.00 ? 18   LEU A C   1 
ATOM   138  O  O   . LEU A 1 18 ? -0.704  13.514  3.921   1.00 29.31 ? 18   LEU A O   1 
ATOM   139  C  CB  . LEU A 1 18 ? 1.902   15.033  3.873   1.00 29.79 ? 18   LEU A CB  1 
ATOM   140  C  CG  . LEU A 1 18 ? 2.028   16.094  2.758   1.00 28.67 ? 18   LEU A CG  1 
ATOM   141  C  CD1 . LEU A 1 18 ? 1.766   15.439  1.427   1.00 26.03 ? 18   LEU A CD1 1 
ATOM   142  C  CD2 . LEU A 1 18 ? 1.107   17.281  2.995   1.00 28.35 ? 18   LEU A CD2 1 
ATOM   143  N  N   . THR A 1 19 ? -1.467  15.566  4.406   1.00 28.91 ? 19   THR A N   1 
ATOM   144  C  CA  . THR A 1 19 ? -2.770  15.295  3.832   1.00 28.06 ? 19   THR A CA  1 
ATOM   145  C  C   . THR A 1 19 ? -2.689  15.578  2.335   1.00 29.05 ? 19   THR A C   1 
ATOM   146  O  O   . THR A 1 19 ? -2.260  16.647  1.899   1.00 28.59 ? 19   THR A O   1 
ATOM   147  C  CB  . THR A 1 19 ? -3.853  16.158  4.475   1.00 26.49 ? 19   THR A CB  1 
ATOM   148  O  OG1 . THR A 1 19 ? -3.962  15.822  5.862   1.00 27.12 ? 19   THR A OG1 1 
ATOM   149  C  CG2 . THR A 1 19 ? -5.181  15.913  3.810   1.00 26.14 ? 19   THR A CG2 1 
ATOM   150  N  N   . ILE A 1 20 ? -3.103  14.599  1.547   1.00 30.19 ? 20   ILE A N   1 
ATOM   151  C  CA  . ILE A 1 20 ? -3.051  14.719  0.104   1.00 30.32 ? 20   ILE A CA  1 
ATOM   152  C  C   . ILE A 1 20 ? -4.421  14.562  -0.563  1.00 30.54 ? 20   ILE A C   1 
ATOM   153  O  O   . ILE A 1 20 ? -5.338  13.963  0.006   1.00 29.96 ? 20   ILE A O   1 
ATOM   154  C  CB  . ILE A 1 20 ? -2.075  13.666  -0.436  1.00 31.38 ? 20   ILE A CB  1 
ATOM   155  C  CG1 . ILE A 1 20 ? -2.550  12.264  -0.025  1.00 30.32 ? 20   ILE A CG1 1 
ATOM   156  C  CG2 . ILE A 1 20 ? -0.684  13.916  0.146   1.00 30.82 ? 20   ILE A CG2 1 
ATOM   157  C  CD1 . ILE A 1 20 ? -1.573  11.145  -0.343  1.00 27.99 ? 20   ILE A CD1 1 
ATOM   158  N  N   . SER A 1 21 ? -4.553  15.120  -1.768  1.00 31.12 ? 21   SER A N   1 
ATOM   159  C  CA  . SER A 1 21 ? -5.790  15.047  -2.549  1.00 30.80 ? 21   SER A CA  1 
ATOM   160  C  C   . SER A 1 21 ? -5.469  14.728  -4.008  1.00 31.99 ? 21   SER A C   1 
ATOM   161  O  O   . SER A 1 21 ? -4.500  15.249  -4.567  1.00 31.61 ? 21   SER A O   1 
ATOM   162  C  CB  . SER A 1 21 ? -6.557  16.364  -2.476  1.00 32.04 ? 21   SER A CB  1 
ATOM   163  O  OG  . SER A 1 21 ? -7.752  16.292  -3.233  1.00 35.47 ? 21   SER A OG  1 
ATOM   164  N  N   . VAL A 1 22 ? -6.292  13.871  -4.614  1.00 32.95 ? 22   VAL A N   1 
ATOM   165  C  CA  . VAL A 1 22 ? -6.108  13.444  -6.001  1.00 32.49 ? 22   VAL A CA  1 
ATOM   166  C  C   . VAL A 1 22 ? -5.686  14.584  -6.912  1.00 31.85 ? 22   VAL A C   1 
ATOM   167  O  O   . VAL A 1 22 ? -6.183  15.698  -6.796  1.00 32.69 ? 22   VAL A O   1 
ATOM   168  C  CB  . VAL A 1 22 ? -7.408  12.795  -6.566  1.00 33.11 ? 22   VAL A CB  1 
ATOM   169  C  CG1 . VAL A 1 22 ? -7.288  12.599  -8.071  1.00 32.99 ? 22   VAL A CG1 1 
ATOM   170  C  CG2 . VAL A 1 22 ? -7.650  11.444  -5.904  1.00 31.49 ? 22   VAL A CG2 1 
ATOM   171  N  N   . GLY A 1 23 ? -4.747  14.297  -7.806  1.00 33.19 ? 23   GLY A N   1 
ATOM   172  C  CA  . GLY A 1 23 ? -4.278  15.307  -8.742  1.00 33.98 ? 23   GLY A CA  1 
ATOM   173  C  C   . GLY A 1 23 ? -3.130  16.186  -8.277  1.00 33.76 ? 23   GLY A C   1 
ATOM   174  O  O   . GLY A 1 23 ? -2.365  16.700  -9.100  1.00 34.01 ? 23   GLY A O   1 
ATOM   175  N  N   . GLU A 1 24 ? -3.009  16.362  -6.964  1.00 33.03 ? 24   GLU A N   1 
ATOM   176  C  CA  . GLU A 1 24 ? -1.959  17.196  -6.390  1.00 31.92 ? 24   GLU A CA  1 
ATOM   177  C  C   . GLU A 1 24 ? -0.567  16.725  -6.767  1.00 30.54 ? 24   GLU A C   1 
ATOM   178  O  O   . GLU A 1 24 ? -0.325  15.531  -6.912  1.00 29.21 ? 24   GLU A O   1 
ATOM   179  C  CB  . GLU A 1 24 ? -2.099  17.231  -4.867  1.00 32.30 ? 24   GLU A CB  1 
ATOM   180  C  CG  . GLU A 1 24 ? -3.296  18.030  -4.416  1.00 34.96 ? 24   GLU A CG  1 
ATOM   181  C  CD  . GLU A 1 24 ? -3.374  18.190  -2.913  1.00 37.24 ? 24   GLU A CD  1 
ATOM   182  O  OE1 . GLU A 1 24 ? -4.042  19.152  -2.467  1.00 38.96 ? 24   GLU A OE1 1 
ATOM   183  O  OE2 . GLU A 1 24 ? -2.785  17.362  -2.181  1.00 37.12 ? 24   GLU A OE2 1 
ATOM   184  N  N   . ILE A 1 25 ? 0.347   17.673  -6.943  1.00 29.88 ? 25   ILE A N   1 
ATOM   185  C  CA  . ILE A 1 25 ? 1.718   17.333  -7.283  1.00 29.46 ? 25   ILE A CA  1 
ATOM   186  C  C   . ILE A 1 25 ? 2.514   17.284  -5.989  1.00 29.41 ? 25   ILE A C   1 
ATOM   187  O  O   . ILE A 1 25 ? 2.544   18.245  -5.220  1.00 28.83 ? 25   ILE A O   1 
ATOM   188  C  CB  . ILE A 1 25 ? 2.354   18.379  -8.217  1.00 29.74 ? 25   ILE A CB  1 
ATOM   189  C  CG1 . ILE A 1 25 ? 1.425   18.666  -9.395  1.00 29.98 ? 25   ILE A CG1 1 
ATOM   190  C  CG2 . ILE A 1 25 ? 3.687   17.856  -8.747  1.00 31.28 ? 25   ILE A CG2 1 
ATOM   191  C  CD1 . ILE A 1 25 ? 1.244   17.501  -10.353 1.00 30.66 ? 25   ILE A CD1 1 
ATOM   192  N  N   . ILE A 1 26 ? 3.137   16.145  -5.739  1.00 30.45 ? 26   ILE A N   1 
ATOM   193  C  CA  . ILE A 1 26 ? 3.941   15.968  -4.544  1.00 30.81 ? 26   ILE A CA  1 
ATOM   194  C  C   . ILE A 1 26 ? 5.385   16.093  -4.982  1.00 31.94 ? 26   ILE A C   1 
ATOM   195  O  O   . ILE A 1 26 ? 5.821   15.421  -5.916  1.00 31.09 ? 26   ILE A O   1 
ATOM   196  C  CB  . ILE A 1 26 ? 3.779   14.569  -3.934  1.00 30.60 ? 26   ILE A CB  1 
ATOM   197  C  CG1 . ILE A 1 26 ? 2.298   14.211  -3.793  1.00 31.05 ? 26   ILE A CG1 1 
ATOM   198  C  CG2 . ILE A 1 26 ? 4.515   14.519  -2.602  1.00 30.51 ? 26   ILE A CG2 1 
ATOM   199  C  CD1 . ILE A 1 26 ? 1.549   15.056  -2.811  1.00 31.10 ? 26   ILE A CD1 1 
ATOM   200  N  N   . THR A 1 27 ? 6.141   16.937  -4.302  1.00 33.87 ? 27   THR A N   1 
ATOM   201  C  CA  . THR A 1 27 ? 7.524   17.098  -4.693  1.00 35.14 ? 27   THR A CA  1 
ATOM   202  C  C   . THR A 1 27 ? 8.488   17.002  -3.519  1.00 34.93 ? 27   THR A C   1 
ATOM   203  O  O   . THR A 1 27 ? 8.081   16.976  -2.353  1.00 33.14 ? 27   THR A O   1 
ATOM   204  C  CB  . THR A 1 27 ? 7.714   18.438  -5.403  1.00 36.93 ? 27   THR A CB  1 
ATOM   205  O  OG1 . THR A 1 27 ? 9.033   18.502  -5.964  1.00 38.77 ? 27   THR A OG1 1 
ATOM   206  C  CG2 . THR A 1 27 ? 7.504   19.579  -4.416  1.00 38.72 ? 27   THR A CG2 1 
ATOM   207  N  N   . ASN A 1 28 ? 9.773   16.944  -3.847  1.00 35.20 ? 28   ASN A N   1 
ATOM   208  C  CA  . ASN A 1 28 ? 10.810  16.859  -2.834  1.00 37.30 ? 28   ASN A CA  1 
ATOM   209  C  C   . ASN A 1 28 ? 10.578  15.607  -2.030  1.00 36.47 ? 28   ASN A C   1 
ATOM   210  O  O   . ASN A 1 28 ? 10.945  15.522  -0.863  1.00 37.25 ? 28   ASN A O   1 
ATOM   211  C  CB  . ASN A 1 28 ? 10.745  18.082  -1.926  1.00 37.89 ? 28   ASN A CB  1 
ATOM   212  C  CG  . ASN A 1 28 ? 10.967  19.371  -2.682  1.00 38.91 ? 28   ASN A CG  1 
ATOM   213  O  OD1 . ASN A 1 28 ? 10.708  20.457  -2.163  1.00 39.70 ? 28   ASN A OD1 1 
ATOM   214  N  ND2 . ASN A 1 28 ? 11.457  19.261  -3.917  1.00 39.12 ? 28   ASN A ND2 1 
ATOM   215  N  N   . ILE A 1 29 ? 9.956   14.632  -2.672  1.00 36.99 ? 29   ILE A N   1 
ATOM   216  C  CA  . ILE A 1 29 ? 9.659   13.372  -2.023  1.00 36.31 ? 29   ILE A CA  1 
ATOM   217  C  C   . ILE A 1 29 ? 10.933  12.596  -1.747  1.00 36.88 ? 29   ILE A C   1 
ATOM   218  O  O   . ILE A 1 29 ? 11.782  12.437  -2.629  1.00 35.42 ? 29   ILE A O   1 
ATOM   219  C  CB  . ILE A 1 29 ? 8.772   12.486  -2.909  1.00 35.68 ? 29   ILE A CB  1 
ATOM   220  C  CG1 . ILE A 1 29 ? 7.526   13.250  -3.347  1.00 31.07 ? 29   ILE A CG1 1 
ATOM   221  C  CG2 . ILE A 1 29 ? 8.395   11.222  -2.153  1.00 36.45 ? 29   ILE A CG2 1 
ATOM   222  C  CD1 . ILE A 1 29 ? 6.800   12.574  -4.460  1.00 29.13 ? 29   ILE A CD1 1 
ATOM   223  N  N   . ARG A 1 30 ? 11.072  12.126  -0.516  1.00 37.66 ? 30   ARG A N   1 
ATOM   224  C  CA  . ARG A 1 30 ? 12.221  11.306  -0.170  1.00 39.90 ? 30   ARG A CA  1 
ATOM   225  C  C   . ARG A 1 30 ? 11.626  9.975   0.280   1.00 39.50 ? 30   ARG A C   1 
ATOM   226  O  O   . ARG A 1 30 ? 10.810  9.916   1.201   1.00 37.78 ? 30   ARG A O   1 
ATOM   227  C  CB  . ARG A 1 30 ? 13.083  11.969  0.916   1.00 40.97 ? 30   ARG A CB  1 
ATOM   228  C  CG  . ARG A 1 30 ? 12.452  12.142  2.269   1.00 44.63 ? 30   ARG A CG  1 
ATOM   229  C  CD  . ARG A 1 30 ? 13.276  13.117  3.109   1.00 47.50 ? 30   ARG A CD  1 
ATOM   230  N  NE  . ARG A 1 30 ? 14.706  12.786  3.180   1.00 49.47 ? 30   ARG A NE  1 
ATOM   231  C  CZ  . ARG A 1 30 ? 15.221  11.744  3.831   1.00 48.59 ? 30   ARG A CZ  1 
ATOM   232  N  NH1 . ARG A 1 30 ? 14.435  10.897  4.481   1.00 48.96 ? 30   ARG A NH1 1 
ATOM   233  N  NH2 . ARG A 1 30 ? 16.535  11.564  3.848   1.00 48.55 ? 30   ARG A NH2 1 
ATOM   234  N  N   . LYS A 1 31 ? 12.019  8.916   -0.420  1.00 40.39 ? 31   LYS A N   1 
ATOM   235  C  CA  . LYS A 1 31 ? 11.515  7.572   -0.170  1.00 41.66 ? 31   LYS A CA  1 
ATOM   236  C  C   . LYS A 1 31 ? 12.087  6.868   1.062   1.00 42.18 ? 31   LYS A C   1 
ATOM   237  O  O   . LYS A 1 31 ? 13.099  7.294   1.618   1.00 43.28 ? 31   LYS A O   1 
ATOM   238  C  CB  . LYS A 1 31 ? 11.740  6.718   -1.423  1.00 41.54 ? 31   LYS A CB  1 
ATOM   239  C  CG  . LYS A 1 31 ? 11.093  7.294   -2.684  1.00 39.88 ? 31   LYS A CG  1 
ATOM   240  C  CD  . LYS A 1 31 ? 11.284  6.369   -3.872  1.00 39.94 ? 31   LYS A CD  1 
ATOM   241  C  CE  . LYS A 1 31 ? 10.749  6.977   -5.167  1.00 39.51 ? 31   LYS A CE  1 
ATOM   242  N  NZ  . LYS A 1 31 ? 11.004  6.084   -6.341  1.00 38.87 ? 31   LYS A NZ  1 
ATOM   243  N  N   . GLU A 1 32 ? 11.422  5.789   1.479   1.00 41.95 ? 32   GLU A N   1 
ATOM   244  C  CA  . GLU A 1 32 ? 11.822  5.003   2.645   1.00 41.66 ? 32   GLU A CA  1 
ATOM   245  C  C   . GLU A 1 32 ? 10.877  3.805   2.730   1.00 42.58 ? 32   GLU A C   1 
ATOM   246  O  O   . GLU A 1 32 ? 9.664   3.994   2.806   1.00 44.43 ? 32   GLU A O   1 
ATOM   247  C  CB  . GLU A 1 32 ? 11.683  5.850   3.912   1.00 40.52 ? 32   GLU A CB  1 
ATOM   248  C  CG  . GLU A 1 32 ? 12.141  5.175   5.192   1.00 38.95 ? 32   GLU A CG  1 
ATOM   249  C  CD  . GLU A 1 32 ? 13.539  5.585   5.596   1.00 38.17 ? 32   GLU A CD  1 
ATOM   250  O  OE1 . GLU A 1 32 ? 14.007  5.120   6.655   1.00 37.76 ? 32   GLU A OE1 1 
ATOM   251  O  OE2 . GLU A 1 32 ? 14.169  6.375   4.861   1.00 37.11 ? 32   GLU A OE2 1 
ATOM   252  N  N   . ASP A 1 33 ? 11.419  2.584   2.717   1.00 42.66 ? 33   ASP A N   1 
ATOM   253  C  CA  . ASP A 1 33 ? 10.606  1.357   2.781   1.00 41.54 ? 33   ASP A CA  1 
ATOM   254  C  C   . ASP A 1 33 ? 9.524   1.360   3.860   1.00 38.73 ? 33   ASP A C   1 
ATOM   255  O  O   . ASP A 1 33 ? 9.638   2.053   4.870   1.00 38.40 ? 33   ASP A O   1 
ATOM   256  C  CB  . ASP A 1 33 ? 11.490  0.120   3.009   1.00 46.33 ? 33   ASP A CB  1 
ATOM   257  C  CG  . ASP A 1 33 ? 12.265  -0.294  1.771   1.00 50.54 ? 33   ASP A CG  1 
ATOM   258  O  OD1 . ASP A 1 33 ? 12.646  -1.490  1.677   1.00 52.89 ? 33   ASP A OD1 1 
ATOM   259  O  OD2 . ASP A 1 33 ? 12.497  0.575   0.901   1.00 52.18 ? 33   ASP A OD2 1 
ATOM   260  N  N   . GLY A 1 34 ? 8.477   0.570   3.649   1.00 35.66 ? 34   GLY A N   1 
ATOM   261  C  CA  . GLY A 1 34 ? 7.428   0.500   4.645   1.00 34.25 ? 34   GLY A CA  1 
ATOM   262  C  C   . GLY A 1 34 ? 6.053   0.987   4.239   1.00 32.88 ? 34   GLY A C   1 
ATOM   263  O  O   . GLY A 1 34 ? 5.066   0.689   4.916   1.00 33.54 ? 34   GLY A O   1 
ATOM   264  N  N   . GLY A 1 35 ? 5.973   1.749   3.156   1.00 31.25 ? 35   GLY A N   1 
ATOM   265  C  CA  . GLY A 1 35 ? 4.678   2.235   2.711   1.00 29.64 ? 35   GLY A CA  1 
ATOM   266  C  C   . GLY A 1 35 ? 4.403   3.703   2.962   1.00 26.82 ? 35   GLY A C   1 
ATOM   267  O  O   . GLY A 1 35 ? 3.273   4.163   2.821   1.00 26.39 ? 35   GLY A O   1 
ATOM   268  N  N   . TRP A 1 36 ? 5.429   4.452   3.336   1.00 26.64 ? 36   TRP A N   1 
ATOM   269  C  CA  . TRP A 1 36 ? 5.247   5.872   3.595   1.00 25.46 ? 36   TRP A CA  1 
ATOM   270  C  C   . TRP A 1 36 ? 6.384   6.694   2.988   1.00 24.96 ? 36   TRP A C   1 
ATOM   271  O  O   . TRP A 1 36 ? 7.554   6.310   3.063   1.00 23.65 ? 36   TRP A O   1 
ATOM   272  C  CB  . TRP A 1 36 ? 5.144   6.137   5.115   1.00 22.84 ? 36   TRP A CB  1 
ATOM   273  C  CG  . TRP A 1 36 ? 3.932   5.512   5.757   1.00 19.99 ? 36   TRP A CG  1 
ATOM   274  C  CD1 . TRP A 1 36 ? 3.762   4.198   6.087   1.00 19.21 ? 36   TRP A CD1 1 
ATOM   275  C  CD2 . TRP A 1 36 ? 2.676   6.157   6.031   1.00 18.99 ? 36   TRP A CD2 1 
ATOM   276  N  NE1 . TRP A 1 36 ? 2.479   3.981   6.535   1.00 19.78 ? 36   TRP A NE1 1 
ATOM   277  C  CE2 . TRP A 1 36 ? 1.793   5.168   6.510   1.00 17.07 ? 36   TRP A CE2 1 
ATOM   278  C  CE3 . TRP A 1 36 ? 2.213   7.475   5.910   1.00 17.63 ? 36   TRP A CE3 1 
ATOM   279  C  CZ2 . TRP A 1 36 ? 0.473   5.455   6.869   1.00 18.64 ? 36   TRP A CZ2 1 
ATOM   280  C  CZ3 . TRP A 1 36 ? 0.897   7.758   6.265   1.00 17.27 ? 36   TRP A CZ3 1 
ATOM   281  C  CH2 . TRP A 1 36 ? 0.045   6.752   6.739   1.00 16.46 ? 36   TRP A CH2 1 
ATOM   282  N  N   . TRP A 1 37 ? 6.024   7.802   2.348   1.00 24.74 ? 37   TRP A N   1 
ATOM   283  C  CA  . TRP A 1 37 ? 7.014   8.695   1.767   1.00 27.43 ? 37   TRP A CA  1 
ATOM   284  C  C   . TRP A 1 37 ? 6.806   10.078  2.377   1.00 27.82 ? 37   TRP A C   1 
ATOM   285  O  O   . TRP A 1 37 ? 5.738   10.381  2.913   1.00 25.95 ? 37   TRP A O   1 
ATOM   286  C  CB  . TRP A 1 37 ? 6.883   8.785   0.224   1.00 29.02 ? 37   TRP A CB  1 
ATOM   287  C  CG  . TRP A 1 37 ? 7.456   7.605   -0.558  1.00 29.06 ? 37   TRP A CG  1 
ATOM   288  C  CD1 . TRP A 1 37 ? 8.276   6.619   -0.078  1.00 29.77 ? 37   TRP A CD1 1 
ATOM   289  C  CD2 . TRP A 1 37 ? 7.217   7.283   -1.943  1.00 30.48 ? 37   TRP A CD2 1 
ATOM   290  N  NE1 . TRP A 1 37 ? 8.553   5.703   -1.070  1.00 30.38 ? 37   TRP A NE1 1 
ATOM   291  C  CE2 . TRP A 1 37 ? 7.917   6.083   -2.223  1.00 30.09 ? 37   TRP A CE2 1 
ATOM   292  C  CE3 . TRP A 1 37 ? 6.476   7.888   -2.973  1.00 30.10 ? 37   TRP A CE3 1 
ATOM   293  C  CZ2 . TRP A 1 37 ? 7.894   5.475   -3.490  1.00 29.57 ? 37   TRP A CZ2 1 
ATOM   294  C  CZ3 . TRP A 1 37 ? 6.458   7.277   -4.236  1.00 27.50 ? 37   TRP A CZ3 1 
ATOM   295  C  CH2 . TRP A 1 37 ? 7.161   6.085   -4.478  1.00 26.90 ? 37   TRP A CH2 1 
ATOM   296  N  N   . GLU A 1 38 ? 7.851   10.899  2.312   1.00 30.75 ? 38   GLU A N   1 
ATOM   297  C  CA  . GLU A 1 38 ? 7.811   12.269  2.806   1.00 30.99 ? 38   GLU A CA  1 
ATOM   298  C  C   . GLU A 1 38 ? 7.942   13.161  1.577   1.00 32.48 ? 38   GLU A C   1 
ATOM   299  O  O   . GLU A 1 38 ? 8.910   13.065  0.808   1.00 30.74 ? 38   GLU A O   1 
ATOM   300  C  CB  . GLU A 1 38 ? 8.963   12.522  3.761   1.00 34.01 ? 38   GLU A CB  1 
ATOM   301  C  CG  . GLU A 1 38 ? 9.122   13.969  4.168   1.00 39.14 ? 38   GLU A CG  1 
ATOM   302  C  CD  . GLU A 1 38 ? 10.293  14.167  5.112   1.00 42.44 ? 38   GLU A CD  1 
ATOM   303  O  OE1 . GLU A 1 38 ? 10.216  13.669  6.257   1.00 45.00 ? 38   GLU A OE1 1 
ATOM   304  O  OE2 . GLU A 1 38 ? 11.291  14.807  4.708   1.00 43.75 ? 38   GLU A OE2 1 
ATOM   305  N  N   . GLY A 1 39 ? 6.946   14.010  1.382   1.00 33.24 ? 39   GLY A N   1 
ATOM   306  C  CA  . GLY A 1 39 ? 6.958   14.885  0.232   1.00 34.58 ? 39   GLY A CA  1 
ATOM   307  C  C   . GLY A 1 39 ? 6.309   16.200  0.561   1.00 35.34 ? 39   GLY A C   1 
ATOM   308  O  O   . GLY A 1 39 ? 5.961   16.462  1.714   1.00 34.06 ? 39   GLY A O   1 
ATOM   309  N  N   . GLN A 1 40 ? 6.120   17.024  -0.459  1.00 37.24 ? 40   GLN A N   1 
ATOM   310  C  CA  . GLN A 1 40 ? 5.534   18.320  -0.235  1.00 38.76 ? 40   GLN A CA  1 
ATOM   311  C  C   . GLN A 1 40 ? 4.511   18.783  -1.256  1.00 39.70 ? 40   GLN A C   1 
ATOM   312  O  O   . GLN A 1 40 ? 4.658   18.556  -2.460  1.00 39.22 ? 40   GLN A O   1 
ATOM   313  C  CB  . GLN A 1 40 ? 6.651   19.348  -0.132  1.00 40.32 ? 40   GLN A CB  1 
ATOM   314  C  CG  . GLN A 1 40 ? 6.171   20.770  0.018   1.00 44.20 ? 40   GLN A CG  1 
ATOM   315  C  CD  . GLN A 1 40 ? 7.270   21.694  0.490   1.00 46.20 ? 40   GLN A CD  1 
ATOM   316  O  OE1 . GLN A 1 40 ? 8.402   21.614  0.016   1.00 47.06 ? 40   GLN A OE1 1 
ATOM   317  N  NE2 . GLN A 1 40 ? 6.943   22.583  1.427   1.00 48.08 ? 40   GLN A NE2 1 
ATOM   318  N  N   . ILE A 1 41 ? 3.468   19.426  -0.733  1.00 40.88 ? 41   ILE A N   1 
ATOM   319  C  CA  . ILE A 1 41 ? 2.388   20.018  -1.518  1.00 41.69 ? 41   ILE A CA  1 
ATOM   320  C  C   . ILE A 1 41 ? 2.274   21.416  -0.931  1.00 43.78 ? 41   ILE A C   1 
ATOM   321  O  O   . ILE A 1 41 ? 2.280   21.564  0.292   1.00 43.53 ? 41   ILE A O   1 
ATOM   322  C  CB  . ILE A 1 41 ? 1.029   19.344  -1.283  1.00 40.01 ? 41   ILE A CB  1 
ATOM   323  C  CG1 . ILE A 1 41 ? 1.138   17.836  -1.504  1.00 40.08 ? 41   ILE A CG1 1 
ATOM   324  C  CG2 . ILE A 1 41 ? -0.010  19.957  -2.220  1.00 37.69 ? 41   ILE A CG2 1 
ATOM   325  C  CD1 . ILE A 1 41 ? -0.077  17.062  -1.006  1.00 39.23 ? 41   ILE A CD1 1 
ATOM   326  N  N   . ASN A 1 42 ? 2.156   22.430  -1.786  1.00 46.41 ? 42   ASN A N   1 
ATOM   327  C  CA  . ASN A 1 42 ? 2.053   23.821  -1.327  1.00 49.51 ? 42   ASN A CA  1 
ATOM   328  C  C   . ASN A 1 42 ? 3.249   24.123  -0.425  1.00 49.83 ? 42   ASN A C   1 
ATOM   329  O  O   . ASN A 1 42 ? 4.411   23.932  -0.805  1.00 50.12 ? 42   ASN A O   1 
ATOM   330  C  CB  . ASN A 1 42 ? 0.770   24.050  -0.503  1.00 52.00 ? 42   ASN A CB  1 
ATOM   331  C  CG  . ASN A 1 42 ? -0.498  23.830  -1.299  1.00 53.45 ? 42   ASN A CG  1 
ATOM   332  O  OD1 . ASN A 1 42 ? -0.692  24.433  -2.356  1.00 53.62 ? 42   ASN A OD1 1 
ATOM   333  N  ND2 . ASN A 1 42 ? -1.382  22.973  -0.783  1.00 53.37 ? 42   ASN A ND2 1 
ATOM   334  N  N   . GLY A 1 43 ? 2.941   24.596  0.778   1.00 49.21 ? 43   GLY A N   1 
ATOM   335  C  CA  . GLY A 1 43 ? 3.974   24.886  1.745   1.00 48.65 ? 43   GLY A CA  1 
ATOM   336  C  C   . GLY A 1 43 ? 3.952   23.808  2.808   1.00 48.67 ? 43   GLY A C   1 
ATOM   337  O  O   . GLY A 1 43 ? 4.712   23.869  3.777   1.00 48.65 ? 43   GLY A O   1 
ATOM   338  N  N   . ARG A 1 44 ? 3.084   22.811  2.624   1.00 48.84 ? 44   ARG A N   1 
ATOM   339  C  CA  . ARG A 1 44 ? 2.966   21.723  3.585   1.00 48.08 ? 44   ARG A CA  1 
ATOM   340  C  C   . ARG A 1 44 ? 3.748   20.475  3.214   1.00 46.85 ? 44   ARG A C   1 
ATOM   341  O  O   . ARG A 1 44 ? 3.790   20.070  2.051   1.00 47.26 ? 44   ARG A O   1 
ATOM   342  C  CB  . ARG A 1 44 ? 1.495   21.368  3.822   1.00 49.19 ? 44   ARG A CB  1 
ATOM   343  C  CG  . ARG A 1 44 ? 1.155   21.378  5.308   1.00 52.73 ? 44   ARG A CG  1 
ATOM   344  C  CD  . ARG A 1 44 ? -0.328  21.231  5.609   1.00 55.98 ? 44   ARG A CD  1 
ATOM   345  N  NE  . ARG A 1 44 ? -0.597  21.387  7.043   1.00 58.80 ? 44   ARG A NE  1 
ATOM   346  C  CZ  . ARG A 1 44 ? -0.072  20.623  8.003   1.00 60.56 ? 44   ARG A CZ  1 
ATOM   347  N  NH1 . ARG A 1 44 ? 0.761   19.629  7.697   1.00 61.62 ? 44   ARG A NH1 1 
ATOM   348  N  NH2 . ARG A 1 44 ? -0.377  20.854  9.275   1.00 60.13 ? 44   ARG A NH2 1 
ATOM   349  N  N   . ARG A 1 45 ? 4.384   19.890  4.225   1.00 45.62 ? 45   ARG A N   1 
ATOM   350  C  CA  . ARG A 1 45 ? 5.175   18.679  4.063   1.00 45.20 ? 45   ARG A CA  1 
ATOM   351  C  C   . ARG A 1 45 ? 4.757   17.678  5.132   1.00 43.09 ? 45   ARG A C   1 
ATOM   352  O  O   . ARG A 1 45 ? 4.250   18.057  6.190   1.00 42.46 ? 45   ARG A O   1 
ATOM   353  C  CB  . ARG A 1 45 ? 6.669   18.983  4.206   1.00 47.29 ? 45   ARG A CB  1 
ATOM   354  C  CG  . ARG A 1 45 ? 7.553   17.746  4.061   1.00 50.67 ? 45   ARG A CG  1 
ATOM   355  C  CD  . ARG A 1 45 ? 9.038   18.087  4.107   1.00 53.09 ? 45   ARG A CD  1 
ATOM   356  N  NE  . ARG A 1 45 ? 9.870   16.992  3.605   1.00 55.84 ? 45   ARG A NE  1 
ATOM   357  C  CZ  . ARG A 1 45 ? 9.825   16.522  2.358   1.00 56.47 ? 45   ARG A CZ  1 
ATOM   358  N  NH1 . ARG A 1 45 ? 8.985   17.045  1.471   1.00 56.68 ? 45   ARG A NH1 1 
ATOM   359  N  NH2 . ARG A 1 45 ? 10.623  15.525  1.994   1.00 57.34 ? 45   ARG A NH2 1 
ATOM   360  N  N   . GLY A 1 46 ? 4.972   16.400  4.854   1.00 40.49 ? 46   GLY A N   1 
ATOM   361  C  CA  . GLY A 1 46 ? 4.601   15.378  5.811   1.00 37.13 ? 46   GLY A CA  1 
ATOM   362  C  C   . GLY A 1 46 ? 4.727   13.996  5.219   1.00 34.50 ? 46   GLY A C   1 
ATOM   363  O  O   . GLY A 1 46 ? 5.216   13.829  4.104   1.00 33.39 ? 46   GLY A O   1 
ATOM   364  N  N   . LEU A 1 47 ? 4.290   13.000  5.976   1.00 33.56 ? 47   LEU A N   1 
ATOM   365  C  CA  . LEU A 1 47 ? 4.353   11.618  5.525   1.00 31.58 ? 47   LEU A CA  1 
ATOM   366  C  C   . LEU A 1 47 ? 3.014   11.178  4.963   1.00 30.13 ? 47   LEU A C   1 
ATOM   367  O  O   . LEU A 1 47 ? 1.963   11.473  5.534   1.00 28.69 ? 47   LEU A O   1 
ATOM   368  C  CB  . LEU A 1 47 ? 4.744   10.696  6.680   1.00 31.05 ? 47   LEU A CB  1 
ATOM   369  C  CG  . LEU A 1 47 ? 6.226   10.661  7.039   1.00 31.21 ? 47   LEU A CG  1 
ATOM   370  C  CD1 . LEU A 1 47 ? 6.420   9.782   8.247   1.00 32.68 ? 47   LEU A CD1 1 
ATOM   371  C  CD2 . LEU A 1 47 ? 7.030   10.135  5.862   1.00 31.38 ? 47   LEU A CD2 1 
ATOM   372  N  N   . PHE A 1 48 ? 3.061   10.462  3.846   1.00 28.45 ? 48   PHE A N   1 
ATOM   373  C  CA  . PHE A 1 48 ? 1.850   9.970   3.205   1.00 27.55 ? 48   PHE A CA  1 
ATOM   374  C  C   . PHE A 1 48 ? 2.136   8.578   2.634   1.00 26.06 ? 48   PHE A C   1 
ATOM   375  O  O   . PHE A 1 48 ? 3.288   8.249   2.345   1.00 25.48 ? 48   PHE A O   1 
ATOM   376  C  CB  . PHE A 1 48 ? 1.462   10.926  2.080   1.00 27.41 ? 48   PHE A CB  1 
ATOM   377  C  CG  . PHE A 1 48 ? 2.515   11.045  1.024   1.00 28.00 ? 48   PHE A CG  1 
ATOM   378  C  CD1 . PHE A 1 48 ? 2.633   10.077  0.026   1.00 27.43 ? 48   PHE A CD1 1 
ATOM   379  C  CD2 . PHE A 1 48 ? 3.440   12.071  1.070   1.00 25.78 ? 48   PHE A CD2 1 
ATOM   380  C  CE1 . PHE A 1 48 ? 3.660   10.129  -0.902  1.00 25.75 ? 48   PHE A CE1 1 
ATOM   381  C  CE2 . PHE A 1 48 ? 4.470   12.129  0.146   1.00 26.58 ? 48   PHE A CE2 1 
ATOM   382  C  CZ  . PHE A 1 48 ? 4.580   11.155  -0.842  1.00 26.43 ? 48   PHE A CZ  1 
ATOM   383  N  N   . PRO A 1 49 ? 1.093   7.736   2.485   1.00 25.98 ? 49   PRO A N   1 
ATOM   384  C  CA  . PRO A 1 49 ? 1.296   6.384   1.933   1.00 25.37 ? 49   PRO A CA  1 
ATOM   385  C  C   . PRO A 1 49 ? 1.653   6.437   0.430   1.00 25.16 ? 49   PRO A C   1 
ATOM   386  O  O   . PRO A 1 49 ? 0.902   6.995   -0.376  1.00 24.90 ? 49   PRO A O   1 
ATOM   387  C  CB  . PRO A 1 49 ? -0.037  5.686   2.227   1.00 24.93 ? 49   PRO A CB  1 
ATOM   388  C  CG  . PRO A 1 49 ? -1.028  6.820   2.299   1.00 25.13 ? 49   PRO A CG  1 
ATOM   389  C  CD  . PRO A 1 49 ? -0.277  7.901   3.008   1.00 24.21 ? 49   PRO A CD  1 
ATOM   390  N  N   . ASP A 1 50 ? 2.794   5.854   0.063   1.00 23.67 ? 50   ASP A N   1 
ATOM   391  C  CA  . ASP A 1 50 ? 3.266   5.886   -1.322  1.00 25.39 ? 50   ASP A CA  1 
ATOM   392  C  C   . ASP A 1 50 ? 2.419   5.176   -2.367  1.00 25.90 ? 50   ASP A C   1 
ATOM   393  O  O   . ASP A 1 50 ? 2.442   5.549   -3.538  1.00 26.26 ? 50   ASP A O   1 
ATOM   394  C  CB  . ASP A 1 50 ? 4.719   5.384   -1.410  1.00 24.81 ? 50   ASP A CB  1 
ATOM   395  C  CG  . ASP A 1 50 ? 4.861   3.899   -1.158  1.00 22.26 ? 50   ASP A CG  1 
ATOM   396  O  OD1 . ASP A 1 50 ? 4.476   3.083   -2.017  1.00 26.41 ? 50   ASP A OD1 1 
ATOM   397  O  OD2 . ASP A 1 50 ? 5.377   3.541   -0.093  1.00 25.60 ? 50   ASP A OD2 1 
ATOM   398  N  N   . ASN A 1 51 ? 1.668   4.162   -1.946  1.00 26.66 ? 51   ASN A N   1 
ATOM   399  C  CA  . ASN A 1 51 ? 0.810   3.414   -2.852  1.00 24.81 ? 51   ASN A CA  1 
ATOM   400  C  C   . ASN A 1 51 ? -0.435  4.250   -3.155  1.00 25.85 ? 51   ASN A C   1 
ATOM   401  O  O   . ASN A 1 51 ? -1.320  3.824   -3.903  1.00 23.63 ? 51   ASN A O   1 
ATOM   402  C  CB  . ASN A 1 51 ? 0.431   2.078   -2.214  1.00 24.58 ? 51   ASN A CB  1 
ATOM   403  C  CG  . ASN A 1 51 ? -0.342  2.254   -0.921  1.00 24.30 ? 51   ASN A CG  1 
ATOM   404  O  OD1 . ASN A 1 51 ? -0.059  3.163   -0.144  1.00 25.44 ? 51   ASN A OD1 1 
ATOM   405  N  ND2 . ASN A 1 51 ? -1.318  1.378   -0.681  1.00 21.36 ? 51   ASN A ND2 1 
ATOM   406  N  N   . PHE A 1 52 ? -0.490  5.446   -2.569  1.00 25.61 ? 52   PHE A N   1 
ATOM   407  C  CA  . PHE A 1 52 ? -1.610  6.362   -2.786  1.00 25.92 ? 52   PHE A CA  1 
ATOM   408  C  C   . PHE A 1 52 ? -1.288  7.410   -3.844  1.00 26.13 ? 52   PHE A C   1 
ATOM   409  O  O   . PHE A 1 52 ? -2.107  8.266   -4.154  1.00 26.85 ? 52   PHE A O   1 
ATOM   410  C  CB  . PHE A 1 52 ? -1.985  7.084   -1.495  1.00 25.39 ? 52   PHE A CB  1 
ATOM   411  C  CG  . PHE A 1 52 ? -2.920  6.315   -0.616  1.00 25.19 ? 52   PHE A CG  1 
ATOM   412  C  CD1 . PHE A 1 52 ? -4.024  6.948   -0.048  1.00 22.76 ? 52   PHE A CD1 1 
ATOM   413  C  CD2 . PHE A 1 52 ? -2.692  4.966   -0.338  1.00 26.22 ? 52   PHE A CD2 1 
ATOM   414  C  CE1 . PHE A 1 52 ? -4.889  6.259   0.776   1.00 24.17 ? 52   PHE A CE1 1 
ATOM   415  C  CE2 . PHE A 1 52 ? -3.550  4.260   0.491   1.00 25.88 ? 52   PHE A CE2 1 
ATOM   416  C  CZ  . PHE A 1 52 ? -4.655  4.907   1.050   1.00 26.89 ? 52   PHE A CZ  1 
ATOM   417  N  N   . VAL A 1 53 ? -0.089  7.354   -4.395  1.00 26.58 ? 53   VAL A N   1 
ATOM   418  C  CA  . VAL A 1 53 ? 0.282   8.315   -5.414  1.00 27.12 ? 53   VAL A CA  1 
ATOM   419  C  C   . VAL A 1 53 ? 1.091   7.617   -6.468  1.00 27.80 ? 53   VAL A C   1 
ATOM   420  O  O   . VAL A 1 53 ? 1.595   6.515   -6.251  1.00 29.17 ? 53   VAL A O   1 
ATOM   421  C  CB  . VAL A 1 53 ? 1.137   9.460   -4.844  1.00 26.82 ? 53   VAL A CB  1 
ATOM   422  C  CG1 . VAL A 1 53 ? 0.367   10.201  -3.766  1.00 24.41 ? 53   VAL A CG1 1 
ATOM   423  C  CG2 . VAL A 1 53 ? 2.462   8.900   -4.308  1.00 25.05 ? 53   VAL A CG2 1 
ATOM   424  N  N   . ARG A 1 54 ? 1.203   8.266   -7.619  1.00 29.14 ? 54   ARG A N   1 
ATOM   425  C  CA  . ARG A 1 54 ? 1.977   7.729   -8.723  1.00 29.51 ? 54   ARG A CA  1 
ATOM   426  C  C   . ARG A 1 54 ? 3.190   8.626   -8.917  1.00 30.70 ? 54   ARG A C   1 
ATOM   427  O  O   . ARG A 1 54 ? 3.068   9.863   -8.961  1.00 29.61 ? 54   ARG A O   1 
ATOM   428  C  CB  . ARG A 1 54 ? 1.132   7.690   -9.998  1.00 29.45 ? 54   ARG A CB  1 
ATOM   429  C  CG  . ARG A 1 54 ? -0.075  6.768   -9.912  1.00 27.70 ? 54   ARG A CG  1 
ATOM   430  C  CD  . ARG A 1 54 ? 0.339   5.315   -9.764  1.00 27.24 ? 54   ARG A CD  1 
ATOM   431  N  NE  . ARG A 1 54 ? -0.824  4.439   -9.799  1.00 28.14 ? 54   ARG A NE  1 
ATOM   432  C  CZ  . ARG A 1 54 ? -0.834  3.238   -10.361 1.00 27.25 ? 54   ARG A CZ  1 
ATOM   433  N  NH1 . ARG A 1 54 ? 0.265   2.770   -10.931 1.00 28.21 ? 54   ARG A NH1 1 
ATOM   434  N  NH2 . ARG A 1 54 ? -1.947  2.520   -10.382 1.00 25.89 ? 54   ARG A NH2 1 
ATOM   435  N  N   . GLU A 1 55 ? 4.360   7.992   -9.008  1.00 31.05 ? 55   GLU A N   1 
ATOM   436  C  CA  . GLU A 1 55 ? 5.617   8.702   -9.201  1.00 31.30 ? 55   GLU A CA  1 
ATOM   437  C  C   . GLU A 1 55 ? 5.746   9.103   -10.659 1.00 31.35 ? 55   GLU A C   1 
ATOM   438  O  O   . GLU A 1 55 ? 5.751   8.248   -11.542 1.00 30.30 ? 55   GLU A O   1 
ATOM   439  C  CB  . GLU A 1 55 ? 6.789   7.813   -8.795  1.00 31.10 ? 55   GLU A CB  1 
ATOM   440  C  CG  . GLU A 1 55 ? 8.136   8.433   -9.067  1.00 33.29 ? 55   GLU A CG  1 
ATOM   441  C  CD  . GLU A 1 55 ? 9.270   7.644   -8.464  1.00 33.69 ? 55   GLU A CD  1 
ATOM   442  O  OE1 . GLU A 1 55 ? 9.211   6.392   -8.486  1.00 36.26 ? 55   GLU A OE1 1 
ATOM   443  O  OE2 . GLU A 1 55 ? 10.225  8.283   -7.980  1.00 34.64 ? 55   GLU A OE2 1 
ATOM   444  N  N   . ILE A 1 56 ? 5.845   10.410  -10.898 1.00 32.86 ? 56   ILE A N   1 
ATOM   445  C  CA  . ILE A 1 56 ? 5.947   10.961  -12.247 1.00 35.22 ? 56   ILE A CA  1 
ATOM   446  C  C   . ILE A 1 56 ? 7.260   10.626  -12.952 1.00 37.09 ? 56   ILE A C   1 
ATOM   447  O  O   . ILE A 1 56 ? 8.340   10.701  -12.355 1.00 36.94 ? 56   ILE A O   1 
ATOM   448  C  CB  . ILE A 1 56 ? 5.783   12.503  -12.237 1.00 35.37 ? 56   ILE A CB  1 
ATOM   449  C  CG1 . ILE A 1 56 ? 4.432   12.886  -11.628 1.00 34.48 ? 56   ILE A CG1 1 
ATOM   450  C  CG2 . ILE A 1 56 ? 5.880   13.048  -13.658 1.00 36.42 ? 56   ILE A CG2 1 
ATOM   451  C  CD1 . ILE A 1 56 ? 4.242   14.382  -11.447 1.00 34.73 ? 56   ILE A CD1 1 
ATOM   452  N  N   . LYS A 1 57 ? 7.143   10.267  -14.232 1.00 38.79 ? 57   LYS A N   1 
ATOM   453  C  CA  . LYS A 1 57 ? 8.286   9.910   -15.081 1.00 40.13 ? 57   LYS A CA  1 
ATOM   454  C  C   . LYS A 1 57 ? 8.757   11.104  -15.909 1.00 39.38 ? 57   LYS A C   1 
ATOM   455  O  O   . LYS A 1 57 ? 9.975   11.386  -15.877 1.00 39.12 ? 57   LYS A O   1 
ATOM   456  C  CB  . LYS A 1 57 ? 7.906   8.742   -16.013 1.00 41.24 ? 57   LYS A CB  1 
ATOM   457  C  CG  . LYS A 1 57 ? 8.968   8.352   -17.040 1.00 41.47 ? 57   LYS A CG  1 
ATOM   458  C  CD  . LYS A 1 57 ? 8.698   6.954   -17.587 1.00 44.47 ? 57   LYS A CD  1 
ATOM   459  C  CE  . LYS A 1 57 ? 8.891   5.875   -16.498 1.00 46.23 ? 57   LYS A CE  1 
ATOM   460  N  NZ  . LYS A 1 57 ? 8.520   4.473   -16.903 1.00 44.11 ? 57   LYS A NZ  1 
ATOM   461  N  N   . LYS A 1 58 ? 7.907   11.737  -16.577 1.00 39.67 ? 58   LYS A N   1 
ATOM   462  N  N   . VAL B 1 2  ? 2.392   -17.975 -9.226  1.00 38.57 ? 2    VAL B N   1 
ATOM   463  C  CA  . VAL B 1 2  ? 2.863   -16.797 -8.440  1.00 35.98 ? 2    VAL B CA  1 
ATOM   464  C  C   . VAL B 1 2  ? 2.606   -17.004 -6.956  1.00 34.97 ? 2    VAL B C   1 
ATOM   465  O  O   . VAL B 1 2  ? 1.474   -17.247 -6.533  1.00 33.68 ? 2    VAL B O   1 
ATOM   466  C  CB  . VAL B 1 2  ? 2.155   -15.503 -8.892  1.00 36.15 ? 2    VAL B CB  1 
ATOM   467  C  CG1 . VAL B 1 2  ? 2.567   -14.346 -8.001  1.00 35.03 ? 2    VAL B CG1 1 
ATOM   468  C  CG2 . VAL B 1 2  ? 2.504   -15.205 -10.347 1.00 36.28 ? 2    VAL B CG2 1 
ATOM   469  N  N   . GLU B 1 3  ? 3.679   -16.919 -6.174  1.00 34.96 ? 3    GLU B N   1 
ATOM   470  C  CA  . GLU B 1 3  ? 3.605   -17.081 -4.730  1.00 32.91 ? 3    GLU B CA  1 
ATOM   471  C  C   . GLU B 1 3  ? 4.172   -15.836 -4.083  1.00 30.45 ? 3    GLU B C   1 
ATOM   472  O  O   . GLU B 1 3  ? 4.883   -15.058 -4.716  1.00 28.96 ? 3    GLU B O   1 
ATOM   473  C  CB  . GLU B 1 3  ? 4.424   -18.288 -4.265  1.00 35.77 ? 3    GLU B CB  1 
ATOM   474  C  CG  . GLU B 1 3  ? 3.984   -19.627 -4.823  1.00 39.82 ? 3    GLU B CG  1 
ATOM   475  C  CD  . GLU B 1 3  ? 4.335   -19.796 -6.289  1.00 43.53 ? 3    GLU B CD  1 
ATOM   476  O  OE1 . GLU B 1 3  ? 5.528   -19.627 -6.635  1.00 45.38 ? 3    GLU B OE1 1 
ATOM   477  O  OE2 . GLU B 1 3  ? 3.420   -20.103 -7.091  1.00 45.03 ? 3    GLU B OE2 1 
ATOM   478  N  N   . ALA B 1 4  ? 3.860   -15.653 -2.810  1.00 27.75 ? 4    ALA B N   1 
ATOM   479  C  CA  . ALA B 1 4  ? 4.364   -14.510 -2.075  1.00 27.50 ? 4    ALA B CA  1 
ATOM   480  C  C   . ALA B 1 4  ? 4.374   -14.833 -0.597  1.00 26.98 ? 4    ALA B C   1 
ATOM   481  O  O   . ALA B 1 4  ? 3.737   -15.785 -0.146  1.00 27.95 ? 4    ALA B O   1 
ATOM   482  C  CB  . ALA B 1 4  ? 3.492   -13.292 -2.335  1.00 27.78 ? 4    ALA B CB  1 
ATOM   483  N  N   . ILE B 1 5  ? 5.107   -14.034 0.160   1.00 28.23 ? 5    ILE B N   1 
ATOM   484  C  CA  . ILE B 1 5  ? 5.183   -14.232 1.598   1.00 27.52 ? 5    ILE B CA  1 
ATOM   485  C  C   . ILE B 1 5  ? 4.726   -12.942 2.275   1.00 26.11 ? 5    ILE B C   1 
ATOM   486  O  O   . ILE B 1 5  ? 5.076   -11.837 1.842   1.00 24.39 ? 5    ILE B O   1 
ATOM   487  C  CB  . ILE B 1 5  ? 6.623   -14.617 2.021   1.00 29.56 ? 5    ILE B CB  1 
ATOM   488  C  CG1 . ILE B 1 5  ? 6.713   -14.776 3.545   1.00 28.41 ? 5    ILE B CG1 1 
ATOM   489  C  CG2 . ILE B 1 5  ? 7.595   -13.590 1.477   1.00 29.49 ? 5    ILE B CG2 1 
ATOM   490  C  CD1 . ILE B 1 5  ? 8.043   -15.359 4.026   1.00 28.43 ? 5    ILE B CD1 1 
ATOM   491  N  N   . VAL B 1 6  ? 3.929   -13.110 3.330   1.00 25.32 ? 6    VAL B N   1 
ATOM   492  C  CA  . VAL B 1 6  ? 3.349   -12.006 4.088   1.00 24.91 ? 6    VAL B CA  1 
ATOM   493  C  C   . VAL B 1 6  ? 4.353   -11.213 4.910   1.00 26.18 ? 6    VAL B C   1 
ATOM   494  O  O   . VAL B 1 6  ? 5.023   -11.766 5.782   1.00 26.18 ? 6    VAL B O   1 
ATOM   495  C  CB  . VAL B 1 6  ? 2.243   -12.522 5.048   1.00 24.54 ? 6    VAL B CB  1 
ATOM   496  C  CG1 . VAL B 1 6  ? 1.455   -11.353 5.621   1.00 21.45 ? 6    VAL B CG1 1 
ATOM   497  C  CG2 . VAL B 1 6  ? 1.318   -13.485 4.313   1.00 22.35 ? 6    VAL B CG2 1 
ATOM   498  N  N   . GLU B 1 7  ? 4.440   -9.910  4.636   1.00 27.22 ? 7    GLU B N   1 
ATOM   499  C  CA  . GLU B 1 7  ? 5.345   -9.023  5.364   1.00 27.04 ? 7    GLU B CA  1 
ATOM   500  C  C   . GLU B 1 7  ? 4.620   -8.297  6.502   1.00 28.18 ? 7    GLU B C   1 
ATOM   501  O  O   . GLU B 1 7  ? 5.188   -8.099  7.581   1.00 26.92 ? 7    GLU B O   1 
ATOM   502  C  CB  . GLU B 1 7  ? 5.969   -7.994  4.417   1.00 25.94 ? 7    GLU B CB  1 
ATOM   503  C  CG  . GLU B 1 7  ? 7.011   -7.134  5.098   1.00 25.89 ? 7    GLU B CG  1 
ATOM   504  C  CD  . GLU B 1 7  ? 7.698   -6.190  4.152   1.00 25.09 ? 7    GLU B CD  1 
ATOM   505  O  OE1 . GLU B 1 7  ? 8.625   -5.483  4.602   1.00 25.31 ? 7    GLU B OE1 1 
ATOM   506  O  OE2 . GLU B 1 7  ? 7.311   -6.156  2.966   1.00 24.90 ? 7    GLU B OE2 1 
ATOM   507  N  N   . PHE B 1 8  ? 3.369   -7.899  6.256   1.00 28.47 ? 8    PHE B N   1 
ATOM   508  C  CA  . PHE B 1 8  ? 2.566   -7.203  7.267   1.00 28.50 ? 8    PHE B CA  1 
ATOM   509  C  C   . PHE B 1 8  ? 1.204   -7.871  7.426   1.00 29.75 ? 8    PHE B C   1 
ATOM   510  O  O   . PHE B 1 8  ? 0.621   -8.342  6.444   1.00 29.78 ? 8    PHE B O   1 
ATOM   511  C  CB  . PHE B 1 8  ? 2.345   -5.738  6.880   1.00 25.50 ? 8    PHE B CB  1 
ATOM   512  C  CG  . PHE B 1 8  ? 3.606   -4.988  6.589   1.00 23.61 ? 8    PHE B CG  1 
ATOM   513  C  CD1 . PHE B 1 8  ? 4.024   -4.793  5.278   1.00 23.14 ? 8    PHE B CD1 1 
ATOM   514  C  CD2 . PHE B 1 8  ? 4.386   -4.487  7.624   1.00 23.26 ? 8    PHE B CD2 1 
ATOM   515  C  CE1 . PHE B 1 8  ? 5.198   -4.113  5.003   1.00 22.25 ? 8    PHE B CE1 1 
ATOM   516  C  CE2 . PHE B 1 8  ? 5.563   -3.802  7.360   1.00 21.52 ? 8    PHE B CE2 1 
ATOM   517  C  CZ  . PHE B 1 8  ? 5.970   -3.615  6.043   1.00 22.52 ? 8    PHE B CZ  1 
ATOM   518  N  N   . ASP B 1 9  ? 0.700   -7.912  8.660   1.00 31.61 ? 9    ASP B N   1 
ATOM   519  C  CA  . ASP B 1 9  ? -0.615  -8.504  8.929   1.00 32.46 ? 9    ASP B CA  1 
ATOM   520  C  C   . ASP B 1 9  ? -1.705  -7.639  8.314   1.00 31.48 ? 9    ASP B C   1 
ATOM   521  O  O   . ASP B 1 9  ? -1.551  -6.426  8.178   1.00 30.13 ? 9    ASP B O   1 
ATOM   522  C  CB  . ASP B 1 9  ? -0.909  -8.594  10.433  1.00 34.05 ? 9    ASP B CB  1 
ATOM   523  C  CG  . ASP B 1 9  ? -0.035  -9.600  11.160  1.00 37.34 ? 9    ASP B CG  1 
ATOM   524  O  OD1 . ASP B 1 9  ? 0.451   -10.559 10.519  1.00 37.80 ? 9    ASP B OD1 1 
ATOM   525  O  OD2 . ASP B 1 9  ? 0.148   -9.440  12.390  1.00 40.38 ? 9    ASP B OD2 1 
ATOM   526  N  N   . TYR B 1 10 ? -2.809  -8.270  7.941   1.00 32.22 ? 10   TYR B N   1 
ATOM   527  C  CA  . TYR B 1 10 ? -3.942  -7.537  7.398   1.00 32.20 ? 10   TYR B CA  1 
ATOM   528  C  C   . TYR B 1 10 ? -5.215  -8.304  7.684   1.00 32.81 ? 10   TYR B C   1 
ATOM   529  O  O   . TYR B 1 10 ? -5.280  -9.516  7.452   1.00 30.64 ? 10   TYR B O   1 
ATOM   530  C  CB  . TYR B 1 10 ? -3.814  -7.320  5.893   1.00 32.61 ? 10   TYR B CB  1 
ATOM   531  C  CG  . TYR B 1 10 ? -5.026  -6.628  5.315   1.00 31.86 ? 10   TYR B CG  1 
ATOM   532  C  CD1 . TYR B 1 10 ? -5.976  -7.341  4.584   1.00 30.82 ? 10   TYR B CD1 1 
ATOM   533  C  CD2 . TYR B 1 10 ? -5.260  -5.275  5.562   1.00 32.10 ? 10   TYR B CD2 1 
ATOM   534  C  CE1 . TYR B 1 10 ? -7.134  -6.723  4.116   1.00 32.83 ? 10   TYR B CE1 1 
ATOM   535  C  CE2 . TYR B 1 10 ? -6.420  -4.646  5.101   1.00 33.08 ? 10   TYR B CE2 1 
ATOM   536  C  CZ  . TYR B 1 10 ? -7.349  -5.378  4.382   1.00 32.67 ? 10   TYR B CZ  1 
ATOM   537  O  OH  . TYR B 1 10 ? -8.497  -4.770  3.942   1.00 32.52 ? 10   TYR B OH  1 
ATOM   538  N  N   . GLN B 1 11 ? -6.218  -7.597  8.203   1.00 33.02 ? 11   GLN B N   1 
ATOM   539  C  CA  . GLN B 1 11 ? -7.494  -8.220  8.509   1.00 34.06 ? 11   GLN B CA  1 
ATOM   540  C  C   . GLN B 1 11 ? -8.518  -7.880  7.439   1.00 34.13 ? 11   GLN B C   1 
ATOM   541  O  O   . GLN B 1 11 ? -8.719  -6.713  7.110   1.00 34.96 ? 11   GLN B O   1 
ATOM   542  C  CB  . GLN B 1 11 ? -8.003  -7.767  9.879   1.00 36.17 ? 11   GLN B CB  1 
ATOM   543  C  CG  . GLN B 1 11 ? -9.415  -8.267  10.229  1.00 38.99 ? 11   GLN B CG  1 
ATOM   544  C  CD  . GLN B 1 11 ? -9.633  -9.757  9.939   1.00 40.78 ? 11   GLN B CD  1 
ATOM   545  O  OE1 . GLN B 1 11 ? -8.853  -10.613 10.369  1.00 41.69 ? 11   GLN B OE1 1 
ATOM   546  N  NE2 . GLN B 1 11 ? -10.708 -10.066 9.213   1.00 38.93 ? 11   GLN B NE2 1 
ATOM   547  N  N   . ALA B 1 12 ? -9.151  -8.912  6.889   1.00 33.85 ? 12   ALA B N   1 
ATOM   548  C  CA  . ALA B 1 12 ? -10.159 -8.722  5.864   1.00 33.88 ? 12   ALA B CA  1 
ATOM   549  C  C   . ALA B 1 12 ? -11.158 -7.696  6.374   1.00 34.91 ? 12   ALA B C   1 
ATOM   550  O  O   . ALA B 1 12 ? -11.321 -7.507  7.580   1.00 35.14 ? 12   ALA B O   1 
ATOM   551  C  CB  . ALA B 1 12 ? -10.864 -10.049 5.561   1.00 32.78 ? 12   ALA B CB  1 
ATOM   552  N  N   . GLN B 1 13 ? -11.820 -7.022  5.450   1.00 35.76 ? 13   GLN B N   1 
ATOM   553  C  CA  . GLN B 1 13 ? -12.805 -6.022  5.805   1.00 37.54 ? 13   GLN B CA  1 
ATOM   554  C  C   . GLN B 1 13 ? -14.061 -6.322  4.990   1.00 37.59 ? 13   GLN B C   1 
ATOM   555  O  O   . GLN B 1 13 ? -15.107 -5.721  5.201   1.00 37.44 ? 13   GLN B O   1 
ATOM   556  C  CB  . GLN B 1 13 ? -12.239 -4.619  5.523   1.00 39.49 ? 13   GLN B CB  1 
ATOM   557  C  CG  . GLN B 1 13 ? -10.950 -4.325  6.330   1.00 42.59 ? 13   GLN B CG  1 
ATOM   558  C  CD  . GLN B 1 13 ? -10.341 -2.947  6.069   1.00 43.98 ? 13   GLN B CD  1 
ATOM   559  O  OE1 . GLN B 1 13 ? -10.943 -1.916  6.371   1.00 45.29 ? 13   GLN B OE1 1 
ATOM   560  N  NE2 . GLN B 1 13 ? -9.132  -2.930  5.514   1.00 45.38 ? 13   GLN B NE2 1 
ATOM   561  N  N   . HIS B 1 14 ? -13.939 -7.280  4.071   1.00 38.36 ? 14   HIS B N   1 
ATOM   562  C  CA  . HIS B 1 14 ? -15.043 -7.718  3.220   1.00 39.50 ? 14   HIS B CA  1 
ATOM   563  C  C   . HIS B 1 14 ? -14.966 -9.238  3.127   1.00 40.38 ? 14   HIS B C   1 
ATOM   564  O  O   . HIS B 1 14 ? -13.885 -9.823  3.213   1.00 40.60 ? 14   HIS B O   1 
ATOM   565  C  CB  . HIS B 1 14 ? -14.940 -7.104  1.813   1.00 40.08 ? 14   HIS B CB  1 
ATOM   566  C  CG  . HIS B 1 14 ? -15.116 -5.613  1.778   1.00 41.68 ? 14   HIS B CG  1 
ATOM   567  N  ND1 . HIS B 1 14 ? -16.316 -4.995  2.058   1.00 41.99 ? 14   HIS B ND1 1 
ATOM   568  C  CD2 . HIS B 1 14 ? -14.234 -4.616  1.514   1.00 42.56 ? 14   HIS B CD2 1 
ATOM   569  C  CE1 . HIS B 1 14 ? -16.166 -3.683  1.970   1.00 41.51 ? 14   HIS B CE1 1 
ATOM   570  N  NE2 . HIS B 1 14 ? -14.912 -3.427  1.643   1.00 40.52 ? 14   HIS B NE2 1 
ATOM   571  N  N   . ASP B 1 15 ? -16.115 -9.878  2.954   1.00 41.39 ? 15   ASP B N   1 
ATOM   572  C  CA  . ASP B 1 15 ? -16.172 -11.330 2.860   1.00 42.02 ? 15   ASP B CA  1 
ATOM   573  C  C   . ASP B 1 15 ? -15.353 -11.906 1.712   1.00 40.41 ? 15   ASP B C   1 
ATOM   574  O  O   . ASP B 1 15 ? -15.161 -13.126 1.633   1.00 40.31 ? 15   ASP B O   1 
ATOM   575  C  CB  . ASP B 1 15 ? -17.628 -11.790 2.728   1.00 46.30 ? 15   ASP B CB  1 
ATOM   576  C  CG  . ASP B 1 15 ? -18.364 -11.785 4.054   1.00 50.14 ? 15   ASP B CG  1 
ATOM   577  O  OD1 . ASP B 1 15 ? -19.599 -12.005 4.053   1.00 52.62 ? 15   ASP B OD1 1 
ATOM   578  O  OD2 . ASP B 1 15 ? -17.703 -11.569 5.099   1.00 52.22 ? 15   ASP B OD2 1 
ATOM   579  N  N   . ASP B 1 16 ? -14.879 -11.044 0.817   1.00 37.56 ? 16   ASP B N   1 
ATOM   580  C  CA  . ASP B 1 16 ? -14.088 -11.519 -0.310  1.00 35.53 ? 16   ASP B CA  1 
ATOM   581  C  C   . ASP B 1 16 ? -12.596 -11.264 -0.120  1.00 34.34 ? 16   ASP B C   1 
ATOM   582  O  O   . ASP B 1 16 ? -11.805 -11.422 -1.053  1.00 34.04 ? 16   ASP B O   1 
ATOM   583  C  CB  . ASP B 1 16 ? -14.568 -10.877 -1.620  1.00 35.02 ? 16   ASP B CB  1 
ATOM   584  C  CG  . ASP B 1 16 ? -14.368 -9.366  -1.660  1.00 33.06 ? 16   ASP B CG  1 
ATOM   585  O  OD1 . ASP B 1 16 ? -14.390 -8.815  -2.780  1.00 31.05 ? 16   ASP B OD1 1 
ATOM   586  O  OD2 . ASP B 1 16 ? -14.203 -8.730  -0.596  1.00 32.11 ? 16   ASP B OD2 1 
ATOM   587  N  N   . GLU B 1 17 ? -12.212 -10.881 1.091   1.00 33.11 ? 17   GLU B N   1 
ATOM   588  C  CA  . GLU B 1 17 ? -10.813 -10.604 1.377   1.00 33.78 ? 17   GLU B CA  1 
ATOM   589  C  C   . GLU B 1 17 ? -10.161 -11.728 2.162   1.00 32.09 ? 17   GLU B C   1 
ATOM   590  O  O   . GLU B 1 17 ? -10.819 -12.453 2.897   1.00 33.29 ? 17   GLU B O   1 
ATOM   591  C  CB  . GLU B 1 17 ? -10.674 -9.296  2.153   1.00 34.81 ? 17   GLU B CB  1 
ATOM   592  C  CG  . GLU B 1 17 ? -11.323 -8.091  1.489   1.00 36.12 ? 17   GLU B CG  1 
ATOM   593  C  CD  . GLU B 1 17 ? -10.962 -6.788  2.188   1.00 35.79 ? 17   GLU B CD  1 
ATOM   594  O  OE1 . GLU B 1 17 ? -10.836 -6.800  3.426   1.00 34.51 ? 17   GLU B OE1 1 
ATOM   595  O  OE2 . GLU B 1 17 ? -10.812 -5.751  1.507   1.00 36.57 ? 17   GLU B OE2 1 
ATOM   596  N  N   . LEU B 1 18 ? -8.852  -11.841 2.008   1.00 30.79 ? 18   LEU B N   1 
ATOM   597  C  CA  . LEU B 1 18 ? -8.075  -12.875 2.667   1.00 30.16 ? 18   LEU B CA  1 
ATOM   598  C  C   . LEU B 1 18 ? -7.303  -12.292 3.851   1.00 29.17 ? 18   LEU B C   1 
ATOM   599  O  O   . LEU B 1 18 ? -6.549  -11.341 3.693   1.00 30.29 ? 18   LEU B O   1 
ATOM   600  C  CB  . LEU B 1 18 ? -7.109  -13.478 1.632   1.00 30.51 ? 18   LEU B CB  1 
ATOM   601  C  CG  . LEU B 1 18 ? -6.376  -14.814 1.803   1.00 31.29 ? 18   LEU B CG  1 
ATOM   602  C  CD1 . LEU B 1 18 ? -5.283  -14.693 2.835   1.00 33.09 ? 18   LEU B CD1 1 
ATOM   603  C  CD2 . LEU B 1 18 ? -7.373  -15.897 2.185   1.00 31.38 ? 18   LEU B CD2 1 
ATOM   604  N  N   . THR B 1 19 ? -7.511  -12.845 5.041   1.00 28.64 ? 19   THR B N   1 
ATOM   605  C  CA  . THR B 1 19 ? -6.787  -12.391 6.224   1.00 26.68 ? 19   THR B CA  1 
ATOM   606  C  C   . THR B 1 19 ? -5.416  -13.067 6.248   1.00 27.94 ? 19   THR B C   1 
ATOM   607  O  O   . THR B 1 19 ? -5.308  -14.277 6.444   1.00 28.25 ? 19   THR B O   1 
ATOM   608  C  CB  . THR B 1 19 ? -7.517  -12.760 7.532   1.00 26.05 ? 19   THR B CB  1 
ATOM   609  O  OG1 . THR B 1 19 ? -8.554  -11.814 7.788   1.00 25.26 ? 19   THR B OG1 1 
ATOM   610  C  CG2 . THR B 1 19 ? -6.551  -12.741 8.704   1.00 24.38 ? 19   THR B CG2 1 
ATOM   611  N  N   . ILE B 1 20 ? -4.366  -12.280 6.059   1.00 29.17 ? 20   ILE B N   1 
ATOM   612  C  CA  . ILE B 1 20 ? -3.006  -12.811 6.053   1.00 28.69 ? 20   ILE B CA  1 
ATOM   613  C  C   . ILE B 1 20 ? -2.239  -12.371 7.298   1.00 28.52 ? 20   ILE B C   1 
ATOM   614  O  O   . ILE B 1 20 ? -2.560  -11.339 7.895   1.00 28.49 ? 20   ILE B O   1 
ATOM   615  C  CB  . ILE B 1 20 ? -2.229  -12.330 4.806   1.00 28.01 ? 20   ILE B CB  1 
ATOM   616  C  CG1 . ILE B 1 20 ? -2.125  -10.797 4.819   1.00 27.32 ? 20   ILE B CG1 1 
ATOM   617  C  CG2 . ILE B 1 20 ? -2.923  -12.827 3.540   1.00 28.23 ? 20   ILE B CG2 1 
ATOM   618  C  CD1 . ILE B 1 20 ? -1.303  -10.203 3.683   1.00 23.17 ? 20   ILE B CD1 1 
ATOM   619  N  N   . SER B 1 21 ? -1.232  -13.162 7.674   1.00 27.74 ? 21   SER B N   1 
ATOM   620  C  CA  . SER B 1 21 ? -0.389  -12.880 8.839   1.00 28.05 ? 21   SER B CA  1 
ATOM   621  C  C   . SER B 1 21 ? 1.092   -12.996 8.463   1.00 28.33 ? 21   SER B C   1 
ATOM   622  O  O   . SER B 1 21 ? 1.460   -13.787 7.600   1.00 28.01 ? 21   SER B O   1 
ATOM   623  C  CB  . SER B 1 21 ? -0.711  -13.847 9.981   1.00 28.98 ? 21   SER B CB  1 
ATOM   624  O  OG  . SER B 1 21 ? -2.090  -13.804 10.312  1.00 31.02 ? 21   SER B OG  1 
ATOM   625  N  N   . VAL B 1 22 ? 1.935   -12.204 9.121   1.00 29.79 ? 22   VAL B N   1 
ATOM   626  C  CA  . VAL B 1 22 ? 3.371   -12.188 8.845   1.00 30.15 ? 22   VAL B CA  1 
ATOM   627  C  C   . VAL B 1 22 ? 4.018   -13.569 8.742   1.00 31.24 ? 22   VAL B C   1 
ATOM   628  O  O   . VAL B 1 22 ? 3.975   -14.359 9.692   1.00 31.18 ? 22   VAL B O   1 
ATOM   629  C  CB  . VAL B 1 22 ? 4.146   -11.385 9.922   1.00 29.91 ? 22   VAL B CB  1 
ATOM   630  C  CG1 . VAL B 1 22 ? 5.650   -11.459 9.648   1.00 28.21 ? 22   VAL B CG1 1 
ATOM   631  C  CG2 . VAL B 1 22 ? 3.694   -9.942  9.927   1.00 28.55 ? 22   VAL B CG2 1 
ATOM   632  N  N   . GLY B 1 23 ? 4.619   -13.848 7.587   1.00 31.06 ? 23   GLY B N   1 
ATOM   633  C  CA  . GLY B 1 23 ? 5.299   -15.118 7.391   1.00 30.74 ? 23   GLY B CA  1 
ATOM   634  C  C   . GLY B 1 23 ? 4.665   -16.124 6.451   1.00 30.24 ? 23   GLY B C   1 
ATOM   635  O  O   . GLY B 1 23 ? 5.373   -16.832 5.735   1.00 31.95 ? 23   GLY B O   1 
ATOM   636  N  N   . GLU B 1 24 ? 3.339   -16.191 6.444   1.00 28.97 ? 24   GLU B N   1 
ATOM   637  C  CA  . GLU B 1 24 ? 2.636   -17.144 5.606   1.00 26.69 ? 24   GLU B CA  1 
ATOM   638  C  C   . GLU B 1 24 ? 2.946   -16.965 4.135   1.00 26.32 ? 24   GLU B C   1 
ATOM   639  O  O   . GLU B 1 24 ? 3.241   -15.860 3.681   1.00 25.53 ? 24   GLU B O   1 
ATOM   640  C  CB  . GLU B 1 24 ? 1.135   -17.033 5.843   1.00 27.08 ? 24   GLU B CB  1 
ATOM   641  C  CG  . GLU B 1 24 ? 0.730   -17.361 7.262   1.00 28.11 ? 24   GLU B CG  1 
ATOM   642  C  CD  . GLU B 1 24 ? -0.689  -16.953 7.569   1.00 29.20 ? 24   GLU B CD  1 
ATOM   643  O  OE1 . GLU B 1 24 ? -1.133  -17.164 8.709   1.00 34.13 ? 24   GLU B OE1 1 
ATOM   644  O  OE2 . GLU B 1 24 ? -1.366  -16.414 6.675   1.00 31.09 ? 24   GLU B OE2 1 
ATOM   645  N  N   . ILE B 1 25 ? 2.899   -18.074 3.403   1.00 24.13 ? 25   ILE B N   1 
ATOM   646  C  CA  . ILE B 1 25 ? 3.150   -18.059 1.978   1.00 22.97 ? 25   ILE B CA  1 
ATOM   647  C  C   . ILE B 1 25 ? 1.789   -18.042 1.307   1.00 24.77 ? 25   ILE B C   1 
ATOM   648  O  O   . ILE B 1 25 ? 0.878   -18.768 1.705   1.00 25.43 ? 25   ILE B O   1 
ATOM   649  C  CB  . ILE B 1 25 ? 3.927   -19.312 1.529   1.00 20.67 ? 25   ILE B CB  1 
ATOM   650  C  CG1 . ILE B 1 25 ? 5.309   -19.338 2.197   1.00 19.73 ? 25   ILE B CG1 1 
ATOM   651  C  CG2 . ILE B 1 25 ? 4.047   -19.334 0.017   1.00 18.20 ? 25   ILE B CG2 1 
ATOM   652  C  CD1 . ILE B 1 25 ? 6.200   -18.142 1.864   1.00 17.34 ? 25   ILE B CD1 1 
ATOM   653  N  N   . ILE B 1 26 ? 1.649   -17.187 0.306   1.00 26.63 ? 26   ILE B N   1 
ATOM   654  C  CA  . ILE B 1 26 ? 0.401   -17.074 -0.433  1.00 28.42 ? 26   ILE B CA  1 
ATOM   655  C  C   . ILE B 1 26 ? 0.632   -17.678 -1.813  1.00 29.99 ? 26   ILE B C   1 
ATOM   656  O  O   . ILE B 1 26 ? 1.605   -17.342 -2.502  1.00 30.37 ? 26   ILE B O   1 
ATOM   657  C  CB  . ILE B 1 26 ? -0.031  -15.597 -0.590  1.00 27.97 ? 26   ILE B CB  1 
ATOM   658  C  CG1 . ILE B 1 26 ? -0.096  -14.928 0.782   1.00 28.18 ? 26   ILE B CG1 1 
ATOM   659  C  CG2 . ILE B 1 26 ? -1.380  -15.515 -1.287  1.00 27.27 ? 26   ILE B CG2 1 
ATOM   660  C  CD1 . ILE B 1 26 ? -0.384  -13.465 0.726   1.00 26.15 ? 26   ILE B CD1 1 
ATOM   661  N  N   . THR B 1 27 ? -0.273  -18.569 -2.204  1.00 31.31 ? 27   THR B N   1 
ATOM   662  C  CA  . THR B 1 27 ? -0.186  -19.260 -3.481  1.00 32.97 ? 27   THR B CA  1 
ATOM   663  C  C   . THR B 1 27 ? -1.402  -19.038 -4.370  1.00 33.51 ? 27   THR B C   1 
ATOM   664  O  O   . THR B 1 27 ? -2.380  -18.408 -3.956  1.00 33.31 ? 27   THR B O   1 
ATOM   665  C  CB  . THR B 1 27 ? -0.042  -20.757 -3.248  1.00 32.61 ? 27   THR B CB  1 
ATOM   666  O  OG1 . THR B 1 27 ? -1.114  -21.201 -2.411  1.00 33.78 ? 27   THR B OG1 1 
ATOM   667  C  CG2 . THR B 1 27 ? 1.288   -21.064 -2.566  1.00 33.64 ? 27   THR B CG2 1 
ATOM   668  N  N   . ASN B 1 28 ? -1.327  -19.568 -5.592  1.00 34.19 ? 28   ASN B N   1 
ATOM   669  C  CA  . ASN B 1 28 ? -2.412  -19.457 -6.563  1.00 34.90 ? 28   ASN B CA  1 
ATOM   670  C  C   . ASN B 1 28 ? -2.732  -17.981 -6.717  1.00 34.50 ? 28   ASN B C   1 
ATOM   671  O  O   . ASN B 1 28 ? -3.886  -17.592 -6.869  1.00 35.02 ? 28   ASN B O   1 
ATOM   672  C  CB  . ASN B 1 28 ? -3.648  -20.200 -6.046  1.00 37.90 ? 28   ASN B CB  1 
ATOM   673  C  CG  . ASN B 1 28 ? -3.311  -21.568 -5.459  1.00 40.00 ? 28   ASN B CG  1 
ATOM   674  O  OD1 . ASN B 1 28 ? -4.123  -22.173 -4.750  1.00 39.78 ? 28   ASN B OD1 1 
ATOM   675  N  ND2 . ASN B 1 28 ? -2.112  -22.062 -5.756  1.00 41.31 ? 28   ASN B ND2 1 
ATOM   676  N  N   . ILE B 1 29 ? -1.691  -17.165 -6.677  1.00 34.99 ? 29   ILE B N   1 
ATOM   677  C  CA  . ILE B 1 29 ? -1.841  -15.724 -6.766  1.00 35.89 ? 29   ILE B CA  1 
ATOM   678  C  C   . ILE B 1 29 ? -2.119  -15.174 -8.156  1.00 38.69 ? 29   ILE B C   1 
ATOM   679  O  O   . ILE B 1 29 ? -1.341  -15.382 -9.094  1.00 36.76 ? 29   ILE B O   1 
ATOM   680  C  CB  . ILE B 1 29 ? -0.587  -15.012 -6.209  1.00 32.83 ? 29   ILE B CB  1 
ATOM   681  C  CG1 . ILE B 1 29 ? -0.560  -15.120 -4.682  1.00 30.32 ? 29   ILE B CG1 1 
ATOM   682  C  CG2 . ILE B 1 29 ? -0.558  -13.574 -6.681  1.00 30.45 ? 29   ILE B CG2 1 
ATOM   683  C  CD1 . ILE B 1 29 ? 0.719   -14.626 -4.066  1.00 28.60 ? 29   ILE B CD1 1 
ATOM   684  N  N   . ARG B 1 30 ? -3.238  -14.466 -8.278  1.00 41.69 ? 30   ARG B N   1 
ATOM   685  C  CA  . ARG B 1 30 ? -3.585  -13.838 -9.543  1.00 43.83 ? 30   ARG B CA  1 
ATOM   686  C  C   . ARG B 1 30 ? -3.420  -12.342 -9.350  1.00 45.20 ? 30   ARG B C   1 
ATOM   687  O  O   . ARG B 1 30 ? -4.112  -11.717 -8.543  1.00 43.20 ? 30   ARG B O   1 
ATOM   688  C  CB  . ARG B 1 30 ? -5.021  -14.134 -9.975  1.00 45.47 ? 30   ARG B CB  1 
ATOM   689  C  CG  . ARG B 1 30 ? -5.269  -13.704 -11.424 1.00 49.67 ? 30   ARG B CG  1 
ATOM   690  C  CD  . ARG B 1 30 ? -6.698  -13.933 -11.895 1.00 53.44 ? 30   ARG B CD  1 
ATOM   691  N  NE  . ARG B 1 30 ? -6.816  -13.808 -13.352 1.00 56.52 ? 30   ARG B NE  1 
ATOM   692  C  CZ  . ARG B 1 30 ? -6.368  -14.710 -14.226 1.00 57.62 ? 30   ARG B CZ  1 
ATOM   693  N  NH1 . ARG B 1 30 ? -5.771  -15.816 -13.798 1.00 58.02 ? 30   ARG B NH1 1 
ATOM   694  N  NH2 . ARG B 1 30 ? -6.510  -14.509 -15.535 1.00 57.98 ? 30   ARG B NH2 1 
ATOM   695  N  N   . LYS B 1 31 ? -2.478  -11.781 -10.091 1.00 47.67 ? 31   LYS B N   1 
ATOM   696  C  CA  . LYS B 1 31 ? -2.198  -10.361 -10.028 1.00 50.93 ? 31   LYS B CA  1 
ATOM   697  C  C   . LYS B 1 31 ? -3.396  -9.564  -10.543 1.00 53.01 ? 31   LYS B C   1 
ATOM   698  O  O   . LYS B 1 31 ? -4.474  -10.115 -10.797 1.00 54.39 ? 31   LYS B O   1 
ATOM   699  C  CB  . LYS B 1 31 ? -0.972  -10.050 -10.882 1.00 51.35 ? 31   LYS B CB  1 
ATOM   700  C  CG  . LYS B 1 31 ? 0.281   -10.809 -10.484 1.00 52.28 ? 31   LYS B CG  1 
ATOM   701  C  CD  . LYS B 1 31 ? 1.215   -10.949 -11.678 1.00 54.77 ? 31   LYS B CD  1 
ATOM   702  C  CE  . LYS B 1 31 ? 2.606   -11.407 -11.264 1.00 54.90 ? 31   LYS B CE  1 
ATOM   703  N  NZ  . LYS B 1 31 ? 3.285   -10.376 -10.428 1.00 55.05 ? 31   LYS B NZ  1 
ATOM   704  N  N   . GLU B 1 32 ? -3.177  -8.261  -10.688 1.00 54.52 ? 32   GLU B N   1 
ATOM   705  C  CA  . GLU B 1 32 ? -4.160  -7.298  -11.187 1.00 55.78 ? 32   GLU B CA  1 
ATOM   706  C  C   . GLU B 1 32 ? -3.844  -5.945  -10.551 1.00 54.50 ? 32   GLU B C   1 
ATOM   707  O  O   . GLU B 1 32 ? -3.583  -5.866  -9.351  1.00 53.83 ? 32   GLU B O   1 
ATOM   708  C  CB  . GLU B 1 32 ? -5.601  -7.720  -10.846 1.00 58.62 ? 32   GLU B CB  1 
ATOM   709  C  CG  . GLU B 1 32 ? -6.037  -7.457  -9.409  1.00 62.73 ? 32   GLU B CG  1 
ATOM   710  C  CD  . GLU B 1 32 ? -7.414  -8.023  -9.104  1.00 65.25 ? 32   GLU B CD  1 
ATOM   711  O  OE1 . GLU B 1 32 ? -7.571  -9.262  -9.180  1.00 68.16 ? 32   GLU B OE1 1 
ATOM   712  O  OE2 . GLU B 1 32 ? -8.336  -7.236  -8.792  1.00 65.46 ? 32   GLU B OE2 1 
ATOM   713  N  N   . ASP B 1 33 ? -3.840  -4.893  -11.365 1.00 53.61 ? 33   ASP B N   1 
ATOM   714  C  CA  . ASP B 1 33 ? -3.568  -3.536  -10.886 1.00 52.42 ? 33   ASP B CA  1 
ATOM   715  C  C   . ASP B 1 33 ? -4.664  -3.135  -9.886  1.00 49.11 ? 33   ASP B C   1 
ATOM   716  O  O   . ASP B 1 33 ? -5.709  -3.784  -9.819  1.00 49.06 ? 33   ASP B O   1 
ATOM   717  C  CB  . ASP B 1 33 ? -3.566  -2.555  -12.069 1.00 55.87 ? 33   ASP B CB  1 
ATOM   718  C  CG  . ASP B 1 33 ? -2.602  -2.964  -13.173 1.00 58.68 ? 33   ASP B CG  1 
ATOM   719  O  OD1 . ASP B 1 33 ? -1.376  -2.766  -13.006 1.00 61.18 ? 33   ASP B OD1 1 
ATOM   720  O  OD2 . ASP B 1 33 ? -3.074  -3.491  -14.205 1.00 60.08 ? 33   ASP B OD2 1 
ATOM   721  N  N   . GLY B 1 34 ? -4.429  -2.080  -9.108  1.00 45.26 ? 34   GLY B N   1 
ATOM   722  C  CA  . GLY B 1 34 ? -5.438  -1.640  -8.158  1.00 40.96 ? 34   GLY B CA  1 
ATOM   723  C  C   . GLY B 1 34 ? -5.079  -1.765  -6.693  1.00 37.41 ? 34   GLY B C   1 
ATOM   724  O  O   . GLY B 1 34 ? -5.751  -1.188  -5.835  1.00 36.59 ? 34   GLY B O   1 
ATOM   725  N  N   . GLY B 1 35 ? -4.027  -2.527  -6.404  1.00 36.74 ? 35   GLY B N   1 
ATOM   726  C  CA  . GLY B 1 35 ? -3.583  -2.707  -5.032  1.00 33.97 ? 35   GLY B CA  1 
ATOM   727  C  C   . GLY B 1 35 ? -4.048  -3.989  -4.366  1.00 32.44 ? 35   GLY B C   1 
ATOM   728  O  O   . GLY B 1 35 ? -3.665  -4.275  -3.230  1.00 32.48 ? 35   GLY B O   1 
ATOM   729  N  N   . TRP B 1 36 ? -4.867  -4.770  -5.064  1.00 31.55 ? 36   TRP B N   1 
ATOM   730  C  CA  . TRP B 1 36 ? -5.381  -6.013  -4.503  1.00 31.38 ? 36   TRP B CA  1 
ATOM   731  C  C   . TRP B 1 36 ? -5.135  -7.249  -5.364  1.00 32.28 ? 36   TRP B C   1 
ATOM   732  O  O   . TRP B 1 36 ? -5.341  -7.237  -6.579  1.00 32.47 ? 36   TRP B O   1 
ATOM   733  C  CB  . TRP B 1 36 ? -6.882  -5.867  -4.207  1.00 29.24 ? 36   TRP B CB  1 
ATOM   734  C  CG  . TRP B 1 36 ? -7.161  -4.793  -3.196  1.00 26.45 ? 36   TRP B CG  1 
ATOM   735  C  CD1 . TRP B 1 36 ? -7.222  -3.451  -3.424  1.00 25.57 ? 36   TRP B CD1 1 
ATOM   736  C  CD2 . TRP B 1 36 ? -7.297  -4.964  -1.778  1.00 24.76 ? 36   TRP B CD2 1 
ATOM   737  N  NE1 . TRP B 1 36 ? -7.379  -2.772  -2.239  1.00 25.74 ? 36   TRP B NE1 1 
ATOM   738  C  CE2 . TRP B 1 36 ? -7.429  -3.678  -1.212  1.00 24.38 ? 36   TRP B CE2 1 
ATOM   739  C  CE3 . TRP B 1 36 ? -7.316  -6.078  -0.931  1.00 24.15 ? 36   TRP B CE3 1 
ATOM   740  C  CZ2 . TRP B 1 36 ? -7.575  -3.475  0.166   1.00 24.05 ? 36   TRP B CZ2 1 
ATOM   741  C  CZ3 . TRP B 1 36 ? -7.462  -5.875  0.443   1.00 22.95 ? 36   TRP B CZ3 1 
ATOM   742  C  CH2 . TRP B 1 36 ? -7.587  -4.582  0.973   1.00 23.95 ? 36   TRP B CH2 1 
ATOM   743  N  N   . TRP B 1 37 ? -4.683  -8.318  -4.715  1.00 33.79 ? 37   TRP B N   1 
ATOM   744  C  CA  . TRP B 1 37 ? -4.413  -9.580  -5.393  1.00 33.51 ? 37   TRP B CA  1 
ATOM   745  C  C   . TRP B 1 37 ? -5.296  -10.666 -4.797  1.00 33.19 ? 37   TRP B C   1 
ATOM   746  O  O   . TRP B 1 37 ? -5.778  -10.542 -3.666  1.00 30.82 ? 37   TRP B O   1 
ATOM   747  C  CB  . TRP B 1 37 ? -2.944  -9.992  -5.221  1.00 33.06 ? 37   TRP B CB  1 
ATOM   748  C  CG  . TRP B 1 37 ? -1.946  -9.125  -5.939  1.00 33.49 ? 37   TRP B CG  1 
ATOM   749  C  CD1 . TRP B 1 37 ? -2.212  -8.085  -6.782  1.00 33.59 ? 37   TRP B CD1 1 
ATOM   750  C  CD2 . TRP B 1 37 ? -0.517  -9.256  -5.905  1.00 34.27 ? 37   TRP B CD2 1 
ATOM   751  N  NE1 . TRP B 1 37 ? -1.039  -7.561  -7.277  1.00 32.75 ? 37   TRP B NE1 1 
ATOM   752  C  CE2 . TRP B 1 37 ? 0.015   -8.263  -6.756  1.00 34.30 ? 37   TRP B CE2 1 
ATOM   753  C  CE3 . TRP B 1 37 ? 0.364   -10.121 -5.238  1.00 35.11 ? 37   TRP B CE3 1 
ATOM   754  C  CZ2 . TRP B 1 37 ? 1.393   -8.110  -6.961  1.00 34.85 ? 37   TRP B CZ2 1 
ATOM   755  C  CZ3 . TRP B 1 37 ? 1.734   -9.968  -5.440  1.00 34.45 ? 37   TRP B CZ3 1 
ATOM   756  C  CH2 . TRP B 1 37 ? 2.234   -8.969  -6.297  1.00 35.74 ? 37   TRP B CH2 1 
ATOM   757  N  N   . GLU B 1 38 ? -5.514  -11.722 -5.573  1.00 34.44 ? 38   GLU B N   1 
ATOM   758  C  CA  . GLU B 1 38 ? -6.302  -12.855 -5.110  1.00 36.47 ? 38   GLU B CA  1 
ATOM   759  C  C   . GLU B 1 38 ? -5.335  -14.027 -5.011  1.00 35.53 ? 38   GLU B C   1 
ATOM   760  O  O   . GLU B 1 38 ? -4.470  -14.221 -5.871  1.00 33.78 ? 38   GLU B O   1 
ATOM   761  C  CB  . GLU B 1 38 ? -7.424  -13.197 -6.088  1.00 38.50 ? 38   GLU B CB  1 
ATOM   762  C  CG  . GLU B 1 38 ? -8.534  -14.029 -5.455  1.00 42.75 ? 38   GLU B CG  1 
ATOM   763  C  CD  . GLU B 1 38 ? -9.595  -14.480 -6.455  1.00 45.32 ? 38   GLU B CD  1 
ATOM   764  O  OE1 . GLU B 1 38 ? -9.894  -13.714 -7.400  1.00 46.11 ? 38   GLU B OE1 1 
ATOM   765  O  OE2 . GLU B 1 38 ? -10.139 -15.597 -6.285  1.00 46.20 ? 38   GLU B OE2 1 
ATOM   766  N  N   . GLY B 1 39 ? -5.473  -14.790 -3.939  1.00 35.69 ? 39   GLY B N   1 
ATOM   767  C  CA  . GLY B 1 39 ? -4.599  -15.922 -3.735  1.00 35.22 ? 39   GLY B CA  1 
ATOM   768  C  C   . GLY B 1 39 ? -5.071  -16.707 -2.538  1.00 35.49 ? 39   GLY B C   1 
ATOM   769  O  O   . GLY B 1 39 ? -6.030  -16.322 -1.864  1.00 32.29 ? 39   GLY B O   1 
ATOM   770  N  N   . GLN B 1 40 ? -4.382  -17.805 -2.257  1.00 37.05 ? 40   GLN B N   1 
ATOM   771  C  CA  . GLN B 1 40 ? -4.770  -18.642 -1.146  1.00 39.51 ? 40   GLN B CA  1 
ATOM   772  C  C   . GLN B 1 40 ? -3.653  -18.911 -0.156  1.00 39.61 ? 40   GLN B C   1 
ATOM   773  O  O   . GLN B 1 40 ? -2.491  -19.033 -0.537  1.00 39.31 ? 40   GLN B O   1 
ATOM   774  C  CB  . GLN B 1 40 ? -5.295  -19.965 -1.684  1.00 40.62 ? 40   GLN B CB  1 
ATOM   775  C  CG  . GLN B 1 40 ? -6.048  -20.770 -0.656  1.00 43.61 ? 40   GLN B CG  1 
ATOM   776  C  CD  . GLN B 1 40 ? -6.815  -21.910 -1.280  1.00 44.33 ? 40   GLN B CD  1 
ATOM   777  O  OE1 . GLN B 1 40 ? -7.265  -21.815 -2.425  1.00 44.13 ? 40   GLN B OE1 1 
ATOM   778  N  NE2 . GLN B 1 40 ? -6.993  -22.991 -0.523  1.00 44.50 ? 40   GLN B NE2 1 
ATOM   779  N  N   . ILE B 1 41 ? -4.020  -18.992 1.119   1.00 41.49 ? 41   ILE B N   1 
ATOM   780  C  CA  . ILE B 1 41 ? -3.063  -19.288 2.183   1.00 44.99 ? 41   ILE B CA  1 
ATOM   781  C  C   . ILE B 1 41 ? -3.604  -20.472 2.954   1.00 46.93 ? 41   ILE B C   1 
ATOM   782  O  O   . ILE B 1 41 ? -4.414  -20.299 3.863   1.00 48.19 ? 41   ILE B O   1 
ATOM   783  C  CB  . ILE B 1 41 ? -2.889  -18.128 3.184   1.00 44.38 ? 41   ILE B CB  1 
ATOM   784  C  CG1 . ILE B 1 41 ? -2.131  -16.967 2.537   1.00 45.01 ? 41   ILE B CG1 1 
ATOM   785  C  CG2 . ILE B 1 41 ? -2.121  -18.618 4.401   1.00 44.56 ? 41   ILE B CG2 1 
ATOM   786  C  CD1 . ILE B 1 41 ? -1.879  -15.812 3.483   1.00 43.51 ? 41   ILE B CD1 1 
ATOM   787  N  N   . ASN B 1 42 ? -3.144  -21.666 2.590   1.00 49.25 ? 42   ASN B N   1 
ATOM   788  C  CA  . ASN B 1 42 ? -3.582  -22.910 3.220   1.00 51.07 ? 42   ASN B CA  1 
ATOM   789  C  C   . ASN B 1 42 ? -5.107  -22.965 3.318   1.00 52.11 ? 42   ASN B C   1 
ATOM   790  O  O   . ASN B 1 42 ? -5.761  -23.711 2.585   1.00 51.88 ? 42   ASN B O   1 
ATOM   791  C  CB  . ASN B 1 42 ? -2.960  -23.071 4.616   1.00 51.47 ? 42   ASN B CB  1 
ATOM   792  C  CG  . ASN B 1 42 ? -1.470  -23.379 4.563   1.00 51.81 ? 42   ASN B CG  1 
ATOM   793  O  OD1 . ASN B 1 42 ? -0.660  -22.530 4.188   1.00 52.06 ? 42   ASN B OD1 1 
ATOM   794  N  ND2 . ASN B 1 42 ? -1.104  -24.600 4.937   1.00 51.67 ? 42   ASN B ND2 1 
ATOM   795  N  N   . GLY B 1 43 ? -5.671  -22.168 4.218   1.00 52.87 ? 43   GLY B N   1 
ATOM   796  C  CA  . GLY B 1 43 ? -7.114  -22.152 4.387   1.00 53.16 ? 43   GLY B CA  1 
ATOM   797  C  C   . GLY B 1 43 ? -7.914  -21.513 3.257   1.00 52.23 ? 43   GLY B C   1 
ATOM   798  O  O   . GLY B 1 43 ? -8.163  -22.133 2.209   1.00 52.75 ? 43   GLY B O   1 
ATOM   799  N  N   . ARG B 1 44 ? -8.309  -20.262 3.467   1.00 48.62 ? 44   ARG B N   1 
ATOM   800  C  CA  . ARG B 1 44 ? -9.118  -19.550 2.496   1.00 45.10 ? 44   ARG B CA  1 
ATOM   801  C  C   . ARG B 1 44 ? -8.346  -18.941 1.335   1.00 41.54 ? 44   ARG B C   1 
ATOM   802  O  O   . ARG B 1 44 ? -7.116  -18.929 1.308   1.00 39.02 ? 44   ARG B O   1 
ATOM   803  C  CB  . ARG B 1 44 ? -9.908  -18.448 3.217   1.00 48.28 ? 44   ARG B CB  1 
ATOM   804  C  CG  . ARG B 1 44 ? -10.892 -17.683 2.341   1.00 51.22 ? 44   ARG B CG  1 
ATOM   805  C  CD  . ARG B 1 44 ? -11.246 -16.330 2.945   1.00 53.64 ? 44   ARG B CD  1 
ATOM   806  N  NE  . ARG B 1 44 ? -11.763 -15.397 1.941   1.00 55.89 ? 44   ARG B NE  1 
ATOM   807  C  CZ  . ARG B 1 44 ? -12.929 -15.526 1.311   1.00 57.06 ? 44   ARG B CZ  1 
ATOM   808  N  NH1 . ARG B 1 44 ? -13.730 -16.554 1.572   1.00 57.72 ? 44   ARG B NH1 1 
ATOM   809  N  NH2 . ARG B 1 44 ? -13.295 -14.625 0.408   1.00 56.93 ? 44   ARG B NH2 1 
ATOM   810  N  N   . ARG B 1 45 ? -9.108  -18.470 0.356   1.00 39.40 ? 45   ARG B N   1 
ATOM   811  C  CA  . ARG B 1 45 ? -8.573  -17.779 -0.799  1.00 38.59 ? 45   ARG B CA  1 
ATOM   812  C  C   . ARG B 1 45 ? -9.210  -16.403 -0.662  1.00 37.53 ? 45   ARG B C   1 
ATOM   813  O  O   . ARG B 1 45 ? -10.153 -16.231 0.111   1.00 37.44 ? 45   ARG B O   1 
ATOM   814  C  CB  . ARG B 1 45 ? -9.035  -18.406 -2.110  1.00 39.09 ? 45   ARG B CB  1 
ATOM   815  C  CG  . ARG B 1 45 ? -8.422  -17.716 -3.328  1.00 41.50 ? 45   ARG B CG  1 
ATOM   816  C  CD  . ARG B 1 45 ? -8.991  -18.233 -4.636  1.00 44.98 ? 45   ARG B CD  1 
ATOM   817  N  NE  . ARG B 1 45 ? -8.299  -17.695 -5.813  1.00 45.28 ? 45   ARG B NE  1 
ATOM   818  C  CZ  . ARG B 1 45 ? -7.028  -17.943 -6.124  1.00 44.98 ? 45   ARG B CZ  1 
ATOM   819  N  NH1 . ARG B 1 45 ? -6.286  -18.724 -5.346  1.00 43.71 ? 45   ARG B NH1 1 
ATOM   820  N  NH2 . ARG B 1 45 ? -6.499  -17.418 -7.226  1.00 43.65 ? 45   ARG B NH2 1 
ATOM   821  N  N   . GLY B 1 46 ? -8.711  -15.417 -1.395  1.00 35.47 ? 46   GLY B N   1 
ATOM   822  C  CA  . GLY B 1 46 ? -9.313  -14.107 -1.282  1.00 31.88 ? 46   GLY B CA  1 
ATOM   823  C  C   . GLY B 1 46 ? -8.445  -12.971 -1.749  1.00 28.98 ? 46   GLY B C   1 
ATOM   824  O  O   . GLY B 1 46 ? -7.310  -13.169 -2.198  1.00 28.60 ? 46   GLY B O   1 
ATOM   825  N  N   . LEU B 1 47 ? -9.002  -11.769 -1.651  1.00 25.47 ? 47   LEU B N   1 
ATOM   826  C  CA  . LEU B 1 47 ? -8.298  -10.571 -2.052  1.00 23.45 ? 47   LEU B CA  1 
ATOM   827  C  C   . LEU B 1 47 ? -7.500  -10.044 -0.877  1.00 21.08 ? 47   LEU B C   1 
ATOM   828  O  O   . LEU B 1 47 ? -8.043  -9.825  0.199   1.00 18.19 ? 47   LEU B O   1 
ATOM   829  C  CB  . LEU B 1 47 ? -9.282  -9.490  -2.514  1.00 23.25 ? 47   LEU B CB  1 
ATOM   830  C  CG  . LEU B 1 47 ? -10.136 -9.735  -3.761  1.00 24.15 ? 47   LEU B CG  1 
ATOM   831  C  CD1 . LEU B 1 47 ? -11.044 -8.539  -3.967  1.00 23.25 ? 47   LEU B CD1 1 
ATOM   832  C  CD2 . LEU B 1 47 ? -9.263  -9.945  -4.991  1.00 24.57 ? 47   LEU B CD2 1 
ATOM   833  N  N   . PHE B 1 48 ? -6.198  -9.872  -1.080  1.00 21.30 ? 48   PHE B N   1 
ATOM   834  C  CA  . PHE B 1 48 ? -5.339  -9.316  -0.034  1.00 20.82 ? 48   PHE B CA  1 
ATOM   835  C  C   . PHE B 1 48 ? -4.585  -8.144  -0.680  1.00 19.33 ? 48   PHE B C   1 
ATOM   836  O  O   . PHE B 1 48 ? -4.459  -8.082  -1.915  1.00 16.34 ? 48   PHE B O   1 
ATOM   837  C  CB  . PHE B 1 48 ? -4.375  -10.385 0.509   1.00 21.26 ? 48   PHE B CB  1 
ATOM   838  C  CG  . PHE B 1 48 ? -3.399  -10.883 -0.502  1.00 20.16 ? 48   PHE B CG  1 
ATOM   839  C  CD1 . PHE B 1 48 ? -2.136  -10.320 -0.595  1.00 21.04 ? 48   PHE B CD1 1 
ATOM   840  C  CD2 . PHE B 1 48 ? -3.767  -11.857 -1.411  1.00 20.29 ? 48   PHE B CD2 1 
ATOM   841  C  CE1 . PHE B 1 48 ? -1.247  -10.720 -1.594  1.00 22.83 ? 48   PHE B CE1 1 
ATOM   842  C  CE2 . PHE B 1 48 ? -2.896  -12.266 -2.411  1.00 22.99 ? 48   PHE B CE2 1 
ATOM   843  C  CZ  . PHE B 1 48 ? -1.629  -11.694 -2.505  1.00 21.77 ? 48   PHE B CZ  1 
ATOM   844  N  N   . PRO B 1 49 ? -4.129  -7.171  0.139   1.00 19.50 ? 49   PRO B N   1 
ATOM   845  C  CA  . PRO B 1 49 ? -3.386  -5.979  -0.308  1.00 18.94 ? 49   PRO B CA  1 
ATOM   846  C  C   . PRO B 1 49 ? -1.944  -6.324  -0.710  1.00 20.46 ? 49   PRO B C   1 
ATOM   847  O  O   . PRO B 1 49 ? -1.175  -6.797  0.115   1.00 19.78 ? 49   PRO B O   1 
ATOM   848  C  CB  . PRO B 1 49 ? -3.465  -5.059  0.906   1.00 15.88 ? 49   PRO B CB  1 
ATOM   849  C  CG  . PRO B 1 49 ? -3.478  -6.027  2.047   1.00 17.51 ? 49   PRO B CG  1 
ATOM   850  C  CD  . PRO B 1 49 ? -4.440  -7.083  1.578   1.00 17.87 ? 49   PRO B CD  1 
ATOM   851  N  N   . ASP B 1 50 ? -1.585  -6.078  -1.973  1.00 22.27 ? 50   ASP B N   1 
ATOM   852  C  CA  . ASP B 1 50 ? -0.253  -6.416  -2.486  1.00 25.22 ? 50   ASP B CA  1 
ATOM   853  C  C   . ASP B 1 50 ? 0.957   -5.801  -1.759  1.00 25.23 ? 50   ASP B C   1 
ATOM   854  O  O   . ASP B 1 50 ? 1.987   -6.462  -1.601  1.00 24.85 ? 50   ASP B O   1 
ATOM   855  C  CB  . ASP B 1 50 ? -0.180  -6.110  -3.998  1.00 27.37 ? 50   ASP B CB  1 
ATOM   856  C  CG  . ASP B 1 50 ? 0.099   -4.645  -4.298  1.00 30.84 ? 50   ASP B CG  1 
ATOM   857  O  OD1 . ASP B 1 50 ? -0.421  -3.771  -3.578  1.00 34.84 ? 50   ASP B OD1 1 
ATOM   858  O  OD2 . ASP B 1 50 ? 0.833   -4.361  -5.270  1.00 30.95 ? 50   ASP B OD2 1 
ATOM   859  N  N   . ASN B 1 51 ? 0.831   -4.559  -1.300  1.00 27.45 ? 51   ASN B N   1 
ATOM   860  C  CA  . ASN B 1 51 ? 1.931   -3.888  -0.599  1.00 26.93 ? 51   ASN B CA  1 
ATOM   861  C  C   . ASN B 1 51 ? 2.260   -4.511  0.757   1.00 24.88 ? 51   ASN B C   1 
ATOM   862  O  O   . ASN B 1 51 ? 3.232   -4.127  1.390   1.00 26.39 ? 51   ASN B O   1 
ATOM   863  C  CB  . ASN B 1 51 ? 1.649   -2.372  -0.433  1.00 26.98 ? 51   ASN B CB  1 
ATOM   864  C  CG  . ASN B 1 51 ? 0.392   -2.070  0.398   1.00 28.06 ? 51   ASN B CG  1 
ATOM   865  O  OD1 . ASN B 1 51 ? -0.714  -2.469  0.035   1.00 28.54 ? 51   ASN B OD1 1 
ATOM   866  N  ND2 . ASN B 1 51 ? 0.564   -1.358  1.513   1.00 25.17 ? 51   ASN B ND2 1 
ATOM   867  N  N   . PHE B 1 52 ? 1.460   -5.480  1.192   1.00 23.78 ? 52   PHE B N   1 
ATOM   868  C  CA  . PHE B 1 52 ? 1.694   -6.144  2.479   1.00 23.61 ? 52   PHE B CA  1 
ATOM   869  C  C   . PHE B 1 52 ? 2.456   -7.459  2.337   1.00 24.34 ? 52   PHE B C   1 
ATOM   870  O  O   . PHE B 1 52 ? 2.758   -8.123  3.325   1.00 24.02 ? 52   PHE B O   1 
ATOM   871  C  CB  . PHE B 1 52 ? 0.374   -6.442  3.185   1.00 21.03 ? 52   PHE B CB  1 
ATOM   872  C  CG  . PHE B 1 52 ? -0.325  -5.232  3.694   1.00 19.44 ? 52   PHE B CG  1 
ATOM   873  C  CD1 . PHE B 1 52 ? -0.825  -5.210  4.981   1.00 18.73 ? 52   PHE B CD1 1 
ATOM   874  C  CD2 . PHE B 1 52 ? -0.505  -4.122  2.884   1.00 19.10 ? 52   PHE B CD2 1 
ATOM   875  C  CE1 . PHE B 1 52 ? -1.495  -4.100  5.457   1.00 19.12 ? 52   PHE B CE1 1 
ATOM   876  C  CE2 . PHE B 1 52 ? -1.175  -3.012  3.349   1.00 18.84 ? 52   PHE B CE2 1 
ATOM   877  C  CZ  . PHE B 1 52 ? -1.673  -3.002  4.641   1.00 18.11 ? 52   PHE B CZ  1 
ATOM   878  N  N   . VAL B 1 53 ? 2.752   -7.840  1.104   1.00 27.15 ? 53   VAL B N   1 
ATOM   879  C  CA  . VAL B 1 53 ? 3.459   -9.088  0.855   1.00 28.19 ? 53   VAL B CA  1 
ATOM   880  C  C   . VAL B 1 53 ? 4.561   -8.876  -0.167  1.00 29.00 ? 53   VAL B C   1 
ATOM   881  O  O   . VAL B 1 53 ? 4.570   -7.879  -0.898  1.00 28.06 ? 53   VAL B O   1 
ATOM   882  C  CB  . VAL B 1 53 ? 2.497   -10.174 0.324   1.00 28.46 ? 53   VAL B CB  1 
ATOM   883  C  CG1 . VAL B 1 53 ? 1.360   -10.393 1.310   1.00 26.93 ? 53   VAL B CG1 1 
ATOM   884  C  CG2 . VAL B 1 53 ? 1.943   -9.758  -1.030  1.00 28.44 ? 53   VAL B CG2 1 
ATOM   885  N  N   . ARG B 1 54 ? 5.500   -9.813  -0.196  1.00 29.44 ? 54   ARG B N   1 
ATOM   886  C  CA  . ARG B 1 54 ? 6.600   -9.749  -1.151  1.00 31.64 ? 54   ARG B CA  1 
ATOM   887  C  C   . ARG B 1 54 ? 6.472   -10.956 -2.077  1.00 31.18 ? 54   ARG B C   1 
ATOM   888  O  O   . ARG B 1 54 ? 6.156   -12.064 -1.633  1.00 30.54 ? 54   ARG B O   1 
ATOM   889  C  CB  . ARG B 1 54 ? 7.963   -9.769  -0.432  1.00 30.18 ? 54   ARG B CB  1 
ATOM   890  C  CG  . ARG B 1 54 ? 8.249   -8.567  0.462   1.00 30.10 ? 54   ARG B CG  1 
ATOM   891  C  CD  . ARG B 1 54 ? 8.241   -7.243  -0.296  1.00 32.15 ? 54   ARG B CD  1 
ATOM   892  N  NE  . ARG B 1 54 ? 8.638   -6.144  0.583   1.00 35.66 ? 54   ARG B NE  1 
ATOM   893  C  CZ  . ARG B 1 54 ? 9.835   -5.560  0.567   1.00 37.16 ? 54   ARG B CZ  1 
ATOM   894  N  NH1 . ARG B 1 54 ? 10.759  -5.957  -0.297  1.00 38.72 ? 54   ARG B NH1 1 
ATOM   895  N  NH2 . ARG B 1 54 ? 10.126  -4.595  1.435   1.00 37.49 ? 54   ARG B NH2 1 
ATOM   896  N  N   . GLU B 1 55 ? 6.695   -10.729 -3.368  1.00 33.12 ? 55   GLU B N   1 
ATOM   897  C  CA  . GLU B 1 55 ? 6.603   -11.794 -4.361  1.00 34.80 ? 55   GLU B CA  1 
ATOM   898  C  C   . GLU B 1 55 ? 7.888   -12.626 -4.330  1.00 36.57 ? 55   GLU B C   1 
ATOM   899  O  O   . GLU B 1 55 ? 8.985   -12.071 -4.265  1.00 35.60 ? 55   GLU B O   1 
ATOM   900  C  CB  . GLU B 1 55 ? 6.369   -11.176 -5.746  1.00 33.97 ? 55   GLU B CB  1 
ATOM   901  C  CG  . GLU B 1 55 ? 6.235   -12.172 -6.872  1.00 34.35 ? 55   GLU B CG  1 
ATOM   902  C  CD  . GLU B 1 55 ? 5.824   -11.515 -8.175  1.00 34.05 ? 55   GLU B CD  1 
ATOM   903  O  OE1 . GLU B 1 55 ? 6.223   -10.354 -8.398  1.00 33.56 ? 55   GLU B OE1 1 
ATOM   904  O  OE2 . GLU B 1 55 ? 5.116   -12.165 -8.976  1.00 33.30 ? 55   GLU B OE2 1 
ATOM   905  N  N   . ILE B 1 56 ? 7.737   -13.952 -4.348  1.00 39.50 ? 56   ILE B N   1 
ATOM   906  C  CA  . ILE B 1 56 ? 8.866   -14.892 -4.305  1.00 42.67 ? 56   ILE B CA  1 
ATOM   907  C  C   . ILE B 1 56 ? 9.552   -14.988 -5.673  1.00 45.61 ? 56   ILE B C   1 
ATOM   908  O  O   . ILE B 1 56 ? 8.955   -14.625 -6.683  1.00 46.92 ? 56   ILE B O   1 
ATOM   909  C  CB  . ILE B 1 56 ? 8.381   -16.313 -3.888  1.00 40.89 ? 56   ILE B CB  1 
ATOM   910  C  CG1 . ILE B 1 56 ? 7.525   -16.220 -2.626  1.00 38.14 ? 56   ILE B CG1 1 
ATOM   911  C  CG2 . ILE B 1 56 ? 9.575   -17.232 -3.631  1.00 39.43 ? 56   ILE B CG2 1 
ATOM   912  C  CD1 . ILE B 1 56 ? 8.251   -15.612 -1.463  1.00 36.08 ? 56   ILE B CD1 1 
ATOM   913  N  N   . LYS B 1 57 ? 10.793  -15.480 -5.705  1.00 48.85 ? 57   LYS B N   1 
ATOM   914  C  CA  . LYS B 1 57 ? 11.535  -15.620 -6.964  1.00 52.33 ? 57   LYS B CA  1 
ATOM   915  C  C   . LYS B 1 57 ? 11.642  -17.051 -7.504  1.00 54.96 ? 57   LYS B C   1 
ATOM   916  O  O   . LYS B 1 57 ? 11.665  -18.021 -6.742  1.00 55.13 ? 57   LYS B O   1 
ATOM   917  C  CB  . LYS B 1 57 ? 12.954  -15.045 -6.826  1.00 52.10 ? 57   LYS B CB  1 
ATOM   918  C  CG  . LYS B 1 57 ? 13.904  -15.450 -7.969  1.00 51.80 ? 57   LYS B CG  1 
ATOM   919  C  CD  . LYS B 1 57 ? 15.283  -14.817 -7.840  1.00 52.11 ? 57   LYS B CD  1 
ATOM   920  C  CE  . LYS B 1 57 ? 16.293  -15.451 -8.792  1.00 52.08 ? 57   LYS B CE  1 
ATOM   921  N  NZ  . LYS B 1 57 ? 16.616  -16.864 -8.425  1.00 53.01 ? 57   LYS B NZ  1 
ATOM   922  N  N   . LYS B 1 58 ? 11.722  -17.158 -8.831  1.00 57.60 ? 58   LYS B N   1 
ATOM   923  C  CA  . LYS B 1 58 ? 11.863  -18.437 -9.530  1.00 59.75 ? 58   LYS B CA  1 
ATOM   924  C  C   . LYS B 1 58 ? 10.732  -19.432 -9.288  1.00 60.67 ? 58   LYS B C   1 
ATOM   925  O  O   . LYS B 1 58 ? 9.697   -19.330 -9.985  1.00 60.56 ? 58   LYS B O   1 
ATOM   926  C  CB  . LYS B 1 58 ? 13.202  -19.091 -9.157  1.00 60.54 ? 58   LYS B CB  1 
ATOM   927  C  CG  . LYS B 1 58 ? 14.431  -18.438 -9.778  1.00 61.46 ? 58   LYS B CG  1 
ATOM   928  C  CD  . LYS B 1 58 ? 14.617  -18.852 -11.237 1.00 62.46 ? 58   LYS B CD  1 
ATOM   929  C  CE  . LYS B 1 58 ? 13.500  -18.332 -12.135 1.00 62.58 ? 58   LYS B CE  1 
ATOM   930  N  NZ  . LYS B 1 58 ? 13.578  -18.883 -13.518 1.00 62.87 ? 58   LYS B NZ  1 
ATOM   931  O  OXT . LYS B 1 58 ? 10.895  -20.303 -8.404  1.00 62.51 ? 58   LYS B OXT 1 
ATOM   932  N  N   . PRO C 2 1  ? 11.420  1.770   12.515  1.00 36.71 ? 902  PRO C N   1 
ATOM   933  C  CA  . PRO C 2 1  ? 10.038  1.278   12.739  1.00 33.88 ? 902  PRO C CA  1 
ATOM   934  C  C   . PRO C 2 1  ? 9.052   2.207   12.050  1.00 32.58 ? 902  PRO C C   1 
ATOM   935  O  O   . PRO C 2 1  ? 8.688   3.249   12.599  1.00 33.82 ? 902  PRO C O   1 
ATOM   936  C  CB  . PRO C 2 1  ? 9.811   1.278   14.241  1.00 34.78 ? 902  PRO C CB  1 
ATOM   937  C  CG  . PRO C 2 1  ? 10.739  2.418   14.672  1.00 35.23 ? 902  PRO C CG  1 
ATOM   938  C  CD  . PRO C 2 1  ? 11.991  2.248   13.788  1.00 36.69 ? 902  PRO C CD  1 
ATOM   939  N  N   . ALA C 2 2  ? 8.639   1.840   10.841  1.00 30.27 ? 903  ALA C N   1 
ATOM   940  C  CA  . ALA C 2 2  ? 7.690   2.651   10.091  1.00 26.97 ? 903  ALA C CA  1 
ATOM   941  C  C   . ALA C 2 2  ? 6.301   2.304   10.602  1.00 24.80 ? 903  ALA C C   1 
ATOM   942  O  O   . ALA C 2 2  ? 6.108   1.222   11.149  1.00 24.79 ? 903  ALA C O   1 
ATOM   943  C  CB  . ALA C 2 2  ? 7.803   2.338   8.609   1.00 27.28 ? 903  ALA C CB  1 
ATOM   944  N  N   . ARG C 2 3  ? 5.339   3.208   10.449  1.00 23.22 ? 904  ARG C N   1 
ATOM   945  C  CA  . ARG C 2 3  ? 3.990   2.907   10.912  1.00 22.74 ? 904  ARG C CA  1 
ATOM   946  C  C   . ARG C 2 3  ? 3.369   1.870   9.981   1.00 22.39 ? 904  ARG C C   1 
ATOM   947  O  O   . ARG C 2 3  ? 3.890   1.610   8.898   1.00 24.30 ? 904  ARG C O   1 
ATOM   948  C  CB  . ARG C 2 3  ? 3.138   4.174   10.954  1.00 20.47 ? 904  ARG C CB  1 
ATOM   949  C  CG  . ARG C 2 3  ? 2.681   4.714   9.624   1.00 19.88 ? 904  ARG C CG  1 
ATOM   950  C  CD  . ARG C 2 3  ? 2.372   6.203   9.771   1.00 20.65 ? 904  ARG C CD  1 
ATOM   951  N  NE  . ARG C 2 3  ? 3.592   6.934   10.102  1.00 21.92 ? 904  ARG C NE  1 
ATOM   952  C  CZ  . ARG C 2 3  ? 3.650   8.224   10.414  1.00 21.73 ? 904  ARG C CZ  1 
ATOM   953  N  NH1 . ARG C 2 3  ? 2.548   8.954   10.447  1.00 25.92 ? 904  ARG C NH1 1 
ATOM   954  N  NH2 . ARG C 2 3  ? 4.818   8.785   10.685  1.00 21.39 ? 904  ARG C NH2 1 
ATOM   955  N  N   . PRO C 2 4  ? 2.256   1.250   10.392  1.00 22.17 ? 905  PRO C N   1 
ATOM   956  C  CA  . PRO C 2 4  ? 1.639   0.248   9.521   1.00 21.30 ? 905  PRO C CA  1 
ATOM   957  C  C   . PRO C 2 4  ? 1.258   0.841   8.169   1.00 22.47 ? 905  PRO C C   1 
ATOM   958  O  O   . PRO C 2 4  ? 0.760   1.968   8.096   1.00 21.49 ? 905  PRO C O   1 
ATOM   959  C  CB  . PRO C 2 4  ? 0.408   -0.196  10.314  1.00 22.56 ? 905  PRO C CB  1 
ATOM   960  C  CG  . PRO C 2 4  ? 0.804   0.040   11.734  1.00 22.18 ? 905  PRO C CG  1 
ATOM   961  C  CD  . PRO C 2 4  ? 1.522   1.369   11.663  1.00 21.63 ? 905  PRO C CD  1 
ATOM   962  N  N   . PRO C 2 5  ? 1.500   0.093   7.078   1.00 22.84 ? 906  PRO C N   1 
ATOM   963  C  CA  . PRO C 2 5  ? 1.158   0.582   5.741   1.00 21.89 ? 906  PRO C CA  1 
ATOM   964  C  C   . PRO C 2 5  ? -0.358  0.608   5.571   1.00 21.21 ? 906  PRO C C   1 
ATOM   965  O  O   . PRO C 2 5  ? -1.088  -0.018  6.331   1.00 20.27 ? 906  PRO C O   1 
ATOM   966  C  CB  . PRO C 2 5  ? 1.844   -0.423  4.820   1.00 21.74 ? 906  PRO C CB  1 
ATOM   967  C  CG  . PRO C 2 5  ? 1.811   -1.683  5.617   1.00 21.48 ? 906  PRO C CG  1 
ATOM   968  C  CD  . PRO C 2 5  ? 2.186   -1.208  6.997   1.00 22.29 ? 906  PRO C CD  1 
ATOM   969  N  N   . LYS C 2 6  ? -0.831  1.352   4.584   1.00 20.78 ? 907  LYS C N   1 
ATOM   970  C  CA  . LYS C 2 6  ? -2.253  1.446   4.346   1.00 19.79 ? 907  LYS C CA  1 
ATOM   971  C  C   . LYS C 2 6  ? -2.618  0.741   3.061   1.00 19.45 ? 907  LYS C C   1 
ATOM   972  O  O   . LYS C 2 6  ? -1.897  0.804   2.074   1.00 18.80 ? 907  LYS C O   1 
ATOM   973  C  CB  . LYS C 2 6  ? -2.667  2.913   4.288   1.00 21.73 ? 907  LYS C CB  1 
ATOM   974  C  CG  . LYS C 2 6  ? -2.794  3.539   5.655   1.00 26.38 ? 907  LYS C CG  1 
ATOM   975  C  CD  . LYS C 2 6  ? -4.267  3.686   6.048   1.00 31.68 ? 907  LYS C CD  1 
ATOM   976  C  CE  . LYS C 2 6  ? -4.437  3.824   7.560   1.00 34.10 ? 907  LYS C CE  1 
ATOM   977  N  NZ  . LYS C 2 6  ? -3.325  4.609   8.184   1.00 35.49 ? 907  LYS C NZ  1 
ATOM   978  N  N   . PRO C 2 7  ? -3.735  0.021   3.065   1.00 18.74 ? 908  PRO C N   1 
ATOM   979  C  CA  . PRO C 2 7  ? -4.091  -0.653  1.822   1.00 20.40 ? 908  PRO C CA  1 
ATOM   980  C  C   . PRO C 2 7  ? -4.675  0.399   0.879   1.00 21.46 ? 908  PRO C C   1 
ATOM   981  O  O   . PRO C 2 7  ? -5.197  1.425   1.320   1.00 21.27 ? 908  PRO C O   1 
ATOM   982  C  CB  . PRO C 2 7  ? -5.148  -1.665  2.267   1.00 20.48 ? 908  PRO C CB  1 
ATOM   983  C  CG  . PRO C 2 7  ? -4.961  -1.775  3.763   1.00 19.73 ? 908  PRO C CG  1 
ATOM   984  C  CD  . PRO C 2 7  ? -4.634  -0.378  4.156   1.00 19.19 ? 908  PRO C CD  1 
ATOM   985  N  N   . ARG C 2 8  ? -4.576  0.163   -0.417  1.00 23.96 ? 909  ARG C N   1 
ATOM   986  C  CA  . ARG C 2 8  ? -5.135  1.106   -1.370  1.00 25.33 ? 909  ARG C CA  1 
ATOM   987  C  C   . ARG C 2 8  ? -6.650  0.888   -1.293  1.00 27.15 ? 909  ARG C C   1 
ATOM   988  O  O   . ARG C 2 8  ? -7.118  -0.249  -1.129  1.00 27.82 ? 909  ARG C O   1 
ATOM   989  C  CB  . ARG C 2 8  ? -4.619  0.799   -2.777  1.00 26.56 ? 909  ARG C CB  1 
ATOM   990  C  CG  . ARG C 2 8  ? -4.685  1.965   -3.752  1.00 27.34 ? 909  ARG C CG  1 
ATOM   991  C  CD  . ARG C 2 8  ? -4.213  1.551   -5.151  1.00 25.88 ? 909  ARG C CD  1 
ATOM   992  N  NE  . ARG C 2 8  ? -2.966  0.784   -5.116  1.00 25.86 ? 909  ARG C NE  1 
ATOM   993  C  CZ  . ARG C 2 8  ? -2.268  0.434   -6.194  1.00 25.20 ? 909  ARG C CZ  1 
ATOM   994  N  NH1 . ARG C 2 8  ? -1.145  -0.269  -6.067  1.00 23.70 ? 909  ARG C NH1 1 
ATOM   995  N  NH2 . ARG C 2 8  ? -2.686  0.801   -7.400  1.00 23.46 ? 909  ARG C NH2 1 
ATOM   996  N  N   . PRO C 2 9  ? -7.438  1.969   -1.393  1.00 27.25 ? 910  PRO C N   1 
ATOM   997  C  CA  . PRO C 2 9  ? -8.896  1.856   -1.328  1.00 27.22 ? 910  PRO C CA  1 
ATOM   998  C  C   . PRO C 2 9  ? -9.485  0.828   -2.298  1.00 27.89 ? 910  PRO C C   1 
ATOM   999  O  O   . PRO C 2 9  ? -8.933  0.593   -3.374  1.00 27.65 ? 910  PRO C O   1 
ATOM   1000 C  CB  . PRO C 2 9  ? -9.361  3.274   -1.658  1.00 27.37 ? 910  PRO C CB  1 
ATOM   1001 C  CG  . PRO C 2 9  ? -8.268  4.118   -1.090  1.00 27.59 ? 910  PRO C CG  1 
ATOM   1002 C  CD  . PRO C 2 9  ? -7.030  3.376   -1.543  1.00 27.01 ? 910  PRO C CD  1 
ATOM   1003 N  N   . ARG C 2 10 ? -10.605 0.220   -1.902  1.00 28.55 ? 911  ARG C N   1 
ATOM   1004 C  CA  . ARG C 2 10 ? -11.316 -0.749  -2.740  1.00 28.27 ? 911  ARG C CA  1 
ATOM   1005 C  C   . ARG C 2 10 ? -12.179 0.074   -3.714  1.00 29.52 ? 911  ARG C C   1 
ATOM   1006 O  O   . ARG C 2 10 ? -13.229 0.601   -3.333  1.00 29.00 ? 911  ARG C O   1 
ATOM   1007 C  CB  . ARG C 2 10 ? -12.219 -1.638  -1.877  1.00 25.45 ? 911  ARG C CB  1 
ATOM   1008 C  CG  . ARG C 2 10 ? -11.496 -2.589  -0.917  1.00 24.57 ? 911  ARG C CG  1 
ATOM   1009 C  CD  . ARG C 2 10 ? -10.866 -3.781  -1.637  1.00 23.54 ? 911  ARG C CD  1 
ATOM   1010 N  NE  . ARG C 2 10 ? -11.783 -4.437  -2.578  1.00 23.34 ? 911  ARG C NE  1 
ATOM   1011 C  CZ  . ARG C 2 10 ? -12.635 -5.423  -2.285  1.00 24.36 ? 911  ARG C CZ  1 
ATOM   1012 N  NH1 . ARG C 2 10 ? -13.415 -5.923  -3.235  1.00 21.65 ? 911  ARG C NH1 1 
ATOM   1013 N  NH2 . ARG C 2 10 ? -12.701 -5.932  -1.062  1.00 25.51 ? 911  ARG C NH2 1 
ATOM   1014 N  N   . ARG C 2 11 ? -11.732 0.192   -4.962  1.00 30.38 ? 912  ARG C N   1 
ATOM   1015 C  CA  . ARG C 2 11 ? -12.459 0.975   -5.967  1.00 32.78 ? 912  ARG C CA  1 
ATOM   1016 C  C   . ARG C 2 11 ? -12.757 0.155   -7.214  1.00 32.21 ? 912  ARG C C   1 
ATOM   1017 O  O   . ARG C 2 11 ? -13.877 0.262   -7.755  1.00 31.86 ? 912  ARG C O   1 
ATOM   1018 C  CB  . ARG C 2 11 ? -11.643 2.216   -6.367  1.00 34.14 ? 912  ARG C CB  1 
ATOM   1019 C  CG  . ARG C 2 11 ? -11.419 3.239   -5.249  1.00 36.51 ? 912  ARG C CG  1 
ATOM   1020 C  CD  . ARG C 2 11 ? -12.646 4.110   -5.011  1.00 36.68 ? 912  ARG C CD  1 
ATOM   1021 N  NE  . ARG C 2 11 ? -12.418 5.136   -3.991  1.00 39.95 ? 912  ARG C NE  1 
ATOM   1022 C  CZ  . ARG C 2 11 ? -12.445 4.925   -2.673  1.00 40.02 ? 912  ARG C CZ  1 
ATOM   1023 N  NH1 . ARG C 2 11 ? -12.223 5.929   -1.833  1.00 40.68 ? 912  ARG C NH1 1 
ATOM   1024 N  NH2 . ARG C 2 11 ? -12.702 3.720   -2.189  1.00 40.76 ? 912  ARG C NH2 1 
ATOM   1025 O  OXT . ARG C 2 11 ? -11.844 -0.573  -7.647  1.00 34.53 ? 912  ARG C OXT 1 
HETATM 1026 NA NA  . NA  D 3 .  ? 3.398   4.525   -5.686  1.00 33.80 ? 1058 NA  A NA  1 
HETATM 1027 NA NA  . NA  E 3 .  ? 4.289   -5.953  -2.762  1.00 46.77 ? 1059 NA  B NA  1 
HETATM 1028 O  O   . HOH F 4 .  ? 11.180  17.112  -7.015  1.00 32.21 ? 2001 HOH A O   1 
HETATM 1029 O  O   . HOH F 4 .  ? 10.793  11.677  -9.860  1.00 58.18 ? 2002 HOH A O   1 
HETATM 1030 O  O   . HOH F 4 .  ? -10.064 3.507   -8.832  1.00 39.34 ? 2003 HOH A O   1 
HETATM 1031 O  O   . HOH F 4 .  ? 1.471   2.520   -6.599  1.00 24.81 ? 2004 HOH A O   1 
HETATM 1032 O  O   . HOH F 4 .  ? -9.795  7.834   -6.290  1.00 38.05 ? 2005 HOH A O   1 
HETATM 1033 O  O   . HOH F 4 .  ? -7.716  5.693   -8.926  1.00 32.92 ? 2006 HOH A O   1 
HETATM 1034 O  O   . HOH F 4 .  ? -1.158  4.323   -6.467  1.00 24.00 ? 2007 HOH A O   1 
HETATM 1035 O  O   . HOH F 4 .  ? -9.226  7.130   -0.931  1.00 33.90 ? 2008 HOH A O   1 
HETATM 1036 O  O   . HOH F 4 .  ? -9.875  8.735   -3.400  1.00 26.67 ? 2009 HOH A O   1 
HETATM 1037 O  O   . HOH F 4 .  ? -8.040  9.203   4.003   1.00 29.00 ? 2010 HOH A O   1 
HETATM 1038 O  O   . HOH F 4 .  ? -9.768  15.753  11.298  1.00 29.75 ? 2011 HOH A O   1 
HETATM 1039 O  O   . HOH F 4 .  ? -7.428  11.874  11.879  1.00 44.30 ? 2012 HOH A O   1 
HETATM 1040 O  O   . HOH F 4 .  ? -7.608  9.264   7.209   1.00 41.84 ? 2013 HOH A O   1 
HETATM 1041 O  O   . HOH F 4 .  ? 13.933  14.395  7.395   1.00 34.54 ? 2014 HOH A O   1 
HETATM 1042 O  O   . HOH F 4 .  ? 4.345   17.958  10.591  1.00 29.13 ? 2015 HOH A O   1 
HETATM 1043 O  O   . HOH F 4 .  ? -0.671  17.294  8.861   1.00 38.91 ? 2016 HOH A O   1 
HETATM 1044 O  O   . HOH F 4 .  ? -0.736  19.693  2.050   1.00 32.78 ? 2017 HOH A O   1 
HETATM 1045 O  O   . HOH F 4 .  ? -7.806  14.560  1.213   1.00 43.05 ? 2018 HOH A O   1 
HETATM 1046 O  O   . HOH F 4 .  ? -4.092  18.442  -10.725 1.00 32.88 ? 2019 HOH A O   1 
HETATM 1047 O  O   . HOH F 4 .  ? -2.949  21.481  -4.343  1.00 35.77 ? 2020 HOH A O   1 
HETATM 1048 O  O   . HOH F 4 .  ? 15.066  16.376  -3.146  1.00 40.85 ? 2021 HOH A O   1 
HETATM 1049 O  O   . HOH F 4 .  ? 15.337  16.035  0.846   1.00 34.60 ? 2022 HOH A O   1 
HETATM 1050 O  O   . HOH F 4 .  ? 13.069  -3.412  -0.304  1.00 42.77 ? 2023 HOH A O   1 
HETATM 1051 O  O   . HOH F 4 .  ? 11.580  1.721   6.945   1.00 37.15 ? 2024 HOH A O   1 
HETATM 1052 O  O   . HOH F 4 .  ? 7.999   4.111   5.252   1.00 18.77 ? 2025 HOH A O   1 
HETATM 1053 O  O   . HOH F 4 .  ? 7.109   -2.027  2.678   1.00 21.59 ? 2026 HOH A O   1 
HETATM 1054 O  O   . HOH F 4 .  ? 5.702   -0.243  7.493   1.00 19.47 ? 2027 HOH A O   1 
HETATM 1055 O  O   . HOH F 4 .  ? 14.649  16.102  4.703   1.00 34.68 ? 2028 HOH A O   1 
HETATM 1056 O  O   . HOH F 4 .  ? 0.483   26.113  2.412   1.00 43.98 ? 2029 HOH A O   1 
HETATM 1057 O  O   . HOH F 4 .  ? -0.673  18.251  5.593   1.00 17.70 ? 2030 HOH A O   1 
HETATM 1058 O  O   . HOH F 4 .  ? 3.711   20.773  6.942   1.00 41.80 ? 2031 HOH A O   1 
HETATM 1059 O  O   . HOH F 4 .  ? 5.087   0.161   -0.824  1.00 46.52 ? 2032 HOH A O   1 
HETATM 1060 O  O   . HOH F 4 .  ? 5.394   2.477   -4.762  1.00 31.71 ? 2033 HOH A O   1 
HETATM 1061 O  O   . HOH F 4 .  ? 7.725   2.432   0.836   1.00 22.93 ? 2034 HOH A O   1 
HETATM 1062 O  O   . HOH F 4 .  ? -1.605  -0.511  -2.866  1.00 11.56 ? 2035 HOH A O   1 
HETATM 1063 O  O   . HOH F 4 .  ? 2.616   1.302   0.494   1.00 23.74 ? 2036 HOH A O   1 
HETATM 1064 O  O   . HOH F 4 .  ? 8.115   3.971   -8.485  1.00 26.09 ? 2037 HOH A O   1 
HETATM 1065 O  O   . HOH F 4 .  ? 5.138   4.986   -8.057  1.00 38.63 ? 2038 HOH A O   1 
HETATM 1066 O  O   . HOH F 4 .  ? 8.601   11.591  -19.325 1.00 20.28 ? 2039 HOH A O   1 
HETATM 1067 O  O   . HOH G 4 .  ? -0.820  -18.595 -10.075 1.00 43.44 ? 2001 HOH B O   1 
HETATM 1068 O  O   . HOH G 4 .  ? 2.057   -20.954 -10.401 1.00 38.69 ? 2002 HOH B O   1 
HETATM 1069 O  O   . HOH G 4 .  ? 5.839   -16.121 -7.500  1.00 30.57 ? 2003 HOH B O   1 
HETATM 1070 O  O   . HOH G 4 .  ? 1.978   -3.586  11.153  1.00 40.91 ? 2004 HOH B O   1 
HETATM 1071 O  O   . HOH G 4 .  ? 5.187   -6.341  9.761   1.00 33.64 ? 2005 HOH B O   1 
HETATM 1072 O  O   . HOH G 4 .  ? 9.768   -2.963  4.162   1.00 35.53 ? 2006 HOH B O   1 
HETATM 1073 O  O   . HOH G 4 .  ? 2.220   -6.798  10.966  1.00 19.89 ? 2007 HOH B O   1 
HETATM 1074 O  O   . HOH G 4 .  ? 0.138   -3.742  8.321   1.00 30.64 ? 2008 HOH B O   1 
HETATM 1075 O  O   . HOH G 4 .  ? 1.363   -11.961 13.237  1.00 23.84 ? 2009 HOH B O   1 
HETATM 1076 O  O   . HOH G 4 .  ? -7.698  -4.111  7.868   1.00 30.89 ? 2010 HOH B O   1 
HETATM 1077 O  O   . HOH G 4 .  ? -18.564 -6.435  2.673   1.00 39.60 ? 2011 HOH B O   1 
HETATM 1078 O  O   . HOH G 4 .  ? -19.173 -10.203 0.149   1.00 34.74 ? 2012 HOH B O   1 
HETATM 1079 O  O   . HOH G 4 .  ? -10.726 -2.959  2.146   1.00 24.43 ? 2013 HOH B O   1 
HETATM 1080 O  O   . HOH G 4 .  ? 2.921   -0.746  -3.447  1.00 30.11 ? 2014 HOH B O   1 
HETATM 1081 O  O   . HOH G 4 .  ? 6.153   -3.854  -1.830  1.00 38.03 ? 2015 HOH B O   1 
HETATM 1082 O  O   . HOH G 4 .  ? -4.039  -16.255 7.582   1.00 33.62 ? 2016 HOH B O   1 
HETATM 1083 O  O   . HOH G 4 .  ? 4.152   -17.758 10.266  1.00 29.84 ? 2017 HOH B O   1 
HETATM 1084 O  O   . HOH G 4 .  ? 0.184   -21.345 1.764   1.00 37.61 ? 2018 HOH B O   1 
HETATM 1085 O  O   . HOH G 4 .  ? 0.261   -20.841 -7.573  1.00 46.59 ? 2019 HOH B O   1 
HETATM 1086 O  O   . HOH G 4 .  ? -6.124  -18.054 -11.340 1.00 38.35 ? 2020 HOH B O   1 
HETATM 1087 O  O   . HOH G 4 .  ? -2.253  -12.667 -12.832 1.00 33.61 ? 2021 HOH B O   1 
HETATM 1088 O  O   . HOH G 4 .  ? -0.424  0.249   -13.807 1.00 30.62 ? 2022 HOH B O   1 
HETATM 1089 O  O   . HOH G 4 .  ? -1.968  -3.813  -7.581  1.00 32.08 ? 2023 HOH B O   1 
HETATM 1090 O  O   . HOH G 4 .  ? -10.671 -21.119 -2.169  1.00 46.17 ? 2024 HOH B O   1 
HETATM 1091 O  O   . HOH G 4 .  ? -7.672  -19.515 -8.612  1.00 47.29 ? 2025 HOH B O   1 
HETATM 1092 O  O   . HOH G 4 .  ? 1.121   -3.530  -8.216  1.00 30.81 ? 2026 HOH B O   1 
HETATM 1093 O  O   . HOH G 4 .  ? 4.113   -3.555  -4.939  1.00 47.58 ? 2027 HOH B O   1 
HETATM 1094 O  O   . HOH G 4 .  ? 4.309   -1.614  1.550   1.00 34.91 ? 2028 HOH B O   1 
HETATM 1095 O  O   . HOH G 4 .  ? 5.685   -5.071  1.064   1.00 29.70 ? 2029 HOH B O   1 
HETATM 1096 O  O   . HOH G 4 .  ? 5.714   -8.094  -4.387  1.00 21.31 ? 2030 HOH B O   1 
HETATM 1097 O  O   . HOH H 4 .  ? -4.599  -3.437  8.809   1.00 37.83 ? 2001 HOH C O   1 
HETATM 1098 O  O   . HOH H 4 .  ? -8.011  1.276   -8.262  1.00 31.84 ? 2002 HOH C O   1 
HETATM 1099 O  O   . HOH H 4 .  ? 6.071   5.650   9.390   1.00 31.12 ? 2003 HOH C O   1 
HETATM 1100 O  O   . HOH H 4 .  ? -0.869  3.469   9.384   1.00 23.70 ? 2004 HOH C O   1 
HETATM 1101 O  O   . HOH H 4 .  ? -2.049  -1.588  8.051   1.00 30.07 ? 2005 HOH C O   1 
HETATM 1102 O  O   . HOH H 4 .  ? -3.267  1.534   9.118   1.00 35.03 ? 2006 HOH C O   1 
HETATM 1103 O  O   . HOH H 4 .  ? 1.062   2.070   2.865   1.00 21.89 ? 2007 HOH C O   1 
HETATM 1104 O  O   . HOH H 4 .  ? -6.604  2.118   3.203   1.00 17.24 ? 2008 HOH C O   1 
HETATM 1105 O  O   . HOH H 4 .  ? -5.073  1.959   -8.356  1.00 24.65 ? 2009 HOH C O   1 
HETATM 1106 O  O   . HOH H 4 .  ? -3.261  -2.177  -1.014  1.00 23.29 ? 2010 HOH C O   1 
HETATM 1107 O  O   . HOH H 4 .  ? -8.275  0.069   -5.642  1.00 23.18 ? 2011 HOH C O   1 
HETATM 1108 O  O   . HOH H 4 .  ? -11.351 0.967   0.591   1.00 19.58 ? 2012 HOH C O   1 
HETATM 1109 O  O   . HOH H 4 .  ? -15.828 1.519   -6.360  1.00 33.18 ? 2013 HOH C O   1 
# 
